data_2ZL3
#
_entry.id   2ZL3
#
_cell.length_a   91.739
_cell.length_b   166.411
_cell.length_c   186.780
_cell.angle_alpha   90.00
_cell.angle_beta   90.00
_cell.angle_gamma   90.00
#
_symmetry.space_group_name_H-M   'P 21 21 21'
#
_entity_poly.entity_id   1
_entity_poly.type   'polypeptide(L)'
_entity_poly.pdbx_seq_one_letter_code
;MMGYIPYVIENTDRGERSYDIYSRLLKDRIVLLSGEINDSVASSIVAQLLFLEAEDPEKDIGLYINSPGGVITSGLSIYD
TMNFIRPDVSTICIGQAAAMGAFLLSCGAKGKRFSLPHSRIMIHQPLGGAQGQASDIEIISNEILRLKGLMNSILAQNSG
QSLEQIAKDTDRDFYMSAKEAKEYGLIDKVLQKNVK
;
_entity_poly.pdbx_strand_id   A,B,C,D,E,F,G,H,I,J,K,L,M,N
#
# COMPACT_ATOMS: atom_id res chain seq x y z
N ASP A 20 -24.40 14.94 -29.13
CA ASP A 20 -23.26 15.25 -28.20
C ASP A 20 -23.27 16.74 -27.87
N ILE A 21 -23.57 17.05 -26.62
CA ILE A 21 -23.66 18.44 -26.16
C ILE A 21 -22.42 19.29 -26.48
N TYR A 22 -21.24 18.70 -26.44
CA TYR A 22 -20.02 19.46 -26.73
C TYR A 22 -19.82 19.65 -28.23
N SER A 23 -20.24 18.65 -29.02
CA SER A 23 -20.11 18.73 -30.47
C SER A 23 -21.15 19.68 -31.02
N ARG A 24 -22.23 19.89 -30.27
CA ARG A 24 -23.29 20.78 -30.71
C ARG A 24 -22.93 22.24 -30.43
N LEU A 25 -22.17 22.46 -29.37
CA LEU A 25 -21.76 23.82 -29.04
C LEU A 25 -20.64 24.24 -29.98
N LEU A 26 -19.81 23.27 -30.37
CA LEU A 26 -18.71 23.51 -31.29
C LEU A 26 -19.30 23.87 -32.64
N LYS A 27 -20.55 23.47 -32.86
CA LYS A 27 -21.22 23.77 -34.11
C LYS A 27 -21.43 25.29 -34.16
N ASP A 28 -21.80 25.88 -33.02
CA ASP A 28 -22.02 27.31 -32.94
C ASP A 28 -20.69 28.00 -32.63
N ARG A 29 -19.60 27.30 -32.93
CA ARG A 29 -18.24 27.80 -32.72
C ARG A 29 -17.88 28.13 -31.27
N ILE A 30 -18.39 27.34 -30.32
CA ILE A 30 -18.08 27.54 -28.92
C ILE A 30 -17.15 26.42 -28.47
N VAL A 31 -16.04 26.79 -27.82
CA VAL A 31 -15.08 25.80 -27.35
C VAL A 31 -14.91 25.95 -25.84
N LEU A 32 -15.06 24.83 -25.12
CA LEU A 32 -14.93 24.80 -23.66
C LEU A 32 -13.58 24.29 -23.14
N LEU A 33 -12.85 25.15 -22.42
CA LEU A 33 -11.57 24.77 -21.82
C LEU A 33 -11.84 24.67 -20.34
N SER A 34 -12.16 23.47 -19.90
CA SER A 34 -12.46 23.25 -18.49
C SER A 34 -11.44 22.42 -17.73
N GLY A 35 -11.15 22.85 -16.51
CA GLY A 35 -10.21 22.12 -15.68
C GLY A 35 -8.73 22.36 -15.89
N GLU A 36 -7.94 21.41 -15.41
CA GLU A 36 -6.49 21.44 -15.47
C GLU A 36 -5.98 21.31 -16.91
N ILE A 37 -4.92 22.03 -17.24
CA ILE A 37 -4.38 22.00 -18.59
C ILE A 37 -3.17 21.09 -18.74
N ASN A 38 -3.22 20.22 -19.75
CA ASN A 38 -2.10 19.32 -20.05
C ASN A 38 -2.08 19.04 -21.55
N ASP A 39 -1.06 18.33 -22.02
CA ASP A 39 -0.95 18.03 -23.44
C ASP A 39 -2.22 17.41 -24.01
N SER A 40 -2.81 16.47 -23.27
CA SER A 40 -4.03 15.84 -23.73
C SER A 40 -5.14 16.88 -23.89
N VAL A 41 -5.37 17.67 -22.85
CA VAL A 41 -6.38 18.72 -22.89
C VAL A 41 -6.03 19.80 -23.93
N ALA A 42 -4.77 20.22 -23.95
CA ALA A 42 -4.36 21.24 -24.91
C ALA A 42 -4.52 20.69 -26.32
N SER A 43 -4.13 19.44 -26.53
CA SER A 43 -4.25 18.84 -27.86
C SER A 43 -5.68 18.97 -28.39
N SER A 44 -6.66 18.73 -27.52
CA SER A 44 -8.06 18.82 -27.90
C SER A 44 -8.45 20.24 -28.30
N ILE A 45 -8.07 21.22 -27.48
CA ILE A 45 -8.39 22.61 -27.76
C ILE A 45 -7.76 23.03 -29.10
N VAL A 46 -6.52 22.59 -29.32
CA VAL A 46 -5.81 22.90 -30.56
C VAL A 46 -6.60 22.28 -31.71
N ALA A 47 -6.86 20.97 -31.61
CA ALA A 47 -7.60 20.26 -32.65
C ALA A 47 -8.93 20.96 -32.90
N GLN A 48 -9.53 21.49 -31.85
CA GLN A 48 -10.80 22.17 -31.99
C GLN A 48 -10.68 23.51 -32.71
N LEU A 49 -9.70 24.33 -32.36
CA LEU A 49 -9.54 25.62 -33.03
C LEU A 49 -9.31 25.38 -34.52
N LEU A 50 -8.39 24.46 -34.83
CA LEU A 50 -8.08 24.11 -36.22
C LEU A 50 -9.33 23.72 -37.00
N PHE A 51 -10.21 22.99 -36.34
CA PHE A 51 -11.44 22.57 -36.98
C PHE A 51 -12.28 23.79 -37.36
N LEU A 52 -12.45 24.69 -36.40
CA LEU A 52 -13.25 25.88 -36.63
C LEU A 52 -12.61 26.80 -37.66
N GLU A 53 -11.30 26.98 -37.59
CA GLU A 53 -10.59 27.83 -38.54
C GLU A 53 -10.85 27.30 -39.97
N ALA A 54 -10.96 25.98 -40.09
CA ALA A 54 -11.23 25.32 -41.38
C ALA A 54 -12.67 25.54 -41.82
N GLU A 55 -13.61 25.28 -40.91
CA GLU A 55 -15.02 25.44 -41.18
C GLU A 55 -15.41 26.86 -41.61
N ASP A 56 -14.68 27.85 -41.10
CA ASP A 56 -14.96 29.24 -41.43
C ASP A 56 -13.84 30.11 -40.87
N PRO A 57 -12.83 30.41 -41.70
CA PRO A 57 -11.69 31.24 -41.27
C PRO A 57 -12.09 32.65 -40.90
N GLU A 58 -13.29 33.05 -41.30
CA GLU A 58 -13.78 34.39 -41.06
C GLU A 58 -14.47 34.63 -39.72
N LYS A 59 -15.38 33.74 -39.34
CA LYS A 59 -16.15 33.85 -38.09
C LYS A 59 -15.33 33.84 -36.81
N ASP A 60 -15.86 34.44 -35.75
CA ASP A 60 -15.16 34.45 -34.48
C ASP A 60 -15.39 33.15 -33.72
N ILE A 61 -14.41 32.79 -32.90
CA ILE A 61 -14.51 31.59 -32.09
C ILE A 61 -14.56 32.04 -30.62
N GLY A 62 -15.43 31.43 -29.84
CA GLY A 62 -15.54 31.78 -28.44
C GLY A 62 -14.95 30.69 -27.57
N LEU A 63 -13.95 31.04 -26.78
CA LEU A 63 -13.29 30.10 -25.90
C LEU A 63 -13.61 30.37 -24.44
N TYR A 64 -14.52 29.57 -23.88
CA TYR A 64 -14.90 29.73 -22.47
C TYR A 64 -13.90 29.00 -21.57
N ILE A 65 -13.28 29.74 -20.67
CA ILE A 65 -12.28 29.20 -19.76
C ILE A 65 -12.73 29.15 -18.29
N ASN A 66 -12.50 27.99 -17.67
CA ASN A 66 -12.78 27.76 -16.26
C ASN A 66 -11.66 26.78 -15.87
N SER A 67 -10.44 27.30 -15.76
CA SER A 67 -9.29 26.46 -15.47
C SER A 67 -8.43 26.98 -14.33
N PRO A 68 -7.73 26.07 -13.65
CA PRO A 68 -6.86 26.46 -12.54
C PRO A 68 -5.43 26.70 -13.05
N GLY A 69 -5.18 26.35 -14.31
CA GLY A 69 -3.86 26.51 -14.91
C GLY A 69 -3.33 25.15 -15.29
N GLY A 70 -2.02 25.01 -15.47
CA GLY A 70 -1.49 23.72 -15.83
C GLY A 70 -0.11 23.71 -16.43
N VAL A 71 0.16 22.72 -17.28
CA VAL A 71 1.46 22.56 -17.94
C VAL A 71 1.79 23.74 -18.85
N ILE A 72 2.85 24.47 -18.53
CA ILE A 72 3.22 25.65 -19.31
C ILE A 72 3.28 25.49 -20.82
N THR A 73 4.14 24.64 -21.36
CA THR A 73 4.19 24.51 -22.81
C THR A 73 2.82 24.11 -23.34
N SER A 74 2.08 23.35 -22.53
CA SER A 74 0.73 22.91 -22.89
C SER A 74 -0.17 24.12 -23.10
N GLY A 75 -0.05 25.12 -22.22
CA GLY A 75 -0.85 26.31 -22.40
C GLY A 75 -0.32 27.08 -23.61
N LEU A 76 1.00 27.12 -23.76
CA LEU A 76 1.61 27.82 -24.88
C LEU A 76 1.18 27.26 -26.23
N SER A 77 1.02 25.94 -26.32
CA SER A 77 0.58 25.35 -27.57
C SER A 77 -0.74 26.02 -27.94
N ILE A 78 -1.61 26.19 -26.95
CA ILE A 78 -2.90 26.82 -27.18
C ILE A 78 -2.76 28.30 -27.51
N TYR A 79 -1.97 29.01 -26.74
CA TYR A 79 -1.77 30.44 -27.00
C TYR A 79 -1.31 30.68 -28.44
N ASP A 80 -0.36 29.88 -28.91
CA ASP A 80 0.18 30.03 -30.25
C ASP A 80 -0.79 29.68 -31.36
N THR A 81 -1.68 28.72 -31.11
CA THR A 81 -2.65 28.33 -32.12
C THR A 81 -3.73 29.40 -32.35
N MET A 82 -4.15 30.06 -31.26
CA MET A 82 -5.16 31.12 -31.33
C MET A 82 -4.70 32.25 -32.26
N ASN A 83 -3.41 32.56 -32.21
CA ASN A 83 -2.85 33.63 -33.04
C ASN A 83 -2.47 33.07 -34.41
N PHE A 84 -2.38 31.75 -34.50
CA PHE A 84 -2.00 31.08 -35.74
C PHE A 84 -3.16 31.07 -36.72
N ILE A 85 -4.31 30.55 -36.28
CA ILE A 85 -5.49 30.49 -37.13
C ILE A 85 -5.95 31.89 -37.52
N ARG A 86 -6.73 31.96 -38.60
CA ARG A 86 -7.21 33.25 -39.09
C ARG A 86 -8.32 33.88 -38.25
N PRO A 87 -9.24 33.06 -37.71
CA PRO A 87 -10.32 33.64 -36.91
C PRO A 87 -9.87 34.39 -35.65
N ASP A 88 -10.71 35.32 -35.21
CA ASP A 88 -10.48 36.10 -33.99
C ASP A 88 -10.95 35.18 -32.86
N VAL A 89 -10.08 34.92 -31.89
CA VAL A 89 -10.48 34.06 -30.80
C VAL A 89 -10.83 34.85 -29.57
N SER A 90 -12.12 35.03 -29.36
CA SER A 90 -12.60 35.76 -28.20
C SER A 90 -12.44 34.80 -27.01
N THR A 91 -12.20 35.34 -25.82
CA THR A 91 -12.05 34.53 -24.62
C THR A 91 -13.04 34.97 -23.52
N ILE A 92 -13.76 34.03 -22.94
CA ILE A 92 -14.72 34.33 -21.88
C ILE A 92 -14.40 33.49 -20.66
N CYS A 93 -14.17 34.16 -19.53
CA CYS A 93 -13.83 33.48 -18.29
C CYS A 93 -15.05 33.21 -17.42
N ILE A 94 -15.35 31.94 -17.21
CA ILE A 94 -16.47 31.54 -16.34
C ILE A 94 -15.84 30.75 -15.22
N GLY A 95 -16.28 31.00 -14.00
CA GLY A 95 -15.71 30.29 -12.86
C GLY A 95 -14.36 30.90 -12.52
N GLN A 96 -13.31 30.49 -13.22
CA GLN A 96 -11.99 31.03 -12.95
C GLN A 96 -10.99 30.75 -14.08
N ALA A 97 -9.97 31.60 -14.12
CA ALA A 97 -8.89 31.51 -15.06
C ALA A 97 -7.68 31.85 -14.19
N ALA A 98 -7.06 30.82 -13.60
CA ALA A 98 -5.92 31.03 -12.74
C ALA A 98 -4.66 30.49 -13.39
N ALA A 99 -3.52 31.12 -13.09
CA ALA A 99 -2.24 30.70 -13.66
C ALA A 99 -2.32 30.71 -15.20
N MET A 100 -1.87 29.63 -15.82
CA MET A 100 -1.90 29.53 -17.28
C MET A 100 -3.30 29.87 -17.79
N GLY A 101 -4.30 29.65 -16.95
CA GLY A 101 -5.68 29.92 -17.33
C GLY A 101 -5.93 31.39 -17.55
N ALA A 102 -5.42 32.23 -16.63
CA ALA A 102 -5.59 33.68 -16.74
C ALA A 102 -4.73 34.17 -17.90
N PHE A 103 -3.61 33.50 -18.11
CA PHE A 103 -2.71 33.83 -19.19
C PHE A 103 -3.44 33.73 -20.53
N LEU A 104 -3.99 32.55 -20.80
CA LEU A 104 -4.71 32.35 -22.05
C LEU A 104 -5.84 33.35 -22.17
N LEU A 105 -6.53 33.61 -21.06
CA LEU A 105 -7.62 34.57 -21.07
C LEU A 105 -7.15 35.88 -21.68
N SER A 106 -6.12 36.47 -21.07
CA SER A 106 -5.55 37.73 -21.52
C SER A 106 -5.04 37.70 -22.96
N CYS A 107 -4.89 36.50 -23.53
CA CYS A 107 -4.39 36.36 -24.90
C CYS A 107 -5.50 36.37 -25.95
N GLY A 108 -6.75 36.53 -25.53
CA GLY A 108 -7.84 36.56 -26.48
C GLY A 108 -7.73 37.75 -27.41
N ALA A 109 -8.49 37.75 -28.49
CA ALA A 109 -8.47 38.86 -29.46
C ALA A 109 -8.73 40.16 -28.73
N LYS A 110 -7.84 41.13 -28.92
CA LYS A 110 -7.95 42.43 -28.27
C LYS A 110 -9.32 43.07 -28.48
N GLY A 111 -10.04 43.28 -27.38
CA GLY A 111 -11.37 43.85 -27.43
C GLY A 111 -12.42 42.78 -27.23
N LYS A 112 -12.00 41.52 -27.31
CA LYS A 112 -12.92 40.40 -27.14
C LYS A 112 -12.55 39.51 -25.96
N ARG A 113 -11.87 40.08 -24.98
CA ARG A 113 -11.49 39.33 -23.78
C ARG A 113 -12.53 39.64 -22.70
N PHE A 114 -13.41 38.67 -22.43
CA PHE A 114 -14.48 38.85 -21.45
C PHE A 114 -14.36 38.02 -20.17
N SER A 115 -15.36 38.20 -19.30
CA SER A 115 -15.46 37.48 -18.05
C SER A 115 -16.83 37.72 -17.43
N LEU A 116 -17.45 36.67 -16.92
CA LEU A 116 -18.74 36.84 -16.29
C LEU A 116 -18.48 37.56 -14.97
N PRO A 117 -19.49 38.26 -14.44
CA PRO A 117 -19.40 39.02 -13.19
C PRO A 117 -18.83 38.39 -11.94
N HIS A 118 -18.81 37.07 -11.84
CA HIS A 118 -18.30 36.46 -10.62
C HIS A 118 -17.06 35.58 -10.77
N SER A 119 -16.42 35.66 -11.93
CA SER A 119 -15.23 34.87 -12.20
C SER A 119 -14.07 35.38 -11.37
N ARG A 120 -13.13 34.48 -11.09
CA ARG A 120 -11.94 34.82 -10.32
C ARG A 120 -10.79 34.73 -11.29
N ILE A 121 -9.88 35.69 -11.25
CA ILE A 121 -8.71 35.65 -12.12
C ILE A 121 -7.46 35.74 -11.24
N MET A 122 -6.51 34.86 -11.51
CA MET A 122 -5.28 34.84 -10.73
C MET A 122 -4.08 34.61 -11.65
N ILE A 123 -3.09 35.49 -11.53
CA ILE A 123 -1.87 35.39 -12.31
C ILE A 123 -0.69 35.19 -11.35
N HIS A 124 0.24 34.31 -11.72
CA HIS A 124 1.39 34.02 -10.87
C HIS A 124 2.62 33.70 -11.70
N GLN A 125 3.64 33.16 -11.04
CA GLN A 125 4.85 32.78 -11.74
C GLN A 125 4.92 31.26 -11.81
N PRO A 126 5.59 30.74 -12.84
CA PRO A 126 5.72 29.29 -13.05
C PRO A 126 6.26 28.48 -11.87
N LEU A 127 5.81 27.23 -11.82
CA LEU A 127 6.16 26.27 -10.78
C LEU A 127 6.86 25.09 -11.47
N GLY A 128 7.93 24.59 -10.87
CA GLY A 128 8.63 23.48 -11.48
C GLY A 128 9.33 22.57 -10.51
N GLY A 129 10.20 21.73 -11.05
CA GLY A 129 10.93 20.82 -10.20
C GLY A 129 12.15 20.32 -10.93
N ALA A 130 13.14 19.87 -10.15
CA ALA A 130 14.37 19.36 -10.72
C ALA A 130 15.09 18.41 -9.77
N GLN A 131 15.68 17.36 -10.32
CA GLN A 131 16.44 16.39 -9.56
C GLN A 131 17.63 16.05 -10.42
N GLY A 132 18.76 15.78 -9.79
CA GLY A 132 19.93 15.43 -10.56
C GLY A 132 21.18 16.18 -10.16
N GLN A 133 22.12 16.27 -11.09
CA GLN A 133 23.38 16.97 -10.85
C GLN A 133 23.15 18.47 -10.87
N ALA A 134 24.06 19.22 -10.23
CA ALA A 134 23.95 20.68 -10.21
C ALA A 134 23.83 21.21 -11.64
N SER A 135 24.52 20.57 -12.57
CA SER A 135 24.50 20.96 -13.97
C SER A 135 23.11 20.86 -14.57
N ASP A 136 22.38 19.82 -14.19
CA ASP A 136 21.04 19.60 -14.72
C ASP A 136 20.02 20.54 -14.06
N ILE A 137 20.17 20.76 -12.75
CA ILE A 137 19.27 21.65 -12.03
C ILE A 137 19.43 23.06 -12.56
N GLU A 138 20.68 23.43 -12.82
CA GLU A 138 21.00 24.75 -13.33
C GLU A 138 20.35 24.93 -14.72
N ILE A 139 20.33 23.86 -15.49
CA ILE A 139 19.72 23.87 -16.81
C ILE A 139 18.20 24.02 -16.68
N ILE A 140 17.60 23.21 -15.81
CA ILE A 140 16.17 23.29 -15.59
C ILE A 140 15.87 24.68 -15.02
N SER A 141 16.69 25.12 -14.07
CA SER A 141 16.49 26.42 -13.46
C SER A 141 16.46 27.55 -14.47
N ASN A 142 17.47 27.60 -15.34
CA ASN A 142 17.53 28.64 -16.36
C ASN A 142 16.36 28.55 -17.33
N GLU A 143 15.92 27.34 -17.62
CA GLU A 143 14.81 27.14 -18.57
C GLU A 143 13.48 27.66 -18.03
N ILE A 144 13.27 27.49 -16.74
CA ILE A 144 12.03 27.92 -16.12
C ILE A 144 12.01 29.44 -16.01
N LEU A 145 13.19 30.03 -15.77
CA LEU A 145 13.31 31.47 -15.66
C LEU A 145 13.08 32.07 -17.05
N ARG A 146 13.57 31.36 -18.07
CA ARG A 146 13.39 31.81 -19.44
C ARG A 146 11.90 31.89 -19.70
N LEU A 147 11.17 30.83 -19.35
CA LEU A 147 9.72 30.79 -19.54
C LEU A 147 9.03 31.85 -18.68
N LYS A 148 9.55 32.06 -17.48
CA LYS A 148 9.00 33.05 -16.58
C LYS A 148 9.11 34.42 -17.23
N GLY A 149 10.27 34.69 -17.82
CA GLY A 149 10.48 35.97 -18.47
C GLY A 149 9.54 36.14 -19.64
N LEU A 150 9.30 35.06 -20.37
CA LEU A 150 8.42 35.09 -21.55
C LEU A 150 6.97 35.44 -21.20
N MET A 151 6.44 34.76 -20.20
CA MET A 151 5.05 35.00 -19.82
C MET A 151 4.80 36.30 -19.10
N ASN A 152 5.75 36.77 -18.30
CA ASN A 152 5.57 38.05 -17.62
C ASN A 152 5.58 39.16 -18.67
N SER A 153 6.34 38.95 -19.72
CA SER A 153 6.47 39.91 -20.81
C SER A 153 5.25 39.90 -21.75
N ILE A 154 4.70 38.73 -22.01
CA ILE A 154 3.50 38.64 -22.87
C ILE A 154 2.32 39.21 -22.09
N LEU A 155 2.33 38.97 -20.79
CA LEU A 155 1.29 39.44 -19.88
C LEU A 155 1.36 40.95 -19.77
N ALA A 156 2.57 41.49 -19.85
CA ALA A 156 2.77 42.94 -19.77
C ALA A 156 2.23 43.55 -21.06
N GLN A 157 2.50 42.87 -22.17
CA GLN A 157 2.02 43.36 -23.44
C GLN A 157 0.51 43.31 -23.44
N ASN A 158 -0.05 42.16 -23.08
CA ASN A 158 -1.51 42.01 -23.06
C ASN A 158 -2.24 42.93 -22.09
N SER A 159 -1.55 43.43 -21.07
CA SER A 159 -2.18 44.31 -20.09
C SER A 159 -1.86 45.80 -20.25
N GLY A 160 -0.82 46.11 -21.01
CA GLY A 160 -0.45 47.50 -21.19
C GLY A 160 0.34 48.06 -20.01
N GLN A 161 1.08 47.19 -19.33
CA GLN A 161 1.89 47.59 -18.18
C GLN A 161 3.38 47.33 -18.39
N SER A 162 4.18 47.88 -17.48
CA SER A 162 5.62 47.71 -17.55
C SER A 162 5.93 46.28 -17.12
N LEU A 163 6.91 45.64 -17.77
CA LEU A 163 7.30 44.27 -17.45
C LEU A 163 7.64 44.19 -15.96
N GLU A 164 8.28 45.25 -15.47
CA GLU A 164 8.69 45.34 -14.08
C GLU A 164 7.48 45.19 -13.18
N GLN A 165 6.43 45.97 -13.44
CA GLN A 165 5.24 45.88 -12.61
C GLN A 165 4.59 44.49 -12.59
N ILE A 166 4.47 43.87 -13.76
CA ILE A 166 3.90 42.54 -13.84
C ILE A 166 4.80 41.57 -13.04
N ALA A 167 6.10 41.70 -13.21
CA ALA A 167 7.05 40.85 -12.50
C ALA A 167 6.81 40.99 -11.01
N LYS A 168 6.73 42.22 -10.55
CA LYS A 168 6.52 42.52 -9.14
C LYS A 168 5.19 41.91 -8.63
N ASP A 169 4.12 42.06 -9.43
CA ASP A 169 2.81 41.53 -9.07
C ASP A 169 2.73 40.01 -9.04
N THR A 170 3.18 39.37 -10.11
CA THR A 170 3.12 37.92 -10.23
C THR A 170 4.11 37.15 -9.36
N ASP A 171 4.96 37.85 -8.62
CA ASP A 171 5.94 37.20 -7.75
C ASP A 171 5.29 36.12 -6.89
N ARG A 172 4.09 36.43 -6.41
CA ARG A 172 3.30 35.54 -5.57
C ARG A 172 1.89 35.55 -6.17
N ASP A 173 1.11 34.50 -5.96
CA ASP A 173 -0.24 34.45 -6.52
C ASP A 173 -1.04 35.72 -6.30
N PHE A 174 -1.46 36.30 -7.41
CA PHE A 174 -2.21 37.56 -7.44
C PHE A 174 -3.68 37.32 -7.83
N TYR A 175 -4.59 37.25 -6.86
CA TYR A 175 -6.00 37.06 -7.22
C TYR A 175 -6.69 38.38 -7.48
N MET A 176 -7.77 38.33 -8.25
CA MET A 176 -8.55 39.51 -8.60
C MET A 176 -10.00 39.14 -8.85
N SER A 177 -10.86 40.15 -8.90
CA SER A 177 -12.26 39.96 -9.21
C SER A 177 -12.32 40.38 -10.68
N ALA A 178 -13.27 39.82 -11.44
CA ALA A 178 -13.41 40.13 -12.87
C ALA A 178 -13.24 41.63 -13.14
N LYS A 179 -13.78 42.44 -12.23
CA LYS A 179 -13.71 43.90 -12.32
C LYS A 179 -12.24 44.32 -12.20
N GLU A 180 -11.54 43.81 -11.19
CA GLU A 180 -10.14 44.12 -10.97
C GLU A 180 -9.27 43.67 -12.14
N ALA A 181 -9.68 42.58 -12.78
CA ALA A 181 -8.93 42.05 -13.91
C ALA A 181 -9.05 43.04 -15.09
N LYS A 182 -10.23 43.66 -15.21
CA LYS A 182 -10.50 44.63 -16.27
C LYS A 182 -9.62 45.86 -16.03
N GLU A 183 -9.55 46.31 -14.77
CA GLU A 183 -8.70 47.45 -14.41
C GLU A 183 -7.25 47.13 -14.78
N TYR A 184 -6.83 45.90 -14.51
CA TYR A 184 -5.46 45.46 -14.79
C TYR A 184 -5.10 45.43 -16.28
N GLY A 185 -6.08 45.09 -17.11
CA GLY A 185 -5.85 45.02 -18.54
C GLY A 185 -5.90 43.60 -19.08
N LEU A 186 -6.25 42.65 -18.23
CA LEU A 186 -6.30 41.27 -18.68
C LEU A 186 -7.56 40.98 -19.49
N ILE A 187 -8.66 41.67 -19.18
CA ILE A 187 -9.91 41.50 -19.93
C ILE A 187 -10.40 42.85 -20.40
N ASP A 188 -11.27 42.84 -21.40
CA ASP A 188 -11.79 44.06 -21.99
C ASP A 188 -13.17 44.49 -21.47
N LYS A 189 -13.91 43.55 -20.88
CA LYS A 189 -15.25 43.84 -20.39
C LYS A 189 -15.79 42.74 -19.49
N VAL A 190 -16.62 43.13 -18.52
CA VAL A 190 -17.24 42.18 -17.62
C VAL A 190 -18.72 42.15 -18.00
N LEU A 191 -19.15 41.09 -18.68
CA LEU A 191 -20.54 40.97 -19.08
C LEU A 191 -21.41 41.10 -17.83
N GLN A 192 -22.00 42.29 -17.64
CA GLN A 192 -22.87 42.60 -16.51
C GLN A 192 -23.94 41.55 -16.25
N ASP B 20 -16.30 12.66 -33.90
CA ASP B 20 -14.88 12.76 -33.43
C ASP B 20 -14.13 13.87 -34.19
N ILE B 21 -13.39 14.67 -33.44
CA ILE B 21 -12.63 15.79 -34.01
C ILE B 21 -11.37 15.34 -34.76
N TYR B 22 -10.51 14.58 -34.10
CA TYR B 22 -9.26 14.08 -34.68
C TYR B 22 -9.49 13.37 -36.00
N SER B 23 -10.57 12.60 -36.08
CA SER B 23 -10.89 11.88 -37.30
C SER B 23 -11.18 12.87 -38.42
N ARG B 24 -11.73 14.03 -38.07
CA ARG B 24 -12.02 15.03 -39.08
C ARG B 24 -10.71 15.72 -39.53
N LEU B 25 -9.79 15.92 -38.60
CA LEU B 25 -8.52 16.56 -38.94
C LEU B 25 -7.69 15.60 -39.77
N LEU B 26 -7.95 14.31 -39.62
CA LEU B 26 -7.22 13.31 -40.38
C LEU B 26 -7.67 13.37 -41.85
N LYS B 27 -8.81 14.02 -42.09
CA LYS B 27 -9.36 14.17 -43.44
C LYS B 27 -8.62 15.27 -44.20
N ASP B 28 -8.16 16.29 -43.49
CA ASP B 28 -7.41 17.38 -44.14
C ASP B 28 -5.91 17.05 -44.09
N ARG B 29 -5.63 15.77 -43.86
CA ARG B 29 -4.27 15.25 -43.78
C ARG B 29 -3.39 15.84 -42.67
N ILE B 30 -3.99 15.96 -41.50
CA ILE B 30 -3.30 16.46 -40.33
C ILE B 30 -3.36 15.42 -39.23
N VAL B 31 -2.19 14.97 -38.80
CA VAL B 31 -2.08 13.99 -37.74
C VAL B 31 -1.36 14.67 -36.59
N LEU B 32 -1.92 14.56 -35.39
CA LEU B 32 -1.32 15.18 -34.21
C LEU B 32 -0.51 14.19 -33.42
N LEU B 33 0.64 14.63 -32.90
CA LEU B 33 1.46 13.79 -32.06
C LEU B 33 1.59 14.55 -30.74
N SER B 34 0.78 14.16 -29.76
CA SER B 34 0.77 14.81 -28.45
C SER B 34 1.22 13.86 -27.33
N GLY B 35 1.96 14.40 -26.36
CA GLY B 35 2.41 13.60 -25.23
C GLY B 35 3.55 12.62 -25.45
N GLU B 36 3.73 11.70 -24.49
CA GLU B 36 4.78 10.68 -24.55
C GLU B 36 4.75 9.82 -25.82
N ILE B 37 5.91 9.34 -26.22
CA ILE B 37 6.01 8.53 -27.42
C ILE B 37 6.35 7.07 -27.08
N ASN B 38 5.51 6.15 -27.56
CA ASN B 38 5.75 4.73 -27.30
C ASN B 38 5.13 3.84 -28.38
N ASP B 39 5.26 2.53 -28.22
CA ASP B 39 4.74 1.60 -29.21
C ASP B 39 3.28 1.88 -29.57
N SER B 40 2.45 2.20 -28.58
CA SER B 40 1.05 2.50 -28.87
C SER B 40 0.99 3.71 -29.77
N VAL B 41 1.34 4.86 -29.20
CA VAL B 41 1.33 6.13 -29.91
C VAL B 41 1.98 5.98 -31.28
N ALA B 42 3.18 5.39 -31.31
CA ALA B 42 3.90 5.20 -32.56
C ALA B 42 3.04 4.36 -33.53
N SER B 43 2.48 3.27 -33.00
CA SER B 43 1.64 2.40 -33.80
C SER B 43 0.49 3.22 -34.40
N SER B 44 -0.07 4.14 -33.61
CA SER B 44 -1.15 4.99 -34.08
C SER B 44 -0.65 5.98 -35.13
N ILE B 45 0.44 6.67 -34.80
CA ILE B 45 1.01 7.65 -35.72
C ILE B 45 1.48 6.97 -37.02
N VAL B 46 1.93 5.72 -36.93
CA VAL B 46 2.38 5.02 -38.13
C VAL B 46 1.18 4.68 -39.01
N ALA B 47 0.13 4.16 -38.38
CA ALA B 47 -1.09 3.80 -39.10
C ALA B 47 -1.71 4.99 -39.82
N GLN B 48 -1.60 6.17 -39.23
CA GLN B 48 -2.16 7.37 -39.85
C GLN B 48 -1.32 7.82 -41.05
N LEU B 49 -0.04 7.46 -41.05
CA LEU B 49 0.82 7.81 -42.16
C LEU B 49 0.60 6.85 -43.31
N LEU B 50 0.56 5.55 -43.03
CA LEU B 50 0.31 4.58 -44.08
C LEU B 50 -1.05 4.91 -44.67
N PHE B 51 -2.03 5.16 -43.81
CA PHE B 51 -3.37 5.48 -44.26
C PHE B 51 -3.38 6.67 -45.21
N LEU B 52 -3.01 7.85 -44.70
CA LEU B 52 -2.99 9.06 -45.51
C LEU B 52 -2.27 8.91 -46.85
N GLU B 53 -1.23 8.08 -46.89
CA GLU B 53 -0.49 7.85 -48.14
C GLU B 53 -1.35 7.18 -49.19
N ALA B 54 -1.85 5.98 -48.87
CA ALA B 54 -2.69 5.25 -49.80
C ALA B 54 -3.82 6.18 -50.22
N GLU B 55 -4.24 7.03 -49.31
CA GLU B 55 -5.32 7.99 -49.57
C GLU B 55 -4.95 8.90 -50.75
N ASP B 56 -3.66 9.16 -50.93
CA ASP B 56 -3.17 10.02 -51.99
C ASP B 56 -1.68 10.30 -51.74
N PRO B 57 -0.80 9.42 -52.24
CA PRO B 57 0.66 9.49 -52.09
C PRO B 57 1.37 10.69 -52.68
N GLU B 58 0.64 11.77 -52.95
CA GLU B 58 1.28 12.93 -53.54
C GLU B 58 1.04 14.23 -52.80
N LYS B 59 0.07 14.24 -51.91
CA LYS B 59 -0.20 15.45 -51.15
C LYS B 59 0.65 15.45 -49.89
N ASP B 60 0.83 16.62 -49.30
CA ASP B 60 1.60 16.72 -48.07
C ASP B 60 0.79 16.38 -46.84
N ILE B 61 1.47 15.85 -45.84
CA ILE B 61 0.82 15.48 -44.59
C ILE B 61 1.36 16.44 -43.55
N GLY B 62 0.51 16.82 -42.61
CA GLY B 62 0.93 17.73 -41.57
C GLY B 62 1.05 17.01 -40.25
N LEU B 63 2.27 16.86 -39.75
CA LEU B 63 2.50 16.21 -38.48
C LEU B 63 2.78 17.29 -37.44
N TYR B 64 1.79 17.60 -36.62
CA TYR B 64 1.95 18.61 -35.57
C TYR B 64 2.47 17.91 -34.33
N ILE B 65 3.52 18.47 -33.75
CA ILE B 65 4.17 17.88 -32.58
C ILE B 65 4.19 18.71 -31.29
N ASN B 66 3.76 18.07 -30.20
CA ASN B 66 3.75 18.67 -28.88
C ASN B 66 4.06 17.54 -27.90
N SER B 67 5.23 16.95 -28.07
CA SER B 67 5.66 15.85 -27.23
C SER B 67 6.92 16.10 -26.42
N PRO B 68 7.02 15.46 -25.24
CA PRO B 68 8.17 15.58 -24.34
C PRO B 68 9.21 14.53 -24.70
N GLY B 69 8.85 13.63 -25.62
CA GLY B 69 9.76 12.59 -26.06
C GLY B 69 9.16 11.19 -25.91
N GLY B 70 9.99 10.21 -25.60
CA GLY B 70 9.47 8.86 -25.42
C GLY B 70 10.46 7.77 -25.73
N VAL B 71 9.98 6.53 -25.83
CA VAL B 71 10.84 5.39 -26.14
C VAL B 71 11.53 5.63 -27.49
N ILE B 72 12.83 5.36 -27.55
CA ILE B 72 13.58 5.60 -28.77
C ILE B 72 13.24 4.78 -30.02
N THR B 73 13.07 3.47 -29.89
CA THR B 73 12.76 2.68 -31.08
C THR B 73 11.38 3.06 -31.60
N SER B 74 10.55 3.61 -30.72
CA SER B 74 9.21 4.03 -31.12
C SER B 74 9.40 5.23 -32.02
N GLY B 75 10.09 6.24 -31.50
CA GLY B 75 10.33 7.43 -32.31
C GLY B 75 10.92 7.04 -33.64
N LEU B 76 11.74 5.99 -33.64
CA LEU B 76 12.38 5.53 -34.86
C LEU B 76 11.41 4.93 -35.87
N SER B 77 10.35 4.27 -35.39
CA SER B 77 9.39 3.69 -36.30
C SER B 77 8.64 4.83 -36.97
N ILE B 78 8.20 5.80 -36.18
CA ILE B 78 7.50 6.95 -36.73
C ILE B 78 8.39 7.60 -37.79
N TYR B 79 9.68 7.72 -37.48
CA TYR B 79 10.64 8.33 -38.41
C TYR B 79 10.78 7.53 -39.69
N ASP B 80 11.31 6.32 -39.60
CA ASP B 80 11.49 5.52 -40.81
C ASP B 80 10.21 5.40 -41.63
N THR B 81 9.06 5.55 -40.99
CA THR B 81 7.82 5.47 -41.72
C THR B 81 7.67 6.76 -42.51
N MET B 82 8.16 7.86 -41.93
CA MET B 82 8.09 9.16 -42.59
C MET B 82 8.88 9.16 -43.90
N ASN B 83 10.02 8.48 -43.93
CA ASN B 83 10.81 8.40 -45.15
C ASN B 83 10.20 7.41 -46.12
N PHE B 84 9.65 6.33 -45.58
CA PHE B 84 9.04 5.27 -46.36
C PHE B 84 7.93 5.80 -47.26
N ILE B 85 6.83 6.25 -46.66
CA ILE B 85 5.70 6.77 -47.42
C ILE B 85 6.13 7.76 -48.48
N ARG B 86 5.31 7.86 -49.53
CA ARG B 86 5.58 8.76 -50.64
C ARG B 86 5.36 10.24 -50.32
N PRO B 87 4.22 10.59 -49.68
CA PRO B 87 3.99 12.01 -49.38
C PRO B 87 5.05 12.63 -48.48
N ASP B 88 5.31 13.92 -48.70
CA ASP B 88 6.25 14.66 -47.88
C ASP B 88 5.53 14.85 -46.56
N VAL B 89 6.22 14.50 -45.47
CA VAL B 89 5.66 14.65 -44.13
C VAL B 89 6.27 15.93 -43.56
N SER B 90 5.43 16.96 -43.49
CA SER B 90 5.86 18.25 -42.97
C SER B 90 5.68 18.18 -41.46
N THR B 91 6.54 18.87 -40.71
CA THR B 91 6.45 18.87 -39.25
C THR B 91 6.28 20.28 -38.67
N ILE B 92 5.29 20.45 -37.81
CA ILE B 92 5.03 21.75 -37.18
C ILE B 92 5.08 21.63 -35.65
N CYS B 93 5.96 22.41 -35.02
CA CYS B 93 6.08 22.37 -33.57
C CYS B 93 5.21 23.38 -32.81
N ILE B 94 4.27 22.87 -32.02
CA ILE B 94 3.39 23.72 -31.21
C ILE B 94 3.53 23.30 -29.75
N GLY B 95 3.75 24.26 -28.87
CA GLY B 95 3.93 23.94 -27.46
C GLY B 95 5.39 23.61 -27.24
N GLN B 96 5.78 22.39 -27.58
CA GLN B 96 7.18 21.98 -27.46
C GLN B 96 7.46 20.65 -28.16
N ALA B 97 8.75 20.40 -28.34
CA ALA B 97 9.24 19.17 -28.97
C ALA B 97 10.58 18.81 -28.34
N ALA B 98 10.55 18.15 -27.20
CA ALA B 98 11.76 17.74 -26.48
C ALA B 98 12.15 16.30 -26.77
N ALA B 99 13.40 15.93 -26.44
CA ALA B 99 13.88 14.56 -26.66
C ALA B 99 13.51 14.10 -28.06
N MET B 100 13.04 12.84 -28.17
CA MET B 100 12.62 12.27 -29.45
C MET B 100 11.69 13.25 -30.19
N GLY B 101 10.98 14.07 -29.42
CA GLY B 101 10.09 15.05 -30.01
C GLY B 101 10.80 16.04 -30.90
N ALA B 102 12.00 16.44 -30.50
CA ALA B 102 12.80 17.38 -31.27
C ALA B 102 13.44 16.68 -32.47
N PHE B 103 13.82 15.42 -32.26
CA PHE B 103 14.42 14.60 -33.31
C PHE B 103 13.43 14.42 -34.45
N LEU B 104 12.20 14.07 -34.10
CA LEU B 104 11.16 13.88 -35.10
C LEU B 104 10.92 15.18 -35.88
N LEU B 105 10.78 16.30 -35.16
CA LEU B 105 10.56 17.60 -35.78
C LEU B 105 11.65 17.92 -36.82
N SER B 106 12.88 17.49 -36.56
CA SER B 106 13.97 17.76 -37.49
C SER B 106 13.91 16.83 -38.69
N CYS B 107 13.21 15.72 -38.55
CA CYS B 107 13.09 14.75 -39.64
C CYS B 107 11.99 15.14 -40.61
N GLY B 108 11.42 16.33 -40.44
CA GLY B 108 10.38 16.75 -41.35
C GLY B 108 11.01 16.89 -42.73
N ALA B 109 10.20 16.92 -43.78
CA ALA B 109 10.74 17.07 -45.13
C ALA B 109 11.48 18.42 -45.18
N LYS B 110 12.69 18.43 -45.75
CA LYS B 110 13.49 19.65 -45.82
C LYS B 110 12.75 20.83 -46.43
N GLY B 111 12.68 21.93 -45.69
CA GLY B 111 11.99 23.11 -46.14
C GLY B 111 10.59 23.20 -45.56
N LYS B 112 10.05 22.06 -45.14
CA LYS B 112 8.71 22.02 -44.58
C LYS B 112 8.69 21.67 -43.09
N ARG B 113 9.72 22.12 -42.37
CA ARG B 113 9.81 21.90 -40.92
C ARG B 113 9.56 23.27 -40.28
N PHE B 114 8.38 23.44 -39.68
CA PHE B 114 8.00 24.71 -39.07
C PHE B 114 7.79 24.65 -37.56
N SER B 115 7.66 25.83 -36.96
CA SER B 115 7.40 25.94 -35.53
C SER B 115 6.74 27.27 -35.18
N LEU B 116 5.85 27.26 -34.19
CA LEU B 116 5.21 28.51 -33.79
C LEU B 116 6.15 29.32 -32.89
N PRO B 117 6.05 30.65 -32.95
CA PRO B 117 6.89 31.55 -32.17
C PRO B 117 7.26 31.20 -30.73
N HIS B 118 6.29 30.74 -29.94
CA HIS B 118 6.57 30.42 -28.54
C HIS B 118 6.83 28.96 -28.18
N SER B 119 7.09 28.12 -29.19
CA SER B 119 7.36 26.71 -28.94
C SER B 119 8.74 26.62 -28.32
N ARG B 120 9.03 25.48 -27.70
CA ARG B 120 10.35 25.25 -27.10
C ARG B 120 10.91 23.96 -27.69
N ILE B 121 12.15 24.01 -28.16
CA ILE B 121 12.79 22.83 -28.73
C ILE B 121 13.94 22.42 -27.82
N MET B 122 14.03 21.13 -27.52
CA MET B 122 15.12 20.62 -26.67
C MET B 122 15.61 19.28 -27.18
N ILE B 123 16.91 19.16 -27.36
CA ILE B 123 17.50 17.91 -27.80
C ILE B 123 18.46 17.43 -26.73
N HIS B 124 18.64 16.13 -26.62
CA HIS B 124 19.52 15.55 -25.61
C HIS B 124 19.87 14.11 -25.97
N GLN B 125 20.80 13.52 -25.22
CA GLN B 125 21.20 12.13 -25.47
C GLN B 125 20.23 11.21 -24.76
N PRO B 126 20.14 9.96 -25.24
CA PRO B 126 19.23 8.99 -24.64
C PRO B 126 19.58 8.63 -23.18
N LEU B 127 18.71 7.88 -22.57
CA LEU B 127 18.93 7.44 -21.20
C LEU B 127 18.15 6.16 -20.98
N GLY B 128 18.59 5.34 -20.04
CA GLY B 128 17.91 4.09 -19.78
C GLY B 128 18.50 3.41 -18.58
N GLY B 129 18.32 2.09 -18.50
CA GLY B 129 18.82 1.35 -17.37
C GLY B 129 19.32 -0.06 -17.68
N ALA B 130 20.30 -0.50 -16.93
CA ALA B 130 20.85 -1.83 -17.13
C ALA B 130 20.78 -2.55 -15.81
N GLN B 131 20.49 -3.83 -15.85
CA GLN B 131 20.39 -4.64 -14.64
C GLN B 131 20.88 -6.05 -14.89
N GLY B 132 21.80 -6.52 -14.05
CA GLY B 132 22.31 -7.87 -14.22
C GLY B 132 23.81 -8.10 -14.08
N GLN B 133 24.28 -9.17 -14.71
CA GLN B 133 25.69 -9.52 -14.67
C GLN B 133 26.48 -8.51 -15.49
N ALA B 134 27.76 -8.36 -15.19
CA ALA B 134 28.63 -7.44 -15.93
C ALA B 134 28.49 -7.63 -17.43
N SER B 135 28.43 -8.88 -17.87
CA SER B 135 28.29 -9.20 -19.28
C SER B 135 27.03 -8.59 -19.87
N ASP B 136 25.97 -8.52 -19.08
CA ASP B 136 24.72 -7.96 -19.58
C ASP B 136 24.68 -6.42 -19.53
N ILE B 137 25.25 -5.83 -18.49
CA ILE B 137 25.24 -4.37 -18.40
C ILE B 137 25.99 -3.81 -19.61
N GLU B 138 27.15 -4.41 -19.88
CA GLU B 138 27.99 -4.01 -21.01
C GLU B 138 27.25 -4.12 -22.34
N ILE B 139 26.55 -5.22 -22.54
CA ILE B 139 25.81 -5.36 -23.79
C ILE B 139 24.79 -4.24 -23.92
N ILE B 140 23.95 -4.06 -22.91
CA ILE B 140 22.94 -3.00 -22.95
C ILE B 140 23.57 -1.62 -23.12
N SER B 141 24.71 -1.40 -22.46
CA SER B 141 25.41 -0.12 -22.53
C SER B 141 25.86 0.20 -23.94
N ASN B 142 26.48 -0.76 -24.61
CA ASN B 142 26.95 -0.53 -25.96
C ASN B 142 25.75 -0.30 -26.86
N GLU B 143 24.62 -0.90 -26.51
CA GLU B 143 23.43 -0.75 -27.32
C GLU B 143 22.86 0.67 -27.21
N ILE B 144 23.01 1.29 -26.05
CA ILE B 144 22.48 2.63 -25.87
C ILE B 144 23.41 3.65 -26.50
N LEU B 145 24.71 3.42 -26.39
CA LEU B 145 25.65 4.33 -26.99
C LEU B 145 25.40 4.27 -28.50
N ARG B 146 25.09 3.07 -29.01
CA ARG B 146 24.82 2.89 -30.44
C ARG B 146 23.63 3.75 -30.85
N LEU B 147 22.51 3.63 -30.14
CA LEU B 147 21.34 4.44 -30.46
C LEU B 147 21.73 5.91 -30.38
N LYS B 148 22.59 6.22 -29.40
CA LYS B 148 23.08 7.57 -29.19
C LYS B 148 23.82 8.10 -30.40
N GLY B 149 24.68 7.26 -30.98
CA GLY B 149 25.44 7.67 -32.14
C GLY B 149 24.54 7.77 -33.35
N LEU B 150 23.58 6.86 -33.42
CA LEU B 150 22.64 6.85 -34.53
C LEU B 150 21.77 8.12 -34.57
N MET B 151 21.24 8.52 -33.43
CA MET B 151 20.40 9.69 -33.38
C MET B 151 21.13 11.02 -33.44
N ASN B 152 22.38 11.03 -32.99
CA ASN B 152 23.18 12.25 -33.04
C ASN B 152 23.58 12.43 -34.50
N SER B 153 23.81 11.30 -35.17
CA SER B 153 24.18 11.25 -36.57
C SER B 153 23.08 11.87 -37.39
N ILE B 154 21.86 11.36 -37.20
CA ILE B 154 20.69 11.85 -37.90
C ILE B 154 20.41 13.32 -37.54
N LEU B 155 20.64 13.65 -36.27
CA LEU B 155 20.39 15.00 -35.80
C LEU B 155 21.36 16.00 -36.45
N ALA B 156 22.59 15.58 -36.70
CA ALA B 156 23.57 16.45 -37.34
C ALA B 156 23.23 16.60 -38.80
N GLN B 157 23.03 15.46 -39.48
CA GLN B 157 22.68 15.47 -40.90
C GLN B 157 21.46 16.36 -41.16
N ASN B 158 20.45 16.24 -40.32
CA ASN B 158 19.22 17.02 -40.46
C ASN B 158 19.41 18.53 -40.24
N SER B 159 20.38 18.88 -39.41
CA SER B 159 20.60 20.29 -39.08
C SER B 159 21.75 20.99 -39.79
N GLY B 160 22.72 20.21 -40.28
CA GLY B 160 23.86 20.81 -40.96
C GLY B 160 25.02 21.00 -40.00
N GLN B 161 24.77 20.76 -38.72
CA GLN B 161 25.81 20.88 -37.70
C GLN B 161 26.67 19.62 -37.81
N SER B 162 27.91 19.68 -37.32
CA SER B 162 28.80 18.51 -37.39
C SER B 162 28.44 17.47 -36.33
N LEU B 163 28.95 16.26 -36.52
CA LEU B 163 28.72 15.18 -35.56
C LEU B 163 29.24 15.62 -34.18
N GLU B 164 30.42 16.21 -34.21
CA GLU B 164 31.09 16.66 -33.01
C GLU B 164 30.27 17.72 -32.29
N GLN B 165 29.73 18.66 -33.05
CA GLN B 165 28.92 19.73 -32.46
C GLN B 165 27.69 19.14 -31.78
N ILE B 166 27.01 18.21 -32.44
CA ILE B 166 25.81 17.60 -31.87
C ILE B 166 26.13 16.90 -30.54
N ALA B 167 27.20 16.11 -30.52
CA ALA B 167 27.63 15.38 -29.32
C ALA B 167 27.83 16.35 -28.18
N LYS B 168 28.54 17.43 -28.47
CA LYS B 168 28.83 18.44 -27.47
C LYS B 168 27.57 19.08 -26.88
N ASP B 169 26.54 19.29 -27.70
CA ASP B 169 25.33 19.93 -27.21
C ASP B 169 24.25 19.03 -26.64
N THR B 170 24.19 17.77 -27.07
CA THR B 170 23.17 16.85 -26.56
C THR B 170 23.66 16.16 -25.31
N ASP B 171 24.88 16.47 -24.89
CA ASP B 171 25.46 15.85 -23.70
C ASP B 171 24.54 16.03 -22.50
N ARG B 172 23.88 17.19 -22.44
CA ARG B 172 22.94 17.50 -21.38
C ARG B 172 21.77 18.24 -22.04
N ASP B 173 20.63 18.35 -21.35
CA ASP B 173 19.49 19.04 -21.93
C ASP B 173 19.81 20.39 -22.55
N PHE B 174 19.62 20.47 -23.87
CA PHE B 174 19.87 21.68 -24.65
C PHE B 174 18.54 22.32 -25.09
N TYR B 175 18.04 23.27 -24.30
CA TYR B 175 16.78 23.98 -24.58
C TYR B 175 17.01 25.19 -25.46
N MET B 176 16.13 25.39 -26.44
CA MET B 176 16.24 26.55 -27.34
C MET B 176 14.86 26.97 -27.88
N SER B 177 14.74 28.25 -28.23
CA SER B 177 13.49 28.80 -28.76
C SER B 177 13.40 28.42 -30.23
N ALA B 178 12.19 28.49 -30.78
CA ALA B 178 11.94 28.16 -32.19
C ALA B 178 12.91 28.93 -33.08
N LYS B 179 13.02 30.22 -32.82
CA LYS B 179 13.90 31.11 -33.57
C LYS B 179 15.33 30.60 -33.48
N GLU B 180 15.77 30.22 -32.28
CA GLU B 180 17.13 29.70 -32.11
C GLU B 180 17.25 28.37 -32.82
N ALA B 181 16.17 27.59 -32.75
CA ALA B 181 16.12 26.28 -33.38
C ALA B 181 16.36 26.42 -34.89
N LYS B 182 15.85 27.52 -35.46
CA LYS B 182 16.00 27.77 -36.88
C LYS B 182 17.46 28.02 -37.23
N GLU B 183 18.10 28.92 -36.49
CA GLU B 183 19.50 29.17 -36.79
C GLU B 183 20.39 27.97 -36.46
N TYR B 184 19.80 26.94 -35.87
CA TYR B 184 20.58 25.76 -35.53
C TYR B 184 20.52 24.73 -36.66
N GLY B 185 19.44 24.79 -37.45
CA GLY B 185 19.26 23.87 -38.55
C GLY B 185 18.17 22.83 -38.30
N LEU B 186 17.59 22.87 -37.11
CA LEU B 186 16.53 21.95 -36.71
C LEU B 186 15.21 22.15 -37.45
N ILE B 187 14.86 23.40 -37.71
CA ILE B 187 13.64 23.75 -38.44
C ILE B 187 14.02 24.77 -39.51
N ASP B 188 13.16 24.88 -40.53
CA ASP B 188 13.40 25.80 -41.63
C ASP B 188 12.78 27.18 -41.42
N LYS B 189 11.56 27.22 -40.89
CA LYS B 189 10.89 28.48 -40.70
C LYS B 189 10.00 28.53 -39.45
N VAL B 190 10.07 29.65 -38.75
CA VAL B 190 9.24 29.87 -37.57
C VAL B 190 8.01 30.63 -38.04
N LEU B 191 6.85 29.97 -38.10
CA LEU B 191 5.63 30.61 -38.56
C LEU B 191 5.38 31.84 -37.68
N GLN B 192 6.13 32.90 -37.96
CA GLN B 192 6.00 34.13 -37.22
C GLN B 192 4.95 35.03 -37.83
N ASP C 20 -12.24 2.22 -37.63
CA ASP C 20 -11.00 2.90 -37.14
C ASP C 20 -9.87 2.75 -38.14
N ILE C 21 -8.69 3.23 -37.77
CA ILE C 21 -7.53 3.20 -38.66
C ILE C 21 -6.91 1.81 -38.91
N TYR C 22 -6.70 1.04 -37.85
CA TYR C 22 -6.13 -0.30 -37.99
C TYR C 22 -7.02 -1.19 -38.86
N SER C 23 -8.32 -1.17 -38.57
CA SER C 23 -9.28 -1.97 -39.34
C SER C 23 -9.34 -1.50 -40.79
N ARG C 24 -8.99 -0.24 -41.04
CA ARG C 24 -8.98 0.27 -42.39
C ARG C 24 -7.79 -0.31 -43.12
N LEU C 25 -6.69 -0.49 -42.39
CA LEU C 25 -5.46 -1.05 -42.93
C LEU C 25 -5.58 -2.56 -43.12
N LEU C 26 -6.37 -3.20 -42.27
CA LEU C 26 -6.54 -4.64 -42.34
C LEU C 26 -7.09 -5.05 -43.70
N LYS C 27 -8.01 -4.23 -44.23
CA LYS C 27 -8.62 -4.52 -45.52
C LYS C 27 -7.58 -4.45 -46.63
N ASP C 28 -6.43 -3.83 -46.32
CA ASP C 28 -5.35 -3.73 -47.29
C ASP C 28 -4.39 -4.89 -47.05
N ARG C 29 -4.82 -5.82 -46.20
CA ARG C 29 -4.03 -7.00 -45.87
C ARG C 29 -2.77 -6.69 -45.06
N ILE C 30 -2.82 -5.58 -44.33
CA ILE C 30 -1.71 -5.15 -43.50
C ILE C 30 -2.03 -5.41 -42.03
N VAL C 31 -1.38 -6.40 -41.43
CA VAL C 31 -1.60 -6.70 -40.01
C VAL C 31 -0.51 -5.99 -39.18
N LEU C 32 -0.84 -5.62 -37.95
CA LEU C 32 0.11 -4.94 -37.07
C LEU C 32 0.35 -5.65 -35.75
N LEU C 33 1.63 -5.87 -35.46
CA LEU C 33 2.03 -6.50 -34.21
C LEU C 33 2.88 -5.48 -33.45
N SER C 34 2.24 -4.69 -32.60
CA SER C 34 2.95 -3.70 -31.81
C SER C 34 2.89 -4.03 -30.32
N GLY C 35 3.98 -3.73 -29.61
CA GLY C 35 4.01 -4.00 -28.18
C GLY C 35 4.40 -5.43 -27.89
N GLU C 36 4.25 -5.86 -26.65
CA GLU C 36 4.60 -7.21 -26.23
C GLU C 36 3.67 -8.30 -26.77
N ILE C 37 4.15 -9.54 -26.69
CA ILE C 37 3.36 -10.68 -27.17
C ILE C 37 2.91 -11.59 -26.04
N ASN C 38 1.62 -11.90 -26.06
CA ASN C 38 0.99 -12.77 -25.09
C ASN C 38 -0.29 -13.23 -25.75
N ASP C 39 -0.91 -14.28 -25.21
CA ASP C 39 -2.14 -14.84 -25.78
C ASP C 39 -3.14 -13.80 -26.28
N SER C 40 -3.36 -12.75 -25.50
CA SER C 40 -4.29 -11.70 -25.86
C SER C 40 -3.91 -11.20 -27.27
N VAL C 41 -2.71 -10.65 -27.37
CA VAL C 41 -2.22 -10.14 -28.65
C VAL C 41 -2.16 -11.27 -29.69
N ALA C 42 -1.60 -12.40 -29.28
CA ALA C 42 -1.47 -13.56 -30.16
C ALA C 42 -2.79 -13.92 -30.82
N SER C 43 -3.87 -13.94 -30.05
CA SER C 43 -5.18 -14.29 -30.57
C SER C 43 -5.70 -13.31 -31.58
N SER C 44 -5.33 -12.04 -31.41
CA SER C 44 -5.76 -11.02 -32.36
C SER C 44 -5.03 -11.25 -33.68
N ILE C 45 -3.71 -11.45 -33.59
CA ILE C 45 -2.90 -11.65 -34.78
C ILE C 45 -3.41 -12.87 -35.53
N VAL C 46 -3.59 -13.96 -34.80
CA VAL C 46 -4.07 -15.18 -35.43
C VAL C 46 -5.46 -14.95 -36.01
N ALA C 47 -6.27 -14.15 -35.34
CA ALA C 47 -7.62 -13.87 -35.83
C ALA C 47 -7.57 -13.27 -37.23
N GLN C 48 -6.63 -12.36 -37.43
CA GLN C 48 -6.48 -11.67 -38.71
C GLN C 48 -5.79 -12.50 -39.79
N LEU C 49 -4.79 -13.28 -39.40
CA LEU C 49 -4.07 -14.13 -40.35
C LEU C 49 -4.98 -15.23 -40.90
N LEU C 50 -6.09 -15.47 -40.21
CA LEU C 50 -7.07 -16.46 -40.64
C LEU C 50 -8.10 -15.71 -41.45
N PHE C 51 -8.54 -14.59 -40.89
CA PHE C 51 -9.51 -13.75 -41.55
C PHE C 51 -9.00 -13.46 -42.96
N LEU C 52 -7.85 -12.80 -43.05
CA LEU C 52 -7.26 -12.47 -44.35
C LEU C 52 -7.07 -13.65 -45.29
N GLU C 53 -6.81 -14.84 -44.76
CA GLU C 53 -6.65 -15.98 -45.67
C GLU C 53 -8.04 -16.45 -46.05
N ALA C 54 -9.06 -15.82 -45.47
CA ALA C 54 -10.45 -16.14 -45.75
C ALA C 54 -10.91 -15.19 -46.86
N GLU C 55 -10.33 -14.00 -46.88
CA GLU C 55 -10.67 -13.03 -47.90
C GLU C 55 -10.09 -13.51 -49.23
N ASP C 56 -8.90 -14.10 -49.16
CA ASP C 56 -8.23 -14.63 -50.34
C ASP C 56 -6.91 -15.29 -50.01
N PRO C 57 -6.88 -16.63 -50.00
CA PRO C 57 -5.68 -17.41 -49.70
C PRO C 57 -4.55 -17.22 -50.70
N GLU C 58 -4.74 -16.31 -51.66
CA GLU C 58 -3.72 -16.06 -52.67
C GLU C 58 -2.90 -14.79 -52.40
N LYS C 59 -3.56 -13.64 -52.39
CA LYS C 59 -2.88 -12.38 -52.14
C LYS C 59 -2.07 -12.36 -50.84
N ASP C 60 -0.82 -11.90 -50.95
CA ASP C 60 0.09 -11.82 -49.82
C ASP C 60 -0.51 -11.11 -48.62
N ILE C 61 0.21 -11.20 -47.49
CA ILE C 61 -0.18 -10.56 -46.25
C ILE C 61 1.03 -9.82 -45.69
N GLY C 62 0.81 -8.62 -45.17
CA GLY C 62 1.91 -7.84 -44.62
C GLY C 62 1.86 -7.67 -43.12
N LEU C 63 2.68 -8.44 -42.43
CA LEU C 63 2.74 -8.39 -40.97
C LEU C 63 3.87 -7.45 -40.54
N TYR C 64 3.53 -6.23 -40.15
CA TYR C 64 4.53 -5.25 -39.72
C TYR C 64 4.83 -5.47 -38.23
N ILE C 65 6.08 -5.77 -37.93
CA ILE C 65 6.50 -6.04 -36.57
C ILE C 65 7.31 -4.96 -35.89
N ASN C 66 6.86 -4.56 -34.70
CA ASN C 66 7.52 -3.57 -33.87
C ASN C 66 7.29 -4.02 -32.43
N SER C 67 7.90 -5.15 -32.06
CA SER C 67 7.73 -5.73 -30.73
C SER C 67 9.01 -6.06 -29.98
N PRO C 68 9.01 -5.82 -28.66
CA PRO C 68 10.14 -6.09 -27.76
C PRO C 68 10.21 -7.56 -27.38
N GLY C 69 9.21 -8.33 -27.83
CA GLY C 69 9.17 -9.75 -27.52
C GLY C 69 7.92 -10.08 -26.74
N GLY C 70 7.87 -11.28 -26.16
CA GLY C 70 6.70 -11.68 -25.38
C GLY C 70 6.79 -13.15 -25.00
N VAL C 71 5.65 -13.77 -24.69
CA VAL C 71 5.61 -15.18 -24.28
C VAL C 71 5.95 -16.15 -25.43
N ILE C 72 6.89 -17.06 -25.17
CA ILE C 72 7.30 -18.02 -26.19
C ILE C 72 6.18 -18.77 -26.91
N THR C 73 5.28 -19.41 -26.14
CA THR C 73 4.17 -20.15 -26.76
C THR C 73 3.22 -19.20 -27.50
N SER C 74 3.06 -18.00 -26.99
CA SER C 74 2.18 -17.03 -27.65
C SER C 74 2.75 -16.76 -29.05
N GLY C 75 4.04 -16.45 -29.10
CA GLY C 75 4.68 -16.18 -30.37
C GLY C 75 4.70 -17.40 -31.28
N LEU C 76 4.88 -18.59 -30.69
CA LEU C 76 4.88 -19.80 -31.48
C LEU C 76 3.52 -19.96 -32.16
N SER C 77 2.48 -19.49 -31.49
CA SER C 77 1.12 -19.53 -32.02
C SER C 77 1.09 -18.77 -33.34
N ILE C 78 1.41 -17.48 -33.26
CA ILE C 78 1.45 -16.61 -34.44
C ILE C 78 2.36 -17.21 -35.51
N TYR C 79 3.45 -17.86 -35.10
CA TYR C 79 4.35 -18.50 -36.05
C TYR C 79 3.65 -19.60 -36.84
N ASP C 80 3.19 -20.64 -36.14
CA ASP C 80 2.50 -21.74 -36.80
C ASP C 80 1.41 -21.20 -37.71
N THR C 81 0.55 -20.32 -37.19
CA THR C 81 -0.52 -19.78 -38.01
C THR C 81 0.02 -19.09 -39.25
N MET C 82 1.13 -18.37 -39.12
CA MET C 82 1.70 -17.68 -40.28
C MET C 82 1.90 -18.58 -41.50
N ASN C 83 2.50 -19.76 -41.31
CA ASN C 83 2.72 -20.65 -42.45
C ASN C 83 1.79 -21.86 -42.48
N PHE C 84 0.64 -21.73 -41.83
CA PHE C 84 -0.37 -22.77 -41.82
C PHE C 84 -1.40 -22.28 -42.84
N ILE C 85 -1.61 -20.98 -42.87
CA ILE C 85 -2.53 -20.39 -43.84
C ILE C 85 -1.89 -20.53 -45.20
N ARG C 86 -2.60 -20.20 -46.26
CA ARG C 86 -2.04 -20.35 -47.59
C ARG C 86 -1.28 -19.15 -48.16
N PRO C 87 -1.76 -17.92 -47.92
CA PRO C 87 -1.03 -16.77 -48.47
C PRO C 87 0.34 -16.59 -47.82
N ASP C 88 1.23 -15.89 -48.50
CA ASP C 88 2.57 -15.63 -47.98
C ASP C 88 2.49 -14.49 -46.97
N VAL C 89 3.03 -14.71 -45.78
CA VAL C 89 3.03 -13.68 -44.76
C VAL C 89 4.38 -12.99 -44.80
N SER C 90 4.40 -11.77 -45.31
CA SER C 90 5.63 -11.02 -45.42
C SER C 90 5.86 -10.27 -44.10
N THR C 91 7.08 -10.34 -43.59
CA THR C 91 7.40 -9.64 -42.34
C THR C 91 8.14 -8.34 -42.58
N ILE C 92 7.74 -7.28 -41.88
CA ILE C 92 8.39 -5.98 -42.01
C ILE C 92 8.71 -5.48 -40.62
N CYS C 93 9.99 -5.37 -40.30
CA CYS C 93 10.39 -4.87 -38.98
C CYS C 93 10.45 -3.35 -39.03
N ILE C 94 9.68 -2.71 -38.16
CA ILE C 94 9.69 -1.26 -38.10
C ILE C 94 9.96 -0.88 -36.65
N GLY C 95 11.04 -0.13 -36.46
CA GLY C 95 11.43 0.28 -35.12
C GLY C 95 12.26 -0.76 -34.40
N GLN C 96 11.62 -1.85 -33.98
CA GLN C 96 12.31 -2.89 -33.23
C GLN C 96 11.69 -4.28 -33.35
N ALA C 97 12.54 -5.29 -33.41
CA ALA C 97 12.08 -6.67 -33.49
C ALA C 97 13.06 -7.52 -32.67
N ALA C 98 12.90 -7.49 -31.34
CA ALA C 98 13.78 -8.24 -30.46
C ALA C 98 13.09 -9.46 -29.86
N ALA C 99 13.90 -10.39 -29.36
CA ALA C 99 13.42 -11.63 -28.74
C ALA C 99 12.43 -12.35 -29.65
N MET C 100 11.30 -12.77 -29.09
CA MET C 100 10.29 -13.48 -29.88
C MET C 100 9.86 -12.63 -31.09
N GLY C 101 10.14 -11.32 -31.02
CA GLY C 101 9.81 -10.42 -32.10
C GLY C 101 10.70 -10.68 -33.30
N ALA C 102 11.98 -10.92 -33.03
CA ALA C 102 12.97 -11.21 -34.07
C ALA C 102 12.72 -12.61 -34.63
N PHE C 103 12.44 -13.56 -33.74
CA PHE C 103 12.15 -14.93 -34.14
C PHE C 103 11.07 -14.88 -35.21
N LEU C 104 10.00 -14.14 -34.93
CA LEU C 104 8.88 -13.98 -35.85
C LEU C 104 9.26 -13.31 -37.17
N LEU C 105 10.02 -12.22 -37.08
CA LEU C 105 10.45 -11.49 -38.26
C LEU C 105 11.16 -12.42 -39.25
N SER C 106 12.03 -13.28 -38.72
CA SER C 106 12.79 -14.21 -39.54
C SER C 106 11.89 -15.31 -40.12
N CYS C 107 10.77 -15.57 -39.44
CA CYS C 107 9.84 -16.58 -39.89
C CYS C 107 9.00 -16.14 -41.10
N GLY C 108 9.09 -14.87 -41.45
CA GLY C 108 8.33 -14.38 -42.59
C GLY C 108 8.66 -15.15 -43.85
N ALA C 109 7.80 -15.06 -44.85
CA ALA C 109 7.98 -15.77 -46.12
C ALA C 109 9.33 -15.54 -46.77
N LYS C 110 10.03 -16.64 -47.03
CA LYS C 110 11.34 -16.58 -47.64
C LYS C 110 11.34 -15.61 -48.81
N GLY C 111 12.22 -14.60 -48.75
CA GLY C 111 12.32 -13.61 -49.80
C GLY C 111 11.51 -12.35 -49.54
N LYS C 112 10.57 -12.41 -48.61
CA LYS C 112 9.74 -11.25 -48.31
C LYS C 112 9.90 -10.72 -46.88
N ARG C 113 11.11 -10.77 -46.34
CA ARG C 113 11.36 -10.29 -45.00
C ARG C 113 12.13 -8.99 -45.11
N PHE C 114 11.51 -7.89 -44.68
CA PHE C 114 12.16 -6.60 -44.78
C PHE C 114 12.32 -5.92 -43.43
N SER C 115 12.92 -4.74 -43.49
CA SER C 115 13.16 -3.91 -42.30
C SER C 115 13.39 -2.49 -42.80
N LEU C 116 12.97 -1.50 -42.01
CA LEU C 116 13.19 -0.11 -42.41
C LEU C 116 14.66 0.21 -42.09
N PRO C 117 15.20 1.27 -42.70
CA PRO C 117 16.60 1.64 -42.46
C PRO C 117 17.10 1.69 -41.02
N HIS C 118 16.33 2.30 -40.13
CA HIS C 118 16.79 2.43 -38.75
C HIS C 118 16.17 1.56 -37.69
N SER C 119 15.76 0.36 -38.09
CA SER C 119 15.16 -0.58 -37.15
C SER C 119 16.28 -1.40 -36.51
N ARG C 120 15.99 -1.98 -35.34
CA ARG C 120 16.96 -2.81 -34.65
C ARG C 120 16.40 -4.21 -34.42
N ILE C 121 17.29 -5.20 -34.46
CA ILE C 121 16.90 -6.59 -34.28
C ILE C 121 17.70 -7.20 -33.14
N MET C 122 17.08 -8.07 -32.36
CA MET C 122 17.78 -8.71 -31.25
C MET C 122 17.28 -10.12 -31.02
N ILE C 123 18.20 -11.09 -31.03
CA ILE C 123 17.86 -12.49 -30.78
C ILE C 123 18.48 -12.91 -29.44
N HIS C 124 17.85 -13.84 -28.74
CA HIS C 124 18.38 -14.27 -27.44
C HIS C 124 17.80 -15.61 -27.04
N GLN C 125 18.30 -16.17 -25.94
CA GLN C 125 17.78 -17.44 -25.46
C GLN C 125 16.60 -17.13 -24.56
N PRO C 126 15.68 -18.09 -24.40
CA PRO C 126 14.51 -17.88 -23.56
C PRO C 126 14.79 -17.42 -22.14
N LEU C 127 13.76 -16.89 -21.52
CA LEU C 127 13.81 -16.44 -20.13
C LEU C 127 12.71 -17.19 -19.43
N GLY C 128 12.79 -17.26 -18.11
CA GLY C 128 11.74 -17.96 -17.40
C GLY C 128 11.99 -18.04 -15.91
N GLY C 129 11.19 -18.84 -15.25
CA GLY C 129 11.33 -19.01 -13.82
C GLY C 129 10.66 -20.27 -13.35
N ALA C 130 11.03 -20.71 -12.15
CA ALA C 130 10.46 -21.92 -11.55
C ALA C 130 10.52 -21.85 -10.04
N GLN C 131 9.49 -22.37 -9.39
CA GLN C 131 9.44 -22.42 -7.93
C GLN C 131 8.89 -23.79 -7.57
N GLY C 132 9.12 -24.24 -6.35
CA GLY C 132 8.61 -25.54 -5.94
C GLY C 132 9.65 -26.56 -5.54
N GLN C 133 9.28 -27.83 -5.65
CA GLN C 133 10.17 -28.94 -5.32
C GLN C 133 11.23 -29.11 -6.39
N ALA C 134 12.31 -29.82 -6.06
CA ALA C 134 13.37 -30.05 -7.04
C ALA C 134 12.78 -30.63 -8.32
N SER C 135 11.91 -31.64 -8.15
CA SER C 135 11.25 -32.31 -9.27
C SER C 135 10.52 -31.33 -10.15
N ASP C 136 9.77 -30.44 -9.52
CA ASP C 136 9.00 -29.45 -10.25
C ASP C 136 9.97 -28.56 -11.03
N ILE C 137 10.97 -28.01 -10.36
CA ILE C 137 11.96 -27.14 -10.99
C ILE C 137 12.66 -27.82 -12.16
N GLU C 138 12.96 -29.11 -12.01
CA GLU C 138 13.64 -29.85 -13.07
C GLU C 138 12.78 -29.99 -14.34
N ILE C 139 11.48 -30.22 -14.16
CA ILE C 139 10.56 -30.35 -15.28
C ILE C 139 10.44 -29.05 -16.07
N ILE C 140 10.41 -27.92 -15.35
CA ILE C 140 10.30 -26.61 -15.97
C ILE C 140 11.61 -26.25 -16.66
N SER C 141 12.72 -26.66 -16.05
CA SER C 141 14.03 -26.39 -16.61
C SER C 141 14.22 -27.11 -17.96
N ASN C 142 13.89 -28.41 -17.99
CA ASN C 142 14.01 -29.18 -19.22
C ASN C 142 13.02 -28.64 -20.25
N GLU C 143 11.85 -28.24 -19.78
CA GLU C 143 10.85 -27.70 -20.68
C GLU C 143 11.40 -26.44 -21.33
N ILE C 144 11.83 -25.48 -20.53
CA ILE C 144 12.37 -24.25 -21.09
C ILE C 144 13.63 -24.51 -21.92
N LEU C 145 14.30 -25.65 -21.68
CA LEU C 145 15.49 -25.98 -22.44
C LEU C 145 15.10 -26.44 -23.85
N ARG C 146 13.98 -27.16 -23.95
CA ARG C 146 13.46 -27.65 -25.23
C ARG C 146 13.12 -26.47 -26.12
N LEU C 147 12.35 -25.54 -25.58
CA LEU C 147 11.97 -24.38 -26.36
C LEU C 147 13.23 -23.67 -26.85
N LYS C 148 14.26 -23.64 -26.02
CA LYS C 148 15.50 -23.00 -26.39
C LYS C 148 16.12 -23.74 -27.59
N GLY C 149 16.12 -25.06 -27.50
CA GLY C 149 16.68 -25.85 -28.58
C GLY C 149 15.82 -25.72 -29.82
N LEU C 150 14.51 -25.84 -29.61
CA LEU C 150 13.55 -25.73 -30.70
C LEU C 150 13.79 -24.44 -31.47
N MET C 151 13.70 -23.31 -30.78
CA MET C 151 13.88 -22.00 -31.43
C MET C 151 15.26 -21.80 -32.07
N ASN C 152 16.33 -22.18 -31.37
CA ASN C 152 17.66 -22.03 -31.94
C ASN C 152 17.71 -22.76 -33.28
N SER C 153 16.98 -23.87 -33.33
CA SER C 153 16.92 -24.71 -34.52
C SER C 153 16.22 -23.99 -35.67
N ILE C 154 15.00 -23.53 -35.41
CA ILE C 154 14.21 -22.82 -36.41
C ILE C 154 14.96 -21.57 -36.85
N LEU C 155 15.62 -20.93 -35.89
CA LEU C 155 16.37 -19.70 -36.12
C LEU C 155 17.52 -19.96 -37.10
N ALA C 156 18.16 -21.12 -36.96
CA ALA C 156 19.28 -21.49 -37.84
C ALA C 156 18.77 -21.77 -39.25
N GLN C 157 17.67 -22.52 -39.35
CA GLN C 157 17.10 -22.83 -40.65
C GLN C 157 16.75 -21.53 -41.36
N ASN C 158 16.01 -20.66 -40.68
CA ASN C 158 15.60 -19.37 -41.27
C ASN C 158 16.73 -18.44 -41.69
N SER C 159 17.92 -18.60 -41.12
CA SER C 159 19.03 -17.71 -41.47
C SER C 159 20.12 -18.36 -42.28
N GLY C 160 20.18 -19.69 -42.22
CA GLY C 160 21.19 -20.42 -42.96
C GLY C 160 22.32 -20.77 -42.03
N GLN C 161 22.48 -19.94 -41.00
CA GLN C 161 23.52 -20.14 -39.98
C GLN C 161 23.43 -21.55 -39.41
N SER C 162 24.52 -22.01 -38.82
CA SER C 162 24.54 -23.33 -38.23
C SER C 162 23.87 -23.22 -36.86
N LEU C 163 23.60 -24.37 -36.23
CA LEU C 163 22.98 -24.33 -34.91
C LEU C 163 23.97 -23.86 -33.85
N GLU C 164 25.22 -24.27 -34.02
CA GLU C 164 26.26 -23.90 -33.08
C GLU C 164 26.47 -22.39 -33.03
N GLN C 165 26.28 -21.72 -34.16
CA GLN C 165 26.45 -20.29 -34.22
C GLN C 165 25.30 -19.56 -33.53
N ILE C 166 24.08 -19.92 -33.91
CA ILE C 166 22.89 -19.31 -33.32
C ILE C 166 22.99 -19.50 -31.80
N ALA C 167 23.44 -20.68 -31.40
CA ALA C 167 23.60 -21.00 -29.99
C ALA C 167 24.60 -20.06 -29.32
N LYS C 168 25.75 -19.84 -29.95
CA LYS C 168 26.77 -18.96 -29.37
C LYS C 168 26.30 -17.50 -29.34
N ASP C 169 25.66 -17.07 -30.43
CA ASP C 169 25.19 -15.70 -30.53
C ASP C 169 24.05 -15.35 -29.57
N THR C 170 23.05 -16.22 -29.48
CA THR C 170 21.91 -15.94 -28.60
C THR C 170 22.19 -16.18 -27.11
N ASP C 171 23.38 -16.68 -26.76
CA ASP C 171 23.69 -16.92 -25.36
C ASP C 171 23.25 -15.70 -24.55
N ARG C 172 23.74 -14.54 -24.94
CA ARG C 172 23.37 -13.30 -24.29
C ARG C 172 22.74 -12.43 -25.38
N ASP C 173 22.03 -11.38 -25.02
CA ASP C 173 21.38 -10.53 -26.02
C ASP C 173 22.25 -10.08 -27.19
N PHE C 174 21.80 -10.43 -28.39
CA PHE C 174 22.51 -10.13 -29.62
C PHE C 174 21.81 -9.03 -30.43
N TYR C 175 22.15 -7.77 -30.16
CA TYR C 175 21.55 -6.65 -30.89
C TYR C 175 22.30 -6.36 -32.18
N MET C 176 21.56 -6.00 -33.22
CA MET C 176 22.16 -5.66 -34.49
C MET C 176 21.29 -4.68 -35.29
N SER C 177 21.93 -4.04 -36.26
CA SER C 177 21.27 -3.07 -37.13
C SER C 177 20.60 -3.78 -38.30
N ALA C 178 19.77 -3.06 -39.05
CA ALA C 178 19.06 -3.65 -40.19
C ALA C 178 20.01 -4.32 -41.19
N LYS C 179 21.06 -3.60 -41.59
CA LYS C 179 22.03 -4.15 -42.53
C LYS C 179 22.65 -5.41 -41.96
N GLU C 180 22.99 -5.36 -40.68
CA GLU C 180 23.57 -6.51 -40.01
C GLU C 180 22.64 -7.71 -40.04
N ALA C 181 21.36 -7.48 -39.75
CA ALA C 181 20.36 -8.56 -39.74
C ALA C 181 20.26 -9.22 -41.12
N LYS C 182 20.50 -8.42 -42.16
CA LYS C 182 20.43 -8.88 -43.53
C LYS C 182 21.65 -9.76 -43.82
N GLU C 183 22.83 -9.26 -43.43
CA GLU C 183 24.04 -10.02 -43.65
C GLU C 183 23.98 -11.29 -42.81
N TYR C 184 23.31 -11.22 -41.67
CA TYR C 184 23.17 -12.35 -40.76
C TYR C 184 22.14 -13.38 -41.26
N GLY C 185 21.25 -12.95 -42.15
CA GLY C 185 20.26 -13.84 -42.70
C GLY C 185 18.91 -13.84 -42.00
N LEU C 186 18.64 -12.82 -41.19
CA LEU C 186 17.35 -12.76 -40.50
C LEU C 186 16.33 -12.05 -41.37
N ILE C 187 16.82 -11.21 -42.27
CA ILE C 187 15.96 -10.48 -43.21
C ILE C 187 16.56 -10.62 -44.60
N ASP C 188 15.77 -10.31 -45.62
CA ASP C 188 16.22 -10.44 -47.00
C ASP C 188 16.67 -9.11 -47.59
N LYS C 189 15.75 -8.15 -47.60
CA LYS C 189 16.03 -6.84 -48.15
C LYS C 189 15.77 -5.78 -47.08
N VAL C 190 16.45 -4.66 -47.22
CA VAL C 190 16.26 -3.55 -46.31
C VAL C 190 15.71 -2.45 -47.20
N LEU C 191 14.51 -1.97 -46.91
CA LEU C 191 13.92 -0.90 -47.70
C LEU C 191 14.82 0.31 -47.42
N GLN C 192 14.76 1.35 -48.24
CA GLN C 192 15.62 2.50 -47.99
C GLN C 192 15.02 3.85 -48.34
N ASP D 20 -16.33 -6.30 -35.52
CA ASP D 20 -15.44 -7.17 -34.70
C ASP D 20 -14.88 -8.34 -35.51
N ILE D 21 -13.62 -8.66 -35.27
CA ILE D 21 -12.94 -9.74 -35.99
C ILE D 21 -13.37 -11.12 -35.53
N TYR D 22 -13.44 -11.31 -34.21
CA TYR D 22 -13.84 -12.59 -33.64
C TYR D 22 -15.25 -12.94 -34.08
N SER D 23 -16.11 -11.94 -34.16
CA SER D 23 -17.49 -12.15 -34.60
C SER D 23 -17.46 -12.67 -36.04
N ARG D 24 -16.59 -12.08 -36.85
CA ARG D 24 -16.43 -12.47 -38.24
C ARG D 24 -15.98 -13.93 -38.30
N LEU D 25 -15.02 -14.30 -37.46
CA LEU D 25 -14.55 -15.68 -37.44
C LEU D 25 -15.66 -16.62 -36.94
N LEU D 26 -16.56 -16.09 -36.13
CA LEU D 26 -17.67 -16.87 -35.58
C LEU D 26 -18.63 -17.29 -36.69
N LYS D 27 -18.90 -16.35 -37.61
CA LYS D 27 -19.79 -16.61 -38.72
C LYS D 27 -19.25 -17.80 -39.52
N ASP D 28 -17.94 -17.98 -39.49
CA ASP D 28 -17.31 -19.09 -40.18
C ASP D 28 -17.28 -20.28 -39.22
N ARG D 29 -17.91 -20.11 -38.07
CA ARG D 29 -17.99 -21.14 -37.04
C ARG D 29 -16.61 -21.47 -36.45
N ILE D 30 -15.88 -20.43 -36.10
CA ILE D 30 -14.55 -20.59 -35.52
C ILE D 30 -14.50 -19.94 -34.14
N VAL D 31 -14.43 -20.77 -33.10
CA VAL D 31 -14.37 -20.26 -31.73
C VAL D 31 -12.95 -20.35 -31.15
N LEU D 32 -12.47 -19.23 -30.61
CA LEU D 32 -11.13 -19.16 -30.04
C LEU D 32 -11.10 -19.12 -28.52
N LEU D 33 -10.38 -20.07 -27.92
CA LEU D 33 -10.23 -20.14 -26.48
C LEU D 33 -8.77 -19.87 -26.12
N SER D 34 -8.47 -18.65 -25.72
CA SER D 34 -7.09 -18.32 -25.35
C SER D 34 -7.00 -17.67 -23.99
N GLY D 35 -5.93 -17.98 -23.26
CA GLY D 35 -5.74 -17.41 -21.94
C GLY D 35 -6.36 -18.27 -20.87
N GLU D 36 -6.31 -17.81 -19.63
CA GLU D 36 -6.88 -18.55 -18.52
C GLU D 36 -8.36 -18.81 -18.69
N ILE D 37 -8.79 -19.97 -18.19
CA ILE D 37 -10.17 -20.40 -18.25
C ILE D 37 -10.85 -20.19 -16.89
N ASN D 38 -12.06 -19.65 -16.92
CA ASN D 38 -12.84 -19.42 -15.71
C ASN D 38 -14.28 -19.14 -16.08
N ASP D 39 -15.14 -19.03 -15.08
CA ASP D 39 -16.55 -18.78 -15.30
C ASP D 39 -16.84 -17.76 -16.39
N SER D 40 -16.08 -16.68 -16.41
CA SER D 40 -16.25 -15.63 -17.40
C SER D 40 -15.95 -16.12 -18.82
N VAL D 41 -14.79 -16.73 -19.00
CA VAL D 41 -14.39 -17.24 -20.30
C VAL D 41 -15.23 -18.45 -20.73
N ALA D 42 -15.58 -19.29 -19.76
CA ALA D 42 -16.38 -20.48 -20.03
C ALA D 42 -17.80 -20.10 -20.40
N SER D 43 -18.34 -19.10 -19.73
CA SER D 43 -19.69 -18.65 -20.02
C SER D 43 -19.75 -18.14 -21.45
N SER D 44 -18.66 -17.54 -21.91
CA SER D 44 -18.58 -17.00 -23.26
C SER D 44 -18.47 -18.09 -24.31
N ILE D 45 -17.55 -19.01 -24.09
CA ILE D 45 -17.35 -20.10 -25.03
C ILE D 45 -18.61 -20.95 -25.17
N VAL D 46 -19.38 -21.08 -24.09
CA VAL D 46 -20.62 -21.86 -24.15
C VAL D 46 -21.69 -21.06 -24.88
N ALA D 47 -21.72 -19.75 -24.66
CA ALA D 47 -22.70 -18.91 -25.32
C ALA D 47 -22.54 -19.10 -26.83
N GLN D 48 -21.30 -18.96 -27.29
CA GLN D 48 -20.98 -19.12 -28.71
C GLN D 48 -21.28 -20.53 -29.18
N LEU D 49 -20.81 -21.51 -28.41
CA LEU D 49 -21.04 -22.90 -28.75
C LEU D 49 -22.52 -23.17 -29.02
N LEU D 50 -23.37 -22.70 -28.11
CA LEU D 50 -24.81 -22.89 -28.27
C LEU D 50 -25.31 -22.16 -29.51
N PHE D 51 -24.87 -20.92 -29.67
CA PHE D 51 -25.24 -20.10 -30.81
C PHE D 51 -24.90 -20.80 -32.12
N LEU D 52 -23.65 -21.25 -32.25
CA LEU D 52 -23.23 -21.93 -33.47
C LEU D 52 -24.21 -23.02 -33.83
N GLU D 53 -24.86 -23.61 -32.83
CA GLU D 53 -25.83 -24.67 -33.08
C GLU D 53 -27.14 -24.11 -33.66
N ALA D 54 -27.59 -22.97 -33.12
CA ALA D 54 -28.82 -22.34 -33.59
C ALA D 54 -28.74 -22.09 -35.10
N GLU D 55 -27.60 -21.55 -35.55
CA GLU D 55 -27.41 -21.28 -36.96
C GLU D 55 -27.60 -22.56 -37.75
N ASP D 56 -26.71 -23.53 -37.49
CA ASP D 56 -26.74 -24.82 -38.17
C ASP D 56 -26.13 -25.87 -37.23
N PRO D 57 -26.94 -26.85 -36.77
CA PRO D 57 -26.46 -27.89 -35.87
C PRO D 57 -25.88 -29.12 -36.57
N GLU D 58 -25.24 -28.92 -37.72
CA GLU D 58 -24.65 -30.05 -38.45
C GLU D 58 -23.17 -29.85 -38.78
N LYS D 59 -22.81 -28.67 -39.25
CA LYS D 59 -21.41 -28.36 -39.60
C LYS D 59 -20.50 -28.42 -38.37
N ASP D 60 -19.23 -28.77 -38.60
CA ASP D 60 -18.28 -28.83 -37.50
C ASP D 60 -18.13 -27.45 -36.89
N ILE D 61 -17.40 -27.41 -35.77
CA ILE D 61 -17.10 -26.16 -35.11
C ILE D 61 -15.60 -26.27 -34.87
N GLY D 62 -14.89 -25.16 -35.06
CA GLY D 62 -13.45 -25.17 -34.86
C GLY D 62 -13.05 -24.48 -33.59
N LEU D 63 -12.73 -25.27 -32.57
CA LEU D 63 -12.33 -24.71 -31.29
C LEU D 63 -10.81 -24.59 -31.22
N TYR D 64 -10.31 -23.38 -31.42
CA TYR D 64 -8.89 -23.11 -31.35
C TYR D 64 -8.47 -22.91 -29.90
N ILE D 65 -7.47 -23.67 -29.51
CA ILE D 65 -7.00 -23.64 -28.14
C ILE D 65 -5.56 -23.16 -27.94
N ASN D 66 -5.42 -22.08 -27.18
CA ASN D 66 -4.13 -21.52 -26.80
C ASN D 66 -4.38 -21.11 -25.35
N SER D 67 -4.36 -22.11 -24.48
CA SER D 67 -4.63 -21.87 -23.07
C SER D 67 -3.69 -22.58 -22.09
N PRO D 68 -3.36 -21.89 -20.98
CA PRO D 68 -2.49 -22.42 -19.95
C PRO D 68 -3.36 -23.17 -18.95
N GLY D 69 -4.66 -23.15 -19.21
CA GLY D 69 -5.61 -23.81 -18.35
C GLY D 69 -6.44 -22.82 -17.56
N GLY D 70 -7.05 -23.28 -16.48
CA GLY D 70 -7.88 -22.40 -15.65
C GLY D 70 -8.67 -23.16 -14.61
N VAL D 71 -9.76 -22.57 -14.16
CA VAL D 71 -10.64 -23.19 -13.16
C VAL D 71 -11.20 -24.48 -13.75
N ILE D 72 -11.37 -25.50 -12.89
CA ILE D 72 -11.87 -26.78 -13.36
C ILE D 72 -13.35 -26.83 -13.72
N THR D 73 -14.23 -26.47 -12.79
CA THR D 73 -15.65 -26.55 -13.09
C THR D 73 -15.98 -25.78 -14.34
N SER D 74 -15.20 -24.74 -14.61
CA SER D 74 -15.42 -23.95 -15.81
C SER D 74 -15.00 -24.78 -17.02
N GLY D 75 -13.87 -25.46 -16.90
CA GLY D 75 -13.40 -26.29 -17.99
C GLY D 75 -14.41 -27.39 -18.31
N LEU D 76 -14.93 -28.02 -17.27
CA LEU D 76 -15.91 -29.09 -17.43
C LEU D 76 -17.21 -28.58 -18.03
N SER D 77 -17.59 -27.33 -17.74
CA SER D 77 -18.83 -26.82 -18.28
C SER D 77 -18.69 -26.66 -19.79
N ILE D 78 -17.49 -26.29 -20.23
CA ILE D 78 -17.22 -26.12 -21.65
C ILE D 78 -17.26 -27.52 -22.27
N TYR D 79 -16.61 -28.46 -21.61
CA TYR D 79 -16.56 -29.84 -22.06
C TYR D 79 -17.95 -30.46 -22.21
N ASP D 80 -18.79 -30.32 -21.19
CA ASP D 80 -20.13 -30.88 -21.26
C ASP D 80 -20.94 -30.23 -22.36
N THR D 81 -20.63 -28.98 -22.69
CA THR D 81 -21.36 -28.29 -23.75
C THR D 81 -20.90 -28.83 -25.10
N MET D 82 -19.61 -29.13 -25.20
CA MET D 82 -19.08 -29.68 -26.44
C MET D 82 -19.81 -30.97 -26.83
N ASN D 83 -20.04 -31.85 -25.86
CA ASN D 83 -20.75 -33.11 -26.14
C ASN D 83 -22.27 -32.94 -26.16
N PHE D 84 -22.75 -31.92 -25.45
CA PHE D 84 -24.18 -31.62 -25.34
C PHE D 84 -24.79 -31.09 -26.62
N ILE D 85 -24.04 -30.28 -27.37
CA ILE D 85 -24.55 -29.74 -28.63
C ILE D 85 -24.54 -30.78 -29.73
N ARG D 86 -25.40 -30.57 -30.71
CA ARG D 86 -25.54 -31.49 -31.83
C ARG D 86 -24.34 -31.57 -32.79
N PRO D 87 -23.69 -30.43 -33.10
CA PRO D 87 -22.56 -30.49 -34.01
C PRO D 87 -21.26 -31.04 -33.41
N ASP D 88 -20.27 -31.30 -34.26
CA ASP D 88 -18.96 -31.81 -33.86
C ASP D 88 -18.01 -30.66 -33.52
N VAL D 89 -17.49 -30.65 -32.30
CA VAL D 89 -16.56 -29.60 -31.88
C VAL D 89 -15.11 -30.09 -32.01
N SER D 90 -14.49 -29.74 -33.13
CA SER D 90 -13.11 -30.13 -33.38
C SER D 90 -12.23 -29.21 -32.57
N THR D 91 -11.05 -29.68 -32.21
CA THR D 91 -10.12 -28.86 -31.45
C THR D 91 -8.78 -28.68 -32.17
N ILE D 92 -8.30 -27.45 -32.20
CA ILE D 92 -7.02 -27.16 -32.83
C ILE D 92 -6.14 -26.47 -31.79
N CYS D 93 -5.01 -27.09 -31.47
CA CYS D 93 -4.09 -26.53 -30.50
C CYS D 93 -3.10 -25.61 -31.20
N ILE D 94 -2.94 -24.41 -30.69
CA ILE D 94 -2.00 -23.44 -31.26
C ILE D 94 -1.28 -22.82 -30.08
N GLY D 95 0.03 -22.64 -30.18
CA GLY D 95 0.75 -22.07 -29.05
C GLY D 95 0.82 -23.14 -27.99
N GLN D 96 -0.24 -23.31 -27.20
CA GLN D 96 -0.27 -24.36 -26.19
C GLN D 96 -1.62 -24.71 -25.56
N ALA D 97 -1.65 -25.89 -24.94
CA ALA D 97 -2.82 -26.39 -24.24
C ALA D 97 -2.25 -27.25 -23.12
N ALA D 98 -2.19 -26.66 -21.92
CA ALA D 98 -1.68 -27.34 -20.74
C ALA D 98 -2.79 -27.40 -19.71
N ALA D 99 -2.68 -28.34 -18.78
CA ALA D 99 -3.71 -28.49 -17.76
C ALA D 99 -5.10 -28.60 -18.41
N MET D 100 -6.09 -27.97 -17.81
CA MET D 100 -7.45 -28.00 -18.32
C MET D 100 -7.48 -27.69 -19.80
N GLY D 101 -6.42 -27.03 -20.27
CA GLY D 101 -6.32 -26.70 -21.69
C GLY D 101 -6.10 -27.94 -22.52
N ALA D 102 -5.27 -28.86 -22.04
CA ALA D 102 -4.98 -30.09 -22.76
C ALA D 102 -6.20 -31.02 -22.66
N PHE D 103 -6.88 -30.97 -21.52
CA PHE D 103 -8.06 -31.77 -21.28
C PHE D 103 -9.11 -31.51 -22.38
N LEU D 104 -9.43 -30.25 -22.60
CA LEU D 104 -10.42 -29.86 -23.61
C LEU D 104 -9.97 -30.29 -25.00
N LEU D 105 -8.69 -30.19 -25.25
CA LEU D 105 -8.12 -30.57 -26.54
C LEU D 105 -8.44 -32.05 -26.77
N SER D 106 -8.15 -32.88 -25.79
CA SER D 106 -8.38 -34.31 -25.90
C SER D 106 -9.87 -34.72 -25.86
N CYS D 107 -10.76 -33.74 -25.77
CA CYS D 107 -12.20 -34.00 -25.74
C CYS D 107 -12.88 -33.55 -27.02
N GLY D 108 -12.08 -33.21 -28.01
CA GLY D 108 -12.64 -32.79 -29.28
C GLY D 108 -13.26 -34.03 -29.91
N ALA D 109 -14.11 -33.83 -30.91
CA ALA D 109 -14.75 -34.96 -31.58
C ALA D 109 -13.67 -35.99 -31.91
N LYS D 110 -13.98 -37.26 -31.66
CA LYS D 110 -13.02 -38.33 -31.91
C LYS D 110 -12.55 -38.22 -33.36
N GLY D 111 -11.24 -38.15 -33.56
CA GLY D 111 -10.72 -38.04 -34.92
C GLY D 111 -10.45 -36.63 -35.42
N LYS D 112 -11.16 -35.64 -34.88
CA LYS D 112 -10.95 -34.26 -35.30
C LYS D 112 -10.14 -33.44 -34.30
N ARG D 113 -9.24 -34.10 -33.57
CA ARG D 113 -8.40 -33.40 -32.61
C ARG D 113 -7.07 -33.09 -33.27
N PHE D 114 -6.85 -31.82 -33.57
CA PHE D 114 -5.63 -31.42 -34.25
C PHE D 114 -4.69 -30.56 -33.42
N SER D 115 -3.50 -30.37 -33.98
CA SER D 115 -2.47 -29.56 -33.34
C SER D 115 -1.55 -29.04 -34.43
N LEU D 116 -1.01 -27.85 -34.20
CA LEU D 116 -0.08 -27.27 -35.14
C LEU D 116 1.28 -27.87 -34.74
N PRO D 117 2.24 -27.87 -35.67
CA PRO D 117 3.58 -28.42 -35.47
C PRO D 117 4.37 -28.05 -34.21
N HIS D 118 4.48 -26.76 -33.89
CA HIS D 118 5.28 -26.37 -32.74
C HIS D 118 4.53 -26.11 -31.46
N SER D 119 3.33 -26.67 -31.35
CA SER D 119 2.51 -26.47 -30.15
C SER D 119 2.98 -27.36 -29.02
N ARG D 120 2.69 -26.95 -27.78
CA ARG D 120 3.09 -27.70 -26.60
C ARG D 120 1.84 -28.16 -25.90
N ILE D 121 1.82 -29.42 -25.47
CA ILE D 121 0.68 -30.00 -24.76
C ILE D 121 1.17 -30.54 -23.42
N MET D 122 0.53 -30.12 -22.34
CA MET D 122 0.94 -30.59 -21.01
C MET D 122 -0.27 -30.96 -20.16
N ILE D 123 -0.20 -32.12 -19.54
CA ILE D 123 -1.27 -32.60 -18.67
C ILE D 123 -0.76 -32.72 -17.24
N HIS D 124 -1.68 -32.66 -16.27
CA HIS D 124 -1.30 -32.75 -14.88
C HIS D 124 -2.48 -33.14 -14.00
N GLN D 125 -2.28 -33.07 -12.69
CA GLN D 125 -3.35 -33.37 -11.76
C GLN D 125 -3.84 -32.00 -11.27
N PRO D 126 -5.10 -31.91 -10.82
CA PRO D 126 -5.64 -30.64 -10.34
C PRO D 126 -4.95 -29.97 -9.14
N LEU D 127 -4.99 -28.64 -9.15
CA LEU D 127 -4.40 -27.80 -8.10
C LEU D 127 -5.51 -27.17 -7.28
N GLY D 128 -5.17 -26.64 -6.12
CA GLY D 128 -6.19 -26.00 -5.31
C GLY D 128 -5.74 -25.64 -3.91
N GLY D 129 -6.72 -25.39 -3.04
CA GLY D 129 -6.40 -25.03 -1.67
C GLY D 129 -7.60 -25.19 -0.76
N ALA D 130 -7.38 -25.09 0.56
CA ALA D 130 -8.44 -25.22 1.55
C ALA D 130 -8.03 -24.62 2.90
N GLN D 131 -8.97 -23.97 3.56
CA GLN D 131 -8.71 -23.38 4.87
C GLN D 131 -9.88 -23.76 5.76
N GLY D 132 -9.71 -23.62 7.07
CA GLY D 132 -10.79 -23.93 7.98
C GLY D 132 -10.57 -25.13 8.88
N GLN D 133 -11.63 -25.54 9.55
CA GLN D 133 -11.56 -26.67 10.46
C GLN D 133 -11.16 -27.94 9.74
N ALA D 134 -10.46 -28.80 10.46
CA ALA D 134 -9.98 -30.06 9.94
C ALA D 134 -11.04 -30.77 9.09
N SER D 135 -12.26 -30.86 9.60
CA SER D 135 -13.29 -31.55 8.84
C SER D 135 -13.69 -30.81 7.55
N ASP D 136 -13.43 -29.51 7.49
CA ASP D 136 -13.74 -28.77 6.28
C ASP D 136 -12.69 -29.14 5.25
N ILE D 137 -11.44 -29.22 5.70
CA ILE D 137 -10.33 -29.57 4.82
C ILE D 137 -10.54 -30.96 4.22
N GLU D 138 -10.92 -31.92 5.05
CA GLU D 138 -11.16 -33.28 4.56
C GLU D 138 -12.22 -33.23 3.47
N ILE D 139 -13.27 -32.43 3.68
CA ILE D 139 -14.31 -32.34 2.69
C ILE D 139 -13.77 -31.80 1.38
N ILE D 140 -13.05 -30.69 1.46
CA ILE D 140 -12.49 -30.08 0.26
C ILE D 140 -11.50 -31.03 -0.41
N SER D 141 -10.70 -31.70 0.40
CA SER D 141 -9.71 -32.62 -0.14
C SER D 141 -10.39 -33.72 -0.95
N ASN D 142 -11.43 -34.32 -0.39
CA ASN D 142 -12.12 -35.39 -1.11
C ASN D 142 -12.71 -34.94 -2.44
N GLU D 143 -13.26 -33.73 -2.49
CA GLU D 143 -13.84 -33.20 -3.71
C GLU D 143 -12.74 -32.99 -4.75
N ILE D 144 -11.56 -32.58 -4.28
CA ILE D 144 -10.40 -32.35 -5.14
C ILE D 144 -9.90 -33.68 -5.70
N LEU D 145 -9.97 -34.73 -4.88
CA LEU D 145 -9.57 -36.06 -5.30
C LEU D 145 -10.60 -36.68 -6.22
N ARG D 146 -11.89 -36.50 -5.92
CA ARG D 146 -12.92 -37.06 -6.76
C ARG D 146 -12.90 -36.35 -8.11
N LEU D 147 -12.54 -35.06 -8.12
CA LEU D 147 -12.42 -34.35 -9.40
C LEU D 147 -11.21 -34.92 -10.13
N LYS D 148 -10.09 -35.03 -9.42
CA LYS D 148 -8.88 -35.61 -10.00
C LYS D 148 -9.23 -36.94 -10.69
N GLY D 149 -10.01 -37.78 -10.01
CA GLY D 149 -10.39 -39.05 -10.57
C GLY D 149 -11.22 -38.93 -11.83
N LEU D 150 -12.24 -38.07 -11.78
CA LEU D 150 -13.10 -37.87 -12.93
C LEU D 150 -12.21 -37.46 -14.10
N MET D 151 -11.29 -36.54 -13.81
CA MET D 151 -10.34 -36.02 -14.78
C MET D 151 -9.51 -37.14 -15.43
N ASN D 152 -8.83 -37.93 -14.61
CA ASN D 152 -8.00 -39.03 -15.11
C ASN D 152 -8.75 -39.98 -16.01
N SER D 153 -9.93 -40.40 -15.58
CA SER D 153 -10.75 -41.33 -16.37
C SER D 153 -11.02 -40.79 -17.77
N ILE D 154 -11.65 -39.62 -17.84
CA ILE D 154 -11.96 -38.98 -19.11
C ILE D 154 -10.68 -38.81 -19.93
N LEU D 155 -9.62 -38.42 -19.24
CA LEU D 155 -8.34 -38.19 -19.88
C LEU D 155 -7.58 -39.50 -20.13
N ALA D 156 -8.30 -40.60 -20.18
CA ALA D 156 -7.70 -41.91 -20.45
C ALA D 156 -8.59 -42.52 -21.51
N GLN D 157 -9.88 -42.27 -21.35
CA GLN D 157 -10.89 -42.75 -22.26
C GLN D 157 -10.74 -42.06 -23.60
N ASN D 158 -10.27 -40.82 -23.58
CA ASN D 158 -10.07 -40.03 -24.81
C ASN D 158 -8.76 -40.41 -25.49
N SER D 159 -7.76 -40.71 -24.67
CA SER D 159 -6.41 -41.04 -25.15
C SER D 159 -6.17 -42.49 -25.53
N GLY D 160 -6.80 -43.41 -24.82
CA GLY D 160 -6.60 -44.82 -25.09
C GLY D 160 -5.63 -45.37 -24.07
N GLN D 161 -5.24 -44.51 -23.13
CA GLN D 161 -4.32 -44.89 -22.07
C GLN D 161 -5.11 -45.54 -20.94
N SER D 162 -4.40 -46.15 -20.00
CA SER D 162 -5.08 -46.78 -18.88
C SER D 162 -5.16 -45.79 -17.72
N LEU D 163 -6.06 -46.07 -16.79
CA LEU D 163 -6.23 -45.21 -15.64
C LEU D 163 -4.90 -45.03 -14.92
N GLU D 164 -4.24 -46.13 -14.59
CA GLU D 164 -2.97 -46.02 -13.87
C GLU D 164 -1.87 -45.40 -14.73
N GLN D 165 -1.97 -45.53 -16.04
CA GLN D 165 -0.96 -44.94 -16.91
C GLN D 165 -1.11 -43.41 -16.84
N ILE D 166 -2.34 -42.94 -17.05
CA ILE D 166 -2.62 -41.51 -17.01
C ILE D 166 -2.40 -40.97 -15.62
N ALA D 167 -2.56 -41.82 -14.62
CA ALA D 167 -2.36 -41.44 -13.23
C ALA D 167 -0.87 -41.20 -12.93
N LYS D 168 -0.01 -42.11 -13.38
CA LYS D 168 1.43 -41.97 -13.15
C LYS D 168 2.01 -40.78 -13.91
N ASP D 169 1.53 -40.58 -15.13
CA ASP D 169 2.04 -39.51 -15.96
C ASP D 169 1.63 -38.10 -15.52
N THR D 170 0.40 -37.96 -15.03
CA THR D 170 -0.07 -36.66 -14.59
C THR D 170 0.29 -36.34 -13.13
N ASP D 171 1.11 -37.18 -12.51
CA ASP D 171 1.51 -36.91 -11.12
C ASP D 171 2.23 -35.56 -11.04
N ARG D 172 2.92 -35.20 -12.12
CA ARG D 172 3.60 -33.91 -12.20
C ARG D 172 3.38 -33.37 -13.59
N ASP D 173 3.75 -32.11 -13.84
CA ASP D 173 3.54 -31.54 -15.17
C ASP D 173 4.19 -32.44 -16.20
N PHE D 174 3.42 -32.86 -17.19
CA PHE D 174 3.91 -33.75 -18.24
C PHE D 174 3.80 -33.05 -19.60
N TYR D 175 4.92 -32.45 -20.02
CA TYR D 175 5.00 -31.71 -21.28
C TYR D 175 5.34 -32.54 -22.53
N MET D 176 4.50 -32.48 -23.55
CA MET D 176 4.71 -33.21 -24.79
C MET D 176 4.66 -32.26 -25.98
N SER D 177 5.13 -32.75 -27.12
CA SER D 177 5.12 -31.96 -28.36
C SER D 177 3.91 -32.40 -29.17
N ALA D 178 3.64 -31.70 -30.26
CA ALA D 178 2.50 -32.04 -31.12
C ALA D 178 2.56 -33.54 -31.40
N LYS D 179 3.63 -34.00 -32.03
CA LYS D 179 3.79 -35.41 -32.35
C LYS D 179 3.69 -36.32 -31.13
N GLU D 180 4.22 -35.87 -30.00
CA GLU D 180 4.16 -36.70 -28.80
C GLU D 180 2.72 -36.91 -28.34
N ALA D 181 1.94 -35.84 -28.31
CA ALA D 181 0.54 -35.92 -27.88
C ALA D 181 -0.26 -36.91 -28.72
N LYS D 182 0.04 -36.98 -30.01
CA LYS D 182 -0.64 -37.89 -30.92
C LYS D 182 -0.22 -39.31 -30.58
N GLU D 183 1.08 -39.53 -30.48
CA GLU D 183 1.58 -40.85 -30.13
C GLU D 183 0.92 -41.28 -28.83
N TYR D 184 0.61 -40.30 -27.99
CA TYR D 184 0.00 -40.56 -26.69
C TYR D 184 -1.50 -40.79 -26.79
N GLY D 185 -2.15 -40.14 -27.75
CA GLY D 185 -3.58 -40.30 -27.92
C GLY D 185 -4.38 -39.03 -27.64
N LEU D 186 -3.71 -37.97 -27.19
CA LEU D 186 -4.37 -36.71 -26.90
C LEU D 186 -4.95 -36.08 -28.16
N ILE D 187 -4.22 -36.16 -29.27
CA ILE D 187 -4.72 -35.62 -30.53
C ILE D 187 -4.71 -36.73 -31.57
N ASP D 188 -5.23 -36.42 -32.76
CA ASP D 188 -5.31 -37.40 -33.84
C ASP D 188 -4.29 -37.13 -34.94
N LYS D 189 -4.27 -35.91 -35.46
CA LYS D 189 -3.32 -35.54 -36.51
C LYS D 189 -2.68 -34.19 -36.22
N VAL D 190 -1.40 -34.08 -36.55
CA VAL D 190 -0.67 -32.83 -36.36
C VAL D 190 -0.68 -32.17 -37.73
N LEU D 191 -1.46 -31.10 -37.89
CA LEU D 191 -1.55 -30.40 -39.16
C LEU D 191 -0.24 -29.69 -39.46
N GLN D 192 0.73 -30.43 -39.98
CA GLN D 192 2.03 -29.87 -40.32
C GLN D 192 2.26 -29.70 -41.82
N ASP E 20 -24.80 -8.44 -30.05
CA ASP E 20 -24.32 -9.10 -28.80
C ASP E 20 -24.67 -10.59 -28.84
N ILE E 21 -23.77 -11.43 -28.34
CA ILE E 21 -23.97 -12.88 -28.31
C ILE E 21 -25.00 -13.36 -27.28
N TYR E 22 -24.90 -12.86 -26.05
CA TYR E 22 -25.83 -13.25 -25.01
C TYR E 22 -27.23 -12.79 -25.37
N SER E 23 -27.32 -11.61 -26.00
CA SER E 23 -28.60 -11.08 -26.41
C SER E 23 -29.22 -12.03 -27.42
N ARG E 24 -28.46 -12.42 -28.43
CA ARG E 24 -28.95 -13.31 -29.46
C ARG E 24 -29.46 -14.61 -28.85
N LEU E 25 -28.87 -15.02 -27.73
CA LEU E 25 -29.31 -16.24 -27.07
C LEU E 25 -30.59 -15.96 -26.29
N LEU E 26 -30.76 -14.73 -25.85
CA LEU E 26 -31.95 -14.36 -25.09
C LEU E 26 -33.19 -14.44 -25.96
N LYS E 27 -32.97 -14.47 -27.27
CA LYS E 27 -34.05 -14.53 -28.24
C LYS E 27 -34.58 -15.96 -28.34
N ASP E 28 -34.02 -16.87 -27.55
CA ASP E 28 -34.47 -18.27 -27.54
C ASP E 28 -35.00 -18.61 -26.16
N ARG E 29 -35.12 -17.60 -25.31
CA ARG E 29 -35.59 -17.83 -23.96
C ARG E 29 -34.53 -18.64 -23.21
N ILE E 30 -33.28 -18.22 -23.40
CA ILE E 30 -32.13 -18.83 -22.77
C ILE E 30 -31.43 -17.76 -21.94
N VAL E 31 -31.50 -17.88 -20.62
CA VAL E 31 -30.83 -16.92 -19.74
C VAL E 31 -29.63 -17.61 -19.05
N LEU E 32 -28.50 -16.90 -18.98
CA LEU E 32 -27.31 -17.47 -18.35
C LEU E 32 -26.93 -16.86 -17.02
N LEU E 33 -26.95 -17.67 -15.96
CA LEU E 33 -26.55 -17.16 -14.65
C LEU E 33 -25.16 -17.73 -14.40
N SER E 34 -24.16 -16.87 -14.59
CA SER E 34 -22.76 -17.25 -14.41
C SER E 34 -22.07 -16.37 -13.37
N GLY E 35 -21.20 -16.97 -12.56
CA GLY E 35 -20.48 -16.22 -11.55
C GLY E 35 -21.22 -16.06 -10.24
N GLU E 36 -20.67 -15.26 -9.34
CA GLU E 36 -21.27 -15.04 -8.03
C GLU E 36 -22.55 -14.22 -8.14
N ILE E 37 -23.49 -14.52 -7.26
CA ILE E 37 -24.77 -13.83 -7.25
C ILE E 37 -24.75 -12.68 -6.28
N ASN E 38 -25.16 -11.50 -6.77
CA ASN E 38 -25.24 -10.30 -5.96
C ASN E 38 -26.44 -9.49 -6.48
N ASP E 39 -26.88 -8.48 -5.73
CA ASP E 39 -28.04 -7.70 -6.14
C ASP E 39 -27.94 -7.19 -7.59
N SER E 40 -26.70 -7.09 -8.07
CA SER E 40 -26.40 -6.62 -9.42
C SER E 40 -26.78 -7.68 -10.44
N VAL E 41 -26.16 -8.86 -10.32
CA VAL E 41 -26.43 -9.99 -11.20
C VAL E 41 -27.91 -10.37 -11.12
N ALA E 42 -28.40 -10.42 -9.88
CA ALA E 42 -29.78 -10.80 -9.63
C ALA E 42 -30.77 -9.84 -10.30
N SER E 43 -30.35 -8.60 -10.44
CA SER E 43 -31.17 -7.56 -11.06
C SER E 43 -31.24 -7.80 -12.57
N SER E 44 -30.15 -8.34 -13.12
CA SER E 44 -30.05 -8.65 -14.53
C SER E 44 -30.91 -9.86 -14.93
N ILE E 45 -30.91 -10.88 -14.07
CA ILE E 45 -31.69 -12.10 -14.29
C ILE E 45 -33.19 -11.84 -14.20
N VAL E 46 -33.61 -11.07 -13.21
CA VAL E 46 -35.03 -10.73 -13.05
C VAL E 46 -35.49 -9.93 -14.26
N ALA E 47 -34.68 -8.96 -14.66
CA ALA E 47 -35.01 -8.13 -15.81
C ALA E 47 -35.23 -9.05 -17.02
N GLN E 48 -34.47 -10.13 -17.09
CA GLN E 48 -34.58 -11.08 -18.18
C GLN E 48 -35.78 -11.99 -18.02
N LEU E 49 -36.02 -12.47 -16.80
CA LEU E 49 -37.17 -13.32 -16.57
C LEU E 49 -38.42 -12.47 -16.80
N LEU E 50 -38.31 -11.18 -16.51
CA LEU E 50 -39.43 -10.27 -16.71
C LEU E 50 -39.67 -9.99 -18.19
N PHE E 51 -38.58 -9.77 -18.93
CA PHE E 51 -38.66 -9.51 -20.36
C PHE E 51 -39.29 -10.71 -21.08
N LEU E 52 -38.68 -11.87 -20.89
CA LEU E 52 -39.16 -13.09 -21.51
C LEU E 52 -40.66 -13.30 -21.35
N GLU E 53 -41.19 -12.89 -20.20
CA GLU E 53 -42.62 -13.03 -19.96
C GLU E 53 -43.38 -12.00 -20.78
N ALA E 54 -42.84 -10.79 -20.82
CA ALA E 54 -43.43 -9.68 -21.55
C ALA E 54 -43.44 -9.96 -23.04
N GLU E 55 -42.87 -11.09 -23.42
CA GLU E 55 -42.80 -11.46 -24.83
C GLU E 55 -43.59 -12.74 -25.10
N ASP E 56 -43.88 -13.48 -24.04
CA ASP E 56 -44.63 -14.73 -24.16
C ASP E 56 -44.69 -15.37 -22.78
N PRO E 57 -45.86 -15.29 -22.10
CA PRO E 57 -46.03 -15.86 -20.77
C PRO E 57 -46.38 -17.34 -20.77
N GLU E 58 -46.25 -17.97 -21.94
CA GLU E 58 -46.55 -19.39 -22.05
C GLU E 58 -45.41 -20.32 -22.44
N LYS E 59 -44.39 -19.78 -23.12
CA LYS E 59 -43.23 -20.59 -23.51
C LYS E 59 -42.26 -20.77 -22.36
N ASP E 60 -41.84 -22.00 -22.10
CA ASP E 60 -40.89 -22.27 -21.03
C ASP E 60 -39.68 -21.37 -21.17
N ILE E 61 -39.00 -21.11 -20.06
CA ILE E 61 -37.80 -20.29 -20.07
C ILE E 61 -36.64 -21.22 -19.71
N GLY E 62 -35.47 -20.96 -20.27
CA GLY E 62 -34.31 -21.80 -19.98
C GLY E 62 -33.20 -21.08 -19.24
N LEU E 63 -33.07 -21.38 -17.94
CA LEU E 63 -32.05 -20.75 -17.09
C LEU E 63 -30.83 -21.64 -16.79
N TYR E 64 -29.74 -21.41 -17.51
CA TYR E 64 -28.50 -22.18 -17.31
C TYR E 64 -27.72 -21.63 -16.12
N ILE E 65 -27.34 -22.50 -15.19
CA ILE E 65 -26.61 -22.03 -14.02
C ILE E 65 -25.21 -22.60 -13.80
N ASN E 66 -24.26 -21.70 -13.62
CA ASN E 66 -22.87 -22.05 -13.34
C ASN E 66 -22.44 -21.00 -12.31
N SER E 67 -22.81 -21.23 -11.07
CA SER E 67 -22.45 -20.29 -10.02
C SER E 67 -21.95 -20.97 -8.74
N PRO E 68 -21.01 -20.31 -8.05
CA PRO E 68 -20.46 -20.85 -6.80
C PRO E 68 -21.38 -20.39 -5.66
N GLY E 69 -22.41 -19.64 -6.01
CA GLY E 69 -23.36 -19.13 -5.05
C GLY E 69 -23.38 -17.61 -5.02
N GLY E 70 -23.89 -17.04 -3.92
CA GLY E 70 -23.92 -15.58 -3.83
C GLY E 70 -24.54 -15.05 -2.55
N VAL E 71 -25.13 -13.87 -2.66
CA VAL E 71 -25.80 -13.20 -1.56
C VAL E 71 -27.15 -13.90 -1.45
N ILE E 72 -27.61 -14.15 -0.24
CA ILE E 72 -28.89 -14.85 -0.10
C ILE E 72 -30.13 -14.10 -0.57
N THR E 73 -30.38 -12.92 -0.02
CA THR E 73 -31.56 -12.15 -0.41
C THR E 73 -31.56 -11.94 -1.92
N SER E 74 -30.38 -11.79 -2.51
CA SER E 74 -30.26 -11.60 -3.95
C SER E 74 -30.72 -12.85 -4.68
N GLY E 75 -30.31 -14.01 -4.18
CA GLY E 75 -30.72 -15.24 -4.80
C GLY E 75 -32.21 -15.39 -4.62
N LEU E 76 -32.72 -14.96 -3.47
CA LEU E 76 -34.14 -15.05 -3.17
C LEU E 76 -35.00 -14.24 -4.13
N SER E 77 -34.45 -13.13 -4.62
CA SER E 77 -35.20 -12.31 -5.56
C SER E 77 -35.45 -13.12 -6.84
N ILE E 78 -34.39 -13.73 -7.37
CA ILE E 78 -34.53 -14.53 -8.58
C ILE E 78 -35.56 -15.64 -8.34
N TYR E 79 -35.42 -16.36 -7.22
CA TYR E 79 -36.36 -17.45 -6.90
C TYR E 79 -37.81 -16.97 -6.89
N ASP E 80 -38.11 -15.93 -6.13
CA ASP E 80 -39.48 -15.43 -6.08
C ASP E 80 -39.94 -14.99 -7.47
N THR E 81 -39.01 -14.47 -8.25
CA THR E 81 -39.34 -14.03 -9.60
C THR E 81 -39.78 -15.18 -10.50
N MET E 82 -39.03 -16.29 -10.46
CA MET E 82 -39.34 -17.45 -11.27
C MET E 82 -40.78 -17.95 -11.09
N ASN E 83 -41.26 -17.94 -9.85
CA ASN E 83 -42.62 -18.38 -9.53
C ASN E 83 -43.62 -17.24 -9.81
N PHE E 84 -43.14 -16.00 -9.66
CA PHE E 84 -43.95 -14.81 -9.87
C PHE E 84 -44.46 -14.72 -11.30
N ILE E 85 -43.60 -15.07 -12.26
CA ILE E 85 -44.00 -15.03 -13.66
C ILE E 85 -44.86 -16.25 -14.00
N ARG E 86 -45.42 -16.28 -15.21
CA ARG E 86 -46.29 -17.38 -15.62
C ARG E 86 -45.56 -18.56 -16.27
N PRO E 87 -44.61 -18.28 -17.19
CA PRO E 87 -43.89 -19.38 -17.84
C PRO E 87 -43.03 -20.19 -16.87
N ASP E 88 -42.79 -21.46 -17.20
CA ASP E 88 -41.97 -22.33 -16.38
C ASP E 88 -40.48 -22.06 -16.59
N VAL E 89 -39.76 -21.86 -15.49
CA VAL E 89 -38.35 -21.61 -15.60
C VAL E 89 -37.61 -22.91 -15.40
N SER E 90 -37.16 -23.49 -16.51
CA SER E 90 -36.42 -24.73 -16.45
C SER E 90 -34.96 -24.43 -16.07
N THR E 91 -34.47 -25.06 -15.00
CA THR E 91 -33.09 -24.83 -14.57
C THR E 91 -32.13 -25.89 -15.12
N ILE E 92 -31.06 -25.43 -15.78
CA ILE E 92 -30.08 -26.35 -16.37
C ILE E 92 -28.69 -26.11 -15.78
N CYS E 93 -28.18 -27.09 -15.04
CA CYS E 93 -26.87 -26.98 -14.42
C CYS E 93 -25.71 -27.23 -15.40
N ILE E 94 -24.68 -26.38 -15.33
CA ILE E 94 -23.47 -26.50 -16.18
C ILE E 94 -22.27 -25.99 -15.40
N GLY E 95 -21.22 -26.79 -15.33
CA GLY E 95 -20.05 -26.38 -14.56
C GLY E 95 -20.36 -26.72 -13.11
N GLN E 96 -21.18 -25.90 -12.46
CA GLN E 96 -21.56 -26.17 -11.09
C GLN E 96 -22.66 -25.24 -10.54
N ALA E 97 -23.39 -25.77 -9.54
CA ALA E 97 -24.45 -25.04 -8.88
C ALA E 97 -24.18 -25.20 -7.38
N ALA E 98 -23.38 -24.27 -6.84
CA ALA E 98 -23.03 -24.29 -5.43
C ALA E 98 -23.72 -23.18 -4.65
N ALA E 99 -23.91 -23.44 -3.36
CA ALA E 99 -24.56 -22.50 -2.45
C ALA E 99 -25.90 -22.06 -3.03
N MET E 100 -26.13 -20.75 -3.06
CA MET E 100 -27.38 -20.21 -3.57
C MET E 100 -27.66 -20.75 -4.98
N GLY E 101 -26.59 -21.07 -5.72
CA GLY E 101 -26.74 -21.59 -7.06
C GLY E 101 -27.47 -22.93 -7.10
N ALA E 102 -27.12 -23.83 -6.17
CA ALA E 102 -27.76 -25.13 -6.11
C ALA E 102 -29.25 -24.92 -5.77
N PHE E 103 -29.50 -23.96 -4.89
CA PHE E 103 -30.84 -23.61 -4.42
C PHE E 103 -31.74 -23.31 -5.60
N LEU E 104 -31.28 -22.42 -6.46
CA LEU E 104 -32.05 -22.05 -7.62
C LEU E 104 -32.22 -23.27 -8.51
N LEU E 105 -31.15 -24.04 -8.69
CA LEU E 105 -31.20 -25.25 -9.48
C LEU E 105 -32.43 -26.04 -9.06
N SER E 106 -32.57 -26.25 -7.76
CA SER E 106 -33.71 -26.98 -7.22
C SER E 106 -35.02 -26.20 -7.30
N CYS E 107 -34.92 -24.88 -7.43
CA CYS E 107 -36.12 -24.07 -7.49
C CYS E 107 -36.73 -23.99 -8.89
N GLY E 108 -36.30 -24.89 -9.76
CA GLY E 108 -36.80 -24.89 -11.12
C GLY E 108 -38.12 -25.63 -11.20
N ALA E 109 -38.85 -25.39 -12.29
CA ALA E 109 -40.14 -26.02 -12.53
C ALA E 109 -40.03 -27.54 -12.41
N LYS E 110 -40.88 -28.14 -11.58
CA LYS E 110 -40.88 -29.59 -11.38
C LYS E 110 -40.86 -30.34 -12.70
N GLY E 111 -39.95 -31.31 -12.81
CA GLY E 111 -39.83 -32.09 -14.03
C GLY E 111 -38.96 -31.42 -15.06
N LYS E 112 -38.55 -30.19 -14.79
CA LYS E 112 -37.71 -29.46 -15.73
C LYS E 112 -36.39 -28.97 -15.13
N ARG E 113 -35.88 -29.73 -14.17
CA ARG E 113 -34.61 -29.39 -13.56
C ARG E 113 -33.60 -30.36 -14.16
N PHE E 114 -32.60 -29.79 -14.84
CA PHE E 114 -31.59 -30.58 -15.49
C PHE E 114 -30.17 -30.19 -15.10
N SER E 115 -29.25 -31.11 -15.36
CA SER E 115 -27.84 -30.92 -15.10
C SER E 115 -27.13 -31.72 -16.19
N LEU E 116 -25.94 -31.27 -16.58
CA LEU E 116 -25.18 -32.01 -17.59
C LEU E 116 -24.41 -33.08 -16.83
N PRO E 117 -23.96 -34.13 -17.52
CA PRO E 117 -23.23 -35.25 -16.91
C PRO E 117 -22.14 -34.94 -15.88
N HIS E 118 -21.26 -34.01 -16.19
CA HIS E 118 -20.13 -33.69 -15.30
C HIS E 118 -20.25 -32.45 -14.42
N SER E 119 -21.45 -31.91 -14.27
CA SER E 119 -21.63 -30.73 -13.45
C SER E 119 -21.59 -31.15 -11.98
N ARG E 120 -21.05 -30.28 -11.13
CA ARG E 120 -20.98 -30.55 -9.69
C ARG E 120 -22.01 -29.64 -9.03
N ILE E 121 -22.80 -30.18 -8.11
CA ILE E 121 -23.79 -29.38 -7.40
C ILE E 121 -23.34 -29.43 -5.97
N MET E 122 -23.70 -28.43 -5.17
CA MET E 122 -23.29 -28.41 -3.77
C MET E 122 -24.19 -27.54 -2.92
N ILE E 123 -24.64 -28.09 -1.80
CA ILE E 123 -25.52 -27.36 -0.90
C ILE E 123 -24.87 -27.23 0.46
N HIS E 124 -25.20 -26.16 1.19
CA HIS E 124 -24.61 -25.92 2.51
C HIS E 124 -25.50 -24.97 3.29
N GLN E 125 -25.07 -24.62 4.51
CA GLN E 125 -25.83 -23.69 5.32
C GLN E 125 -25.25 -22.32 5.01
N PRO E 126 -25.98 -21.23 5.30
CA PRO E 126 -25.52 -19.86 5.05
C PRO E 126 -24.25 -19.37 5.76
N LEU E 127 -23.65 -18.32 5.20
CA LEU E 127 -22.43 -17.70 5.71
C LEU E 127 -22.66 -16.21 5.94
N GLY E 128 -22.13 -15.67 7.04
CA GLY E 128 -22.29 -14.25 7.31
C GLY E 128 -21.31 -13.70 8.33
N GLY E 129 -21.59 -12.48 8.80
CA GLY E 129 -20.74 -11.85 9.79
C GLY E 129 -21.52 -10.84 10.62
N ALA E 130 -20.92 -10.35 11.70
CA ALA E 130 -21.59 -9.38 12.56
C ALA E 130 -20.60 -8.68 13.48
N GLN E 131 -20.81 -7.38 13.69
CA GLN E 131 -19.95 -6.59 14.57
C GLN E 131 -20.79 -5.68 15.47
N GLY E 132 -20.16 -5.16 16.52
CA GLY E 132 -20.85 -4.26 17.42
C GLY E 132 -21.25 -4.85 18.75
N GLN E 133 -22.31 -4.28 19.33
CA GLN E 133 -22.82 -4.73 20.61
C GLN E 133 -23.34 -6.17 20.63
N ALA E 134 -23.50 -6.71 21.82
CA ALA E 134 -23.99 -8.07 22.00
C ALA E 134 -25.40 -8.17 21.41
N SER E 135 -26.20 -7.12 21.61
CA SER E 135 -27.57 -7.05 21.11
C SER E 135 -27.66 -7.13 19.58
N ASP E 136 -26.82 -6.37 18.89
CA ASP E 136 -26.83 -6.38 17.43
C ASP E 136 -26.35 -7.73 16.89
N ILE E 137 -25.25 -8.22 17.45
CA ILE E 137 -24.71 -9.51 17.05
C ILE E 137 -25.80 -10.56 17.17
N GLU E 138 -26.61 -10.44 18.22
CA GLU E 138 -27.70 -11.38 18.46
C GLU E 138 -28.84 -11.26 17.44
N ILE E 139 -29.04 -10.06 16.88
CA ILE E 139 -30.07 -9.81 15.88
C ILE E 139 -29.70 -10.40 14.52
N ILE E 140 -28.42 -10.30 14.14
CA ILE E 140 -27.95 -10.85 12.88
C ILE E 140 -28.00 -12.37 13.01
N SER E 141 -27.41 -12.86 14.09
CA SER E 141 -27.37 -14.27 14.40
C SER E 141 -28.75 -14.91 14.17
N ASN E 142 -29.79 -14.38 14.83
CA ASN E 142 -31.12 -14.94 14.67
C ASN E 142 -31.65 -14.74 13.25
N GLU E 143 -31.24 -13.67 12.60
CA GLU E 143 -31.73 -13.40 11.26
C GLU E 143 -31.12 -14.39 10.25
N ILE E 144 -29.82 -14.66 10.38
CA ILE E 144 -29.19 -15.59 9.46
C ILE E 144 -29.73 -17.00 9.67
N LEU E 145 -30.01 -17.36 10.92
CA LEU E 145 -30.54 -18.68 11.24
C LEU E 145 -31.93 -18.77 10.61
N ARG E 146 -32.67 -17.69 10.73
CA ARG E 146 -34.01 -17.60 10.18
C ARG E 146 -33.95 -17.92 8.68
N LEU E 147 -33.00 -17.32 7.98
CA LEU E 147 -32.84 -17.56 6.54
C LEU E 147 -32.34 -18.98 6.32
N LYS E 148 -31.52 -19.46 7.24
CA LYS E 148 -30.98 -20.81 7.19
C LYS E 148 -32.16 -21.77 7.31
N GLY E 149 -32.99 -21.53 8.31
CA GLY E 149 -34.15 -22.38 8.51
C GLY E 149 -35.04 -22.31 7.29
N LEU E 150 -35.32 -21.10 6.85
CA LEU E 150 -36.18 -20.86 5.69
C LEU E 150 -35.73 -21.63 4.45
N MET E 151 -34.43 -21.58 4.15
CA MET E 151 -33.89 -22.26 2.98
C MET E 151 -33.84 -23.78 3.09
N ASN E 152 -33.63 -24.29 4.29
CA ASN E 152 -33.60 -25.74 4.48
C ASN E 152 -34.96 -26.33 4.16
N SER E 153 -36.01 -25.61 4.50
CA SER E 153 -37.36 -26.09 4.24
C SER E 153 -37.68 -25.99 2.75
N ILE E 154 -37.28 -24.88 2.12
CA ILE E 154 -37.53 -24.71 0.69
C ILE E 154 -36.81 -25.85 -0.02
N LEU E 155 -35.55 -26.04 0.35
CA LEU E 155 -34.75 -27.09 -0.26
C LEU E 155 -35.40 -28.46 0.02
N ALA E 156 -35.79 -28.71 1.26
CA ALA E 156 -36.43 -29.96 1.64
C ALA E 156 -37.69 -30.24 0.81
N GLN E 157 -38.54 -29.22 0.70
CA GLN E 157 -39.78 -29.31 -0.04
C GLN E 157 -39.46 -29.56 -1.53
N ASN E 158 -38.42 -28.90 -2.02
CA ASN E 158 -38.00 -29.04 -3.41
C ASN E 158 -37.49 -30.43 -3.79
N SER E 159 -37.01 -31.19 -2.80
CA SER E 159 -36.44 -32.50 -3.07
C SER E 159 -37.22 -33.68 -2.54
N GLY E 160 -38.08 -33.44 -1.55
CA GLY E 160 -38.82 -34.55 -0.97
C GLY E 160 -38.06 -35.07 0.22
N GLN E 161 -36.99 -34.37 0.58
CA GLN E 161 -36.18 -34.74 1.73
C GLN E 161 -36.83 -34.18 2.98
N SER E 162 -36.65 -34.85 4.11
CA SER E 162 -37.23 -34.39 5.36
C SER E 162 -36.44 -33.17 5.75
N LEU E 163 -37.06 -32.29 6.52
CA LEU E 163 -36.37 -31.08 6.94
C LEU E 163 -35.13 -31.49 7.72
N GLU E 164 -35.30 -32.51 8.57
CA GLU E 164 -34.22 -33.02 9.41
C GLU E 164 -33.02 -33.43 8.56
N GLN E 165 -33.31 -34.11 7.45
CA GLN E 165 -32.26 -34.59 6.54
C GLN E 165 -31.46 -33.44 5.93
N ILE E 166 -32.18 -32.48 5.34
CA ILE E 166 -31.52 -31.33 4.75
C ILE E 166 -30.69 -30.63 5.81
N ALA E 167 -31.22 -30.57 7.03
CA ALA E 167 -30.50 -29.91 8.11
C ALA E 167 -29.19 -30.62 8.40
N LYS E 168 -29.26 -31.93 8.63
CA LYS E 168 -28.07 -32.73 8.93
C LYS E 168 -27.03 -32.70 7.82
N ASP E 169 -27.47 -32.73 6.56
CA ASP E 169 -26.54 -32.73 5.42
C ASP E 169 -25.82 -31.41 5.10
N THR E 170 -26.56 -30.31 5.06
CA THR E 170 -25.95 -29.01 4.72
C THR E 170 -25.15 -28.36 5.85
N ASP E 171 -25.01 -29.06 6.98
CA ASP E 171 -24.26 -28.50 8.10
C ASP E 171 -22.88 -28.09 7.65
N ARG E 172 -22.35 -28.87 6.71
CA ARG E 172 -21.05 -28.60 6.12
C ARG E 172 -21.21 -28.82 4.62
N ASP E 173 -20.31 -28.25 3.84
CA ASP E 173 -20.37 -28.39 2.39
C ASP E 173 -20.66 -29.82 1.96
N PHE E 174 -21.69 -29.95 1.14
CA PHE E 174 -22.15 -31.24 0.63
C PHE E 174 -22.04 -31.28 -0.90
N TYR E 175 -20.97 -31.86 -1.43
CA TYR E 175 -20.80 -31.94 -2.89
C TYR E 175 -21.50 -33.15 -3.46
N MET E 176 -21.95 -33.03 -4.70
CA MET E 176 -22.65 -34.11 -5.39
C MET E 176 -22.43 -34.01 -6.89
N SER E 177 -22.44 -35.16 -7.55
CA SER E 177 -22.30 -35.23 -8.99
C SER E 177 -23.71 -35.04 -9.54
N ALA E 178 -23.83 -34.91 -10.86
CA ALA E 178 -25.15 -34.72 -11.47
C ALA E 178 -26.08 -35.87 -11.07
N LYS E 179 -25.54 -37.09 -11.08
CA LYS E 179 -26.33 -38.27 -10.75
C LYS E 179 -26.74 -38.33 -9.27
N GLU E 180 -25.82 -38.02 -8.37
CA GLU E 180 -26.12 -38.04 -6.95
C GLU E 180 -27.22 -37.02 -6.65
N ALA E 181 -27.10 -35.86 -7.25
CA ALA E 181 -28.07 -34.78 -7.08
C ALA E 181 -29.44 -35.19 -7.63
N LYS E 182 -29.42 -36.04 -8.66
CA LYS E 182 -30.67 -36.51 -9.24
C LYS E 182 -31.40 -37.38 -8.22
N GLU E 183 -30.65 -38.26 -7.55
CA GLU E 183 -31.23 -39.13 -6.55
C GLU E 183 -31.66 -38.37 -5.32
N TYR E 184 -30.94 -37.31 -4.98
CA TYR E 184 -31.26 -36.50 -3.81
C TYR E 184 -32.59 -35.79 -4.00
N GLY E 185 -32.93 -35.52 -5.26
CA GLY E 185 -34.17 -34.85 -5.57
C GLY E 185 -34.01 -33.39 -5.95
N LEU E 186 -32.75 -32.95 -6.10
CA LEU E 186 -32.45 -31.56 -6.44
C LEU E 186 -32.66 -31.22 -7.91
N ILE E 187 -32.45 -32.19 -8.78
CA ILE E 187 -32.67 -32.01 -10.21
C ILE E 187 -33.54 -33.18 -10.65
N ASP E 188 -34.03 -33.12 -11.87
CA ASP E 188 -34.90 -34.19 -12.37
C ASP E 188 -34.23 -35.16 -13.33
N LYS E 189 -33.51 -34.61 -14.31
CA LYS E 189 -32.84 -35.42 -15.30
C LYS E 189 -31.43 -34.93 -15.61
N VAL E 190 -30.51 -35.87 -15.81
CA VAL E 190 -29.13 -35.54 -16.17
C VAL E 190 -29.06 -35.71 -17.69
N LEU E 191 -28.81 -34.61 -18.41
CA LEU E 191 -28.73 -34.65 -19.88
C LEU E 191 -27.46 -35.38 -20.30
N GLN E 192 -27.33 -36.62 -19.86
CA GLN E 192 -26.18 -37.44 -20.18
C GLN E 192 -26.03 -37.62 -21.68
N ASP F 20 -31.60 -2.38 -25.20
CA ASP F 20 -31.46 -2.42 -23.72
C ASP F 20 -32.62 -3.21 -23.10
N ILE F 21 -32.33 -3.97 -22.05
CA ILE F 21 -33.35 -4.78 -21.38
C ILE F 21 -34.19 -3.91 -20.45
N TYR F 22 -33.53 -3.05 -19.69
CA TYR F 22 -34.22 -2.17 -18.74
C TYR F 22 -35.10 -1.12 -19.41
N SER F 23 -34.66 -0.61 -20.55
CA SER F 23 -35.43 0.39 -21.29
C SER F 23 -36.66 -0.29 -21.88
N ARG F 24 -36.57 -1.60 -22.02
CA ARG F 24 -37.67 -2.39 -22.55
C ARG F 24 -38.75 -2.46 -21.48
N LEU F 25 -38.34 -2.66 -20.23
CA LEU F 25 -39.29 -2.74 -19.14
C LEU F 25 -39.81 -1.36 -18.75
N LEU F 26 -39.05 -0.32 -19.08
CA LEU F 26 -39.48 1.04 -18.76
C LEU F 26 -40.70 1.35 -19.62
N LYS F 27 -40.75 0.72 -20.80
CA LYS F 27 -41.86 0.91 -21.72
C LYS F 27 -43.13 0.37 -21.06
N ASP F 28 -42.95 -0.36 -19.97
CA ASP F 28 -44.06 -0.91 -19.21
C ASP F 28 -44.13 -0.28 -17.83
N ARG F 29 -43.63 0.94 -17.72
CA ARG F 29 -43.64 1.66 -16.45
C ARG F 29 -43.10 0.80 -15.31
N ILE F 30 -42.04 0.04 -15.62
CA ILE F 30 -41.38 -0.83 -14.65
C ILE F 30 -39.99 -0.26 -14.35
N VAL F 31 -39.79 0.16 -13.10
CA VAL F 31 -38.52 0.71 -12.63
C VAL F 31 -37.89 -0.22 -11.61
N LEU F 32 -36.61 -0.53 -11.80
CA LEU F 32 -35.94 -1.41 -10.86
C LEU F 32 -34.97 -0.67 -9.97
N LEU F 33 -35.08 -0.87 -8.67
CA LEU F 33 -34.16 -0.26 -7.71
C LEU F 33 -33.37 -1.38 -7.05
N SER F 34 -32.13 -1.56 -7.51
CA SER F 34 -31.23 -2.59 -7.00
C SER F 34 -30.06 -2.02 -6.20
N GLY F 35 -29.76 -2.65 -5.08
CA GLY F 35 -28.64 -2.24 -4.26
C GLY F 35 -28.69 -0.89 -3.57
N GLU F 36 -27.55 -0.52 -2.97
CA GLU F 36 -27.41 0.73 -2.25
C GLU F 36 -27.95 1.95 -2.97
N ILE F 37 -28.50 2.86 -2.18
CA ILE F 37 -29.09 4.09 -2.67
C ILE F 37 -28.14 5.26 -2.39
N ASN F 38 -27.90 6.09 -3.41
CA ASN F 38 -27.04 7.27 -3.30
C ASN F 38 -27.50 8.27 -4.35
N ASP F 39 -26.93 9.47 -4.34
CA ASP F 39 -27.36 10.50 -5.29
C ASP F 39 -27.41 9.97 -6.71
N SER F 40 -26.36 9.26 -7.10
CA SER F 40 -26.26 8.68 -8.44
C SER F 40 -27.46 7.76 -8.73
N VAL F 41 -27.55 6.67 -7.99
CA VAL F 41 -28.66 5.74 -8.16
C VAL F 41 -30.00 6.46 -8.16
N ALA F 42 -30.18 7.37 -7.21
CA ALA F 42 -31.44 8.11 -7.07
C ALA F 42 -31.75 9.01 -8.27
N SER F 43 -30.73 9.65 -8.84
CA SER F 43 -30.97 10.51 -10.01
C SER F 43 -31.62 9.66 -11.08
N SER F 44 -31.07 8.47 -11.27
CA SER F 44 -31.56 7.51 -12.26
C SER F 44 -33.06 7.23 -12.05
N ILE F 45 -33.43 6.84 -10.83
CA ILE F 45 -34.82 6.54 -10.48
C ILE F 45 -35.70 7.78 -10.72
N VAL F 46 -35.26 8.92 -10.18
CA VAL F 46 -35.99 10.16 -10.35
C VAL F 46 -36.24 10.44 -11.82
N ALA F 47 -35.18 10.33 -12.62
CA ALA F 47 -35.26 10.58 -14.06
C ALA F 47 -36.31 9.68 -14.67
N GLN F 48 -36.23 8.38 -14.35
CA GLN F 48 -37.18 7.43 -14.88
C GLN F 48 -38.59 7.78 -14.41
N LEU F 49 -38.74 8.18 -13.15
CA LEU F 49 -40.06 8.53 -12.66
C LEU F 49 -40.65 9.71 -13.43
N LEU F 50 -39.85 10.75 -13.60
CA LEU F 50 -40.30 11.95 -14.33
C LEU F 50 -40.65 11.64 -15.76
N PHE F 51 -39.81 10.84 -16.42
CA PHE F 51 -40.03 10.46 -17.81
C PHE F 51 -41.36 9.72 -17.99
N LEU F 52 -41.66 8.84 -17.04
CA LEU F 52 -42.90 8.10 -17.11
C LEU F 52 -44.06 9.06 -16.92
N GLU F 53 -44.00 9.90 -15.88
CA GLU F 53 -45.10 10.82 -15.67
C GLU F 53 -45.38 11.59 -16.95
N ALA F 54 -44.32 11.96 -17.66
CA ALA F 54 -44.45 12.69 -18.92
C ALA F 54 -45.17 11.82 -19.93
N GLU F 55 -44.67 10.60 -20.13
CA GLU F 55 -45.25 9.68 -21.09
C GLU F 55 -46.76 9.49 -20.92
N ASP F 56 -47.20 9.38 -19.66
CA ASP F 56 -48.61 9.16 -19.35
C ASP F 56 -48.86 9.38 -17.84
N PRO F 57 -49.33 10.58 -17.47
CA PRO F 57 -49.61 10.92 -16.07
C PRO F 57 -50.72 10.09 -15.45
N GLU F 58 -51.37 9.28 -16.27
CA GLU F 58 -52.48 8.44 -15.84
C GLU F 58 -52.07 7.04 -15.40
N LYS F 59 -51.53 6.26 -16.34
CA LYS F 59 -51.12 4.89 -16.09
C LYS F 59 -50.19 4.78 -14.87
N ASP F 60 -50.37 3.72 -14.09
CA ASP F 60 -49.56 3.50 -12.90
C ASP F 60 -48.10 3.20 -13.21
N ILE F 61 -47.29 3.13 -12.16
CA ILE F 61 -45.86 2.85 -12.27
C ILE F 61 -45.49 1.72 -11.31
N GLY F 62 -44.55 0.87 -11.73
CA GLY F 62 -44.15 -0.24 -10.89
C GLY F 62 -42.70 -0.18 -10.46
N LEU F 63 -42.47 0.24 -9.22
CA LEU F 63 -41.13 0.31 -8.67
C LEU F 63 -40.81 -0.95 -7.89
N TYR F 64 -39.95 -1.80 -8.48
CA TYR F 64 -39.53 -3.04 -7.84
C TYR F 64 -38.29 -2.75 -7.00
N ILE F 65 -38.35 -3.11 -5.73
CA ILE F 65 -37.22 -2.85 -4.83
C ILE F 65 -36.53 -4.09 -4.30
N ASN F 66 -35.20 -4.01 -4.27
CA ASN F 66 -34.33 -5.06 -3.77
C ASN F 66 -33.07 -4.29 -3.35
N SER F 67 -33.21 -3.54 -2.26
CA SER F 67 -32.12 -2.72 -1.76
C SER F 67 -31.94 -2.78 -0.26
N PRO F 68 -30.68 -2.71 0.20
CA PRO F 68 -30.33 -2.75 1.62
C PRO F 68 -30.34 -1.33 2.16
N GLY F 69 -30.78 -0.39 1.35
CA GLY F 69 -30.83 0.99 1.78
C GLY F 69 -29.66 1.82 1.28
N GLY F 70 -29.42 2.94 1.95
CA GLY F 70 -28.33 3.83 1.54
C GLY F 70 -28.56 5.23 2.06
N VAL F 71 -28.00 6.23 1.39
CA VAL F 71 -28.15 7.63 1.82
C VAL F 71 -29.60 8.10 2.06
N ILE F 72 -29.83 8.73 3.21
CA ILE F 72 -31.17 9.21 3.56
C ILE F 72 -31.70 10.25 2.56
N THR F 73 -30.95 11.33 2.34
CA THR F 73 -31.39 12.38 1.42
C THR F 73 -31.65 11.83 0.01
N SER F 74 -30.86 10.85 -0.40
CA SER F 74 -31.03 10.23 -1.71
C SER F 74 -32.37 9.51 -1.71
N GLY F 75 -32.60 8.70 -0.68
CA GLY F 75 -33.84 7.98 -0.56
C GLY F 75 -34.99 8.96 -0.51
N LEU F 76 -34.84 9.99 0.32
CA LEU F 76 -35.86 11.02 0.48
C LEU F 76 -36.21 11.74 -0.83
N SER F 77 -35.22 11.86 -1.73
CA SER F 77 -35.41 12.51 -3.02
C SER F 77 -36.30 11.67 -3.91
N ILE F 78 -36.27 10.37 -3.68
CA ILE F 78 -37.09 9.45 -4.47
C ILE F 78 -38.51 9.45 -3.90
N TYR F 79 -38.61 9.51 -2.58
CA TYR F 79 -39.89 9.54 -1.87
C TYR F 79 -40.72 10.77 -2.27
N ASP F 80 -40.07 11.93 -2.31
CA ASP F 80 -40.73 13.17 -2.71
C ASP F 80 -41.15 13.18 -4.18
N THR F 81 -40.38 12.51 -5.03
CA THR F 81 -40.70 12.45 -6.45
C THR F 81 -41.92 11.55 -6.72
N MET F 82 -42.03 10.44 -5.98
CA MET F 82 -43.15 9.51 -6.13
C MET F 82 -44.47 10.24 -5.86
N ASN F 83 -44.48 11.06 -4.82
CA ASN F 83 -45.68 11.83 -4.47
C ASN F 83 -45.85 13.02 -5.40
N PHE F 84 -44.73 13.51 -5.91
CA PHE F 84 -44.70 14.68 -6.79
C PHE F 84 -45.33 14.47 -8.17
N ILE F 85 -45.22 13.25 -8.71
CA ILE F 85 -45.78 12.95 -10.02
C ILE F 85 -47.25 12.56 -9.92
N ARG F 86 -47.94 12.55 -11.05
CA ARG F 86 -49.36 12.22 -11.07
C ARG F 86 -49.74 10.75 -10.87
N PRO F 87 -49.18 9.84 -11.68
CA PRO F 87 -49.55 8.43 -11.50
C PRO F 87 -49.19 7.86 -10.13
N ASP F 88 -49.83 6.74 -9.77
CA ASP F 88 -49.53 6.07 -8.52
C ASP F 88 -48.28 5.23 -8.76
N VAL F 89 -47.44 5.12 -7.75
CA VAL F 89 -46.24 4.32 -7.85
C VAL F 89 -46.40 3.13 -6.92
N SER F 90 -46.69 1.97 -7.49
CA SER F 90 -46.83 0.76 -6.71
C SER F 90 -45.42 0.32 -6.38
N THR F 91 -45.23 -0.28 -5.20
CA THR F 91 -43.91 -0.75 -4.82
C THR F 91 -43.92 -2.25 -4.55
N ILE F 92 -43.01 -2.98 -5.18
CA ILE F 92 -42.93 -4.43 -4.99
C ILE F 92 -41.56 -4.82 -4.44
N CYS F 93 -41.56 -5.36 -3.23
CA CYS F 93 -40.33 -5.81 -2.59
C CYS F 93 -39.96 -7.21 -3.05
N ILE F 94 -38.81 -7.35 -3.71
CA ILE F 94 -38.34 -8.65 -4.16
C ILE F 94 -36.93 -8.84 -3.59
N GLY F 95 -36.68 -10.00 -2.99
CA GLY F 95 -35.37 -10.23 -2.41
C GLY F 95 -35.40 -9.58 -1.03
N GLN F 96 -35.08 -8.30 -0.98
CA GLN F 96 -35.10 -7.60 0.29
C GLN F 96 -35.31 -6.09 0.11
N ALA F 97 -35.69 -5.44 1.20
CA ALA F 97 -35.91 -4.00 1.22
C ALA F 97 -35.66 -3.60 2.68
N ALA F 98 -34.44 -3.17 2.95
CA ALA F 98 -34.06 -2.79 4.32
C ALA F 98 -33.67 -1.33 4.44
N ALA F 99 -33.89 -0.77 5.63
CA ALA F 99 -33.55 0.64 5.87
C ALA F 99 -34.30 1.54 4.90
N MET F 100 -33.60 2.49 4.30
CA MET F 100 -34.24 3.39 3.36
C MET F 100 -35.01 2.58 2.32
N GLY F 101 -34.67 1.30 2.19
CA GLY F 101 -35.35 0.43 1.24
C GLY F 101 -36.76 0.12 1.70
N ALA F 102 -36.89 -0.25 2.96
CA ALA F 102 -38.18 -0.57 3.56
C ALA F 102 -39.00 0.71 3.53
N PHE F 103 -38.38 1.80 3.98
CA PHE F 103 -39.04 3.10 4.00
C PHE F 103 -39.73 3.36 2.65
N LEU F 104 -38.96 3.26 1.58
CA LEU F 104 -39.47 3.50 0.23
C LEU F 104 -40.61 2.56 -0.12
N LEU F 105 -40.50 1.30 0.31
CA LEU F 105 -41.54 0.31 0.04
C LEU F 105 -42.83 0.77 0.73
N SER F 106 -42.70 1.24 1.96
CA SER F 106 -43.85 1.70 2.73
C SER F 106 -44.45 2.98 2.17
N CYS F 107 -43.72 3.64 1.28
CA CYS F 107 -44.20 4.89 0.70
C CYS F 107 -44.98 4.74 -0.60
N GLY F 108 -45.21 3.51 -1.02
CA GLY F 108 -45.98 3.30 -2.23
C GLY F 108 -47.43 3.66 -2.00
N ALA F 109 -48.16 3.94 -3.07
CA ALA F 109 -49.57 4.27 -2.99
C ALA F 109 -50.34 3.19 -2.24
N LYS F 110 -51.07 3.59 -1.20
CA LYS F 110 -51.83 2.61 -0.40
C LYS F 110 -52.65 1.66 -1.25
N GLY F 111 -52.70 0.41 -0.81
CA GLY F 111 -53.43 -0.59 -1.55
C GLY F 111 -52.54 -1.18 -2.63
N LYS F 112 -51.49 -0.46 -3.01
CA LYS F 112 -50.57 -0.94 -4.05
C LYS F 112 -49.15 -1.24 -3.58
N ARG F 113 -49.01 -1.62 -2.32
CA ARG F 113 -47.69 -1.94 -1.76
C ARG F 113 -47.55 -3.44 -1.56
N PHE F 114 -46.87 -4.06 -2.52
CA PHE F 114 -46.68 -5.49 -2.54
C PHE F 114 -45.30 -6.03 -2.12
N SER F 115 -45.23 -7.35 -2.00
CA SER F 115 -44.00 -8.05 -1.66
C SER F 115 -44.17 -9.49 -2.06
N LEU F 116 -43.09 -10.10 -2.52
CA LEU F 116 -43.14 -11.51 -2.90
C LEU F 116 -43.05 -12.30 -1.58
N PRO F 117 -43.52 -13.56 -1.59
CA PRO F 117 -43.50 -14.41 -0.39
C PRO F 117 -42.22 -14.60 0.41
N HIS F 118 -41.07 -14.62 -0.24
CA HIS F 118 -39.82 -14.86 0.48
C HIS F 118 -38.92 -13.67 0.69
N SER F 119 -39.47 -12.48 0.46
CA SER F 119 -38.69 -11.26 0.61
C SER F 119 -38.57 -10.91 2.09
N ARG F 120 -37.51 -10.18 2.44
CA ARG F 120 -37.36 -9.78 3.82
C ARG F 120 -37.32 -8.27 3.84
N ILE F 121 -38.01 -7.69 4.83
CA ILE F 121 -38.09 -6.25 5.00
C ILE F 121 -37.45 -5.95 6.35
N MET F 122 -36.68 -4.87 6.43
CA MET F 122 -36.01 -4.50 7.68
C MET F 122 -36.04 -2.99 7.87
N ILE F 123 -36.49 -2.55 9.04
CA ILE F 123 -36.56 -1.13 9.34
C ILE F 123 -35.71 -0.79 10.56
N HIS F 124 -34.96 0.31 10.49
CA HIS F 124 -34.09 0.75 11.59
C HIS F 124 -33.96 2.27 11.67
N GLN F 125 -33.17 2.74 12.64
CA GLN F 125 -32.95 4.17 12.79
C GLN F 125 -31.70 4.59 12.02
N PRO F 126 -31.58 5.88 11.67
CA PRO F 126 -30.46 6.47 10.92
C PRO F 126 -29.07 6.10 11.42
N LEU F 127 -28.14 6.01 10.46
CA LEU F 127 -26.74 5.69 10.72
C LEU F 127 -25.90 6.84 10.21
N GLY F 128 -24.82 7.15 10.92
CA GLY F 128 -23.99 8.25 10.48
C GLY F 128 -22.69 8.39 11.22
N GLY F 129 -22.09 9.57 11.09
CA GLY F 129 -20.83 9.83 11.76
C GLY F 129 -20.54 11.31 11.70
N ALA F 130 -19.90 11.83 12.74
CA ALA F 130 -19.56 13.24 12.78
C ALA F 130 -18.14 13.36 13.30
N GLN F 131 -17.47 14.42 12.89
CA GLN F 131 -16.10 14.65 13.33
C GLN F 131 -15.83 16.14 13.41
N GLY F 132 -14.92 16.54 14.29
CA GLY F 132 -14.60 17.95 14.40
C GLY F 132 -14.77 18.53 15.79
N GLN F 133 -15.03 19.82 15.85
CA GLN F 133 -15.24 20.48 17.14
C GLN F 133 -16.54 20.07 17.80
N ALA F 134 -16.58 20.21 19.11
CA ALA F 134 -17.78 19.86 19.87
C ALA F 134 -18.98 20.51 19.19
N SER F 135 -18.85 21.80 18.89
CA SER F 135 -19.92 22.57 18.25
C SER F 135 -20.38 21.94 16.95
N ASP F 136 -19.43 21.51 16.13
CA ASP F 136 -19.72 20.90 14.84
C ASP F 136 -20.39 19.54 14.96
N ILE F 137 -19.98 18.75 15.95
CA ILE F 137 -20.55 17.42 16.16
C ILE F 137 -21.98 17.51 16.70
N GLU F 138 -22.21 18.50 17.56
CA GLU F 138 -23.52 18.73 18.14
C GLU F 138 -24.54 18.97 17.01
N ILE F 139 -24.16 19.81 16.05
CA ILE F 139 -25.02 20.12 14.92
C ILE F 139 -25.35 18.84 14.15
N ILE F 140 -24.34 18.15 13.65
CA ILE F 140 -24.54 16.92 12.89
C ILE F 140 -25.46 15.96 13.66
N SER F 141 -25.19 15.82 14.95
CA SER F 141 -25.99 14.93 15.78
C SER F 141 -27.46 15.39 15.75
N ASN F 142 -27.69 16.70 15.90
CA ASN F 142 -29.05 17.24 15.88
C ASN F 142 -29.72 17.03 14.53
N GLU F 143 -28.99 17.29 13.45
CA GLU F 143 -29.54 17.10 12.11
C GLU F 143 -29.94 15.64 11.87
N ILE F 144 -29.14 14.71 12.37
CA ILE F 144 -29.45 13.32 12.16
C ILE F 144 -30.66 12.89 12.99
N LEU F 145 -30.74 13.35 14.23
CA LEU F 145 -31.88 12.99 15.07
C LEU F 145 -33.13 13.52 14.39
N ARG F 146 -33.00 14.69 13.78
CA ARG F 146 -34.08 15.36 13.09
C ARG F 146 -34.65 14.43 12.00
N LEU F 147 -33.77 13.83 11.20
CA LEU F 147 -34.19 12.92 10.12
C LEU F 147 -34.76 11.64 10.74
N LYS F 148 -34.20 11.25 11.87
CA LYS F 148 -34.67 10.07 12.58
C LYS F 148 -36.14 10.29 12.93
N GLY F 149 -36.41 11.42 13.59
CA GLY F 149 -37.77 11.71 13.97
C GLY F 149 -38.66 11.85 12.76
N LEU F 150 -38.11 12.46 11.71
CA LEU F 150 -38.82 12.69 10.46
C LEU F 150 -39.31 11.40 9.81
N MET F 151 -38.41 10.43 9.69
CA MET F 151 -38.75 9.17 9.07
C MET F 151 -39.67 8.29 9.92
N ASN F 152 -39.40 8.21 11.21
CA ASN F 152 -40.24 7.40 12.09
C ASN F 152 -41.68 7.89 12.01
N SER F 153 -41.82 9.20 11.92
CA SER F 153 -43.12 9.83 11.82
C SER F 153 -43.77 9.34 10.52
N ILE F 154 -43.06 9.50 9.41
CA ILE F 154 -43.56 9.07 8.10
C ILE F 154 -43.87 7.59 8.16
N LEU F 155 -42.92 6.81 8.65
CA LEU F 155 -43.08 5.38 8.78
C LEU F 155 -44.37 5.10 9.58
N ALA F 156 -44.57 5.87 10.65
CA ALA F 156 -45.75 5.75 11.52
C ALA F 156 -47.06 5.88 10.76
N GLN F 157 -47.23 6.97 10.01
CA GLN F 157 -48.47 7.14 9.26
C GLN F 157 -48.58 6.27 8.02
N ASN F 158 -47.45 5.75 7.53
CA ASN F 158 -47.46 4.85 6.36
C ASN F 158 -47.86 3.44 6.77
N SER F 159 -47.68 3.13 8.04
CA SER F 159 -48.02 1.81 8.56
C SER F 159 -49.27 1.83 9.45
N GLY F 160 -49.59 3.01 9.98
CA GLY F 160 -50.75 3.12 10.85
C GLY F 160 -50.36 2.89 12.29
N GLN F 161 -49.11 2.46 12.52
CA GLN F 161 -48.64 2.21 13.87
C GLN F 161 -48.46 3.55 14.55
N SER F 162 -48.33 3.53 15.88
CA SER F 162 -48.12 4.78 16.60
C SER F 162 -46.65 5.18 16.43
N LEU F 163 -46.30 6.37 16.91
CA LEU F 163 -44.92 6.80 16.79
C LEU F 163 -44.12 6.06 17.84
N GLU F 164 -44.67 5.98 19.05
CA GLU F 164 -44.01 5.30 20.15
C GLU F 164 -43.57 3.92 19.68
N GLN F 165 -44.49 3.23 19.00
CA GLN F 165 -44.24 1.89 18.49
C GLN F 165 -43.18 1.85 17.37
N ILE F 166 -43.25 2.78 16.43
CA ILE F 166 -42.25 2.80 15.36
C ILE F 166 -40.92 3.18 15.99
N ALA F 167 -40.95 4.15 16.88
CA ALA F 167 -39.74 4.60 17.56
C ALA F 167 -39.10 3.47 18.34
N LYS F 168 -39.92 2.74 19.09
CA LYS F 168 -39.44 1.61 19.89
C LYS F 168 -39.01 0.40 19.06
N ASP F 169 -39.65 0.19 17.91
CA ASP F 169 -39.31 -0.95 17.07
C ASP F 169 -38.06 -0.78 16.19
N THR F 170 -37.72 0.45 15.82
CA THR F 170 -36.55 0.67 14.97
C THR F 170 -35.31 1.11 15.72
N ASP F 171 -35.36 1.07 17.05
CA ASP F 171 -34.23 1.47 17.86
C ASP F 171 -33.00 0.65 17.46
N ARG F 172 -33.27 -0.54 16.94
CA ARG F 172 -32.26 -1.45 16.46
C ARG F 172 -32.87 -2.17 15.25
N ASP F 173 -32.04 -2.87 14.46
CA ASP F 173 -32.52 -3.57 13.27
C ASP F 173 -33.71 -4.52 13.53
N PHE F 174 -34.80 -4.24 12.82
CA PHE F 174 -36.03 -5.01 12.95
C PHE F 174 -36.28 -5.81 11.67
N TYR F 175 -36.02 -7.11 11.71
CA TYR F 175 -36.24 -7.94 10.53
C TYR F 175 -37.67 -8.49 10.44
N MET F 176 -38.16 -8.67 9.22
CA MET F 176 -39.52 -9.17 9.00
C MET F 176 -39.69 -9.94 7.71
N SER F 177 -40.69 -10.82 7.70
CA SER F 177 -41.01 -11.59 6.51
C SER F 177 -42.13 -10.80 5.83
N ALA F 178 -42.37 -11.07 4.55
CA ALA F 178 -43.43 -10.36 3.83
C ALA F 178 -44.76 -10.46 4.58
N LYS F 179 -45.01 -11.60 5.19
CA LYS F 179 -46.25 -11.82 5.92
C LYS F 179 -46.37 -10.87 7.11
N GLU F 180 -45.31 -10.77 7.89
CA GLU F 180 -45.30 -9.89 9.07
C GLU F 180 -45.29 -8.42 8.70
N ALA F 181 -44.59 -8.08 7.62
CA ALA F 181 -44.49 -6.71 7.14
C ALA F 181 -45.87 -6.24 6.71
N LYS F 182 -46.67 -7.18 6.19
CA LYS F 182 -48.02 -6.87 5.78
C LYS F 182 -48.79 -6.65 7.07
N GLU F 183 -48.56 -7.52 8.04
CA GLU F 183 -49.24 -7.40 9.33
C GLU F 183 -48.83 -6.16 10.12
N TYR F 184 -47.72 -5.52 9.74
CA TYR F 184 -47.23 -4.34 10.44
C TYR F 184 -47.75 -3.05 9.80
N GLY F 185 -48.10 -3.13 8.52
CA GLY F 185 -48.62 -1.97 7.82
C GLY F 185 -47.64 -1.41 6.79
N LEU F 186 -46.55 -2.12 6.53
CA LEU F 186 -45.53 -1.67 5.57
C LEU F 186 -45.95 -2.00 4.14
N ILE F 187 -46.62 -3.13 3.97
CA ILE F 187 -47.10 -3.51 2.65
C ILE F 187 -48.59 -3.83 2.75
N ASP F 188 -49.26 -3.87 1.61
CA ASP F 188 -50.70 -4.13 1.58
C ASP F 188 -51.05 -5.56 1.20
N LYS F 189 -50.21 -6.22 0.41
CA LYS F 189 -50.47 -7.60 0.02
C LYS F 189 -49.21 -8.35 -0.30
N VAL F 190 -49.24 -9.67 -0.10
CA VAL F 190 -48.10 -10.53 -0.41
C VAL F 190 -48.46 -11.37 -1.64
N LEU F 191 -47.95 -10.97 -2.81
CA LEU F 191 -48.21 -11.66 -4.07
C LEU F 191 -47.60 -13.06 -4.09
N GLN F 192 -48.06 -13.94 -3.20
CA GLN F 192 -47.54 -15.30 -3.14
C GLN F 192 -48.21 -16.27 -4.11
N ASP G 20 -31.32 7.99 -24.41
CA ASP G 20 -30.83 8.30 -23.03
C ASP G 20 -31.91 9.02 -22.21
N ILE G 21 -32.13 8.54 -20.98
CA ILE G 21 -33.14 9.10 -20.08
C ILE G 21 -32.92 10.57 -19.79
N TYR G 22 -31.67 10.93 -19.46
CA TYR G 22 -31.30 12.31 -19.15
C TYR G 22 -31.39 13.15 -20.42
N SER G 23 -30.95 12.55 -21.52
CA SER G 23 -30.99 13.20 -22.81
C SER G 23 -32.45 13.49 -23.22
N ARG G 24 -33.33 12.51 -23.09
CA ARG G 24 -34.72 12.76 -23.44
C ARG G 24 -35.26 13.83 -22.51
N LEU G 25 -34.80 13.78 -21.26
CA LEU G 25 -35.22 14.76 -20.26
C LEU G 25 -34.71 16.14 -20.69
N LEU G 26 -33.44 16.21 -21.04
CA LEU G 26 -32.85 17.47 -21.48
C LEU G 26 -33.67 18.04 -22.62
N LYS G 27 -34.32 17.16 -23.38
CA LYS G 27 -35.14 17.57 -24.50
C LYS G 27 -36.29 18.49 -24.06
N ASP G 28 -36.65 18.43 -22.78
CA ASP G 28 -37.73 19.28 -22.26
C ASP G 28 -37.18 20.45 -21.45
N ARG G 29 -35.92 20.80 -21.67
CA ARG G 29 -35.29 21.90 -20.94
C ARG G 29 -35.13 21.51 -19.47
N ILE G 30 -34.97 20.21 -19.23
CA ILE G 30 -34.79 19.67 -17.89
C ILE G 30 -33.35 19.22 -17.69
N VAL G 31 -32.65 19.91 -16.78
CA VAL G 31 -31.26 19.60 -16.45
C VAL G 31 -31.15 19.12 -15.01
N LEU G 32 -30.24 18.20 -14.75
CA LEU G 32 -30.07 17.69 -13.40
C LEU G 32 -28.65 17.91 -12.87
N LEU G 33 -28.58 18.39 -11.63
CA LEU G 33 -27.32 18.60 -10.95
C LEU G 33 -27.35 17.64 -9.77
N SER G 34 -26.65 16.52 -9.90
CA SER G 34 -26.61 15.52 -8.83
C SER G 34 -25.20 15.28 -8.30
N GLY G 35 -25.08 15.11 -6.99
CA GLY G 35 -23.78 14.87 -6.40
C GLY G 35 -22.88 16.08 -6.19
N GLU G 36 -21.58 15.84 -6.03
CA GLU G 36 -20.61 16.89 -5.79
C GLU G 36 -20.36 17.75 -7.01
N ILE G 37 -20.25 19.04 -6.77
CA ILE G 37 -20.00 19.99 -7.84
C ILE G 37 -18.50 20.22 -7.98
N ASN G 38 -18.03 20.23 -9.22
CA ASN G 38 -16.63 20.48 -9.55
C ASN G 38 -16.59 21.01 -10.97
N ASP G 39 -15.40 21.24 -11.49
CA ASP G 39 -15.28 21.78 -12.85
C ASP G 39 -15.86 20.83 -13.89
N SER G 40 -15.55 19.55 -13.75
CA SER G 40 -16.06 18.54 -14.68
C SER G 40 -17.58 18.56 -14.73
N VAL G 41 -18.21 18.43 -13.57
CA VAL G 41 -19.66 18.45 -13.47
C VAL G 41 -20.19 19.80 -13.93
N ALA G 42 -19.52 20.86 -13.49
CA ALA G 42 -19.91 22.23 -13.83
C ALA G 42 -19.91 22.49 -15.34
N SER G 43 -18.88 22.03 -16.03
CA SER G 43 -18.80 22.23 -17.48
C SER G 43 -19.99 21.59 -18.21
N SER G 44 -20.42 20.43 -17.72
CA SER G 44 -21.58 19.74 -18.29
C SER G 44 -22.79 20.65 -18.16
N ILE G 45 -23.11 21.03 -16.93
CA ILE G 45 -24.23 21.92 -16.67
C ILE G 45 -24.12 23.19 -17.52
N VAL G 46 -22.94 23.82 -17.52
CA VAL G 46 -22.74 25.04 -18.30
C VAL G 46 -23.01 24.82 -19.80
N ALA G 47 -22.64 23.64 -20.29
CA ALA G 47 -22.85 23.31 -21.69
C ALA G 47 -24.33 23.17 -22.00
N GLN G 48 -25.06 22.50 -21.10
CA GLN G 48 -26.50 22.30 -21.27
C GLN G 48 -27.27 23.61 -21.22
N LEU G 49 -26.81 24.54 -20.40
CA LEU G 49 -27.47 25.83 -20.30
C LEU G 49 -27.29 26.59 -21.60
N LEU G 50 -26.06 26.56 -22.12
CA LEU G 50 -25.77 27.24 -23.38
C LEU G 50 -26.48 26.54 -24.50
N PHE G 51 -26.66 25.23 -24.37
CA PHE G 51 -27.36 24.47 -25.40
C PHE G 51 -28.85 24.82 -25.41
N LEU G 52 -29.47 24.78 -24.24
CA LEU G 52 -30.89 25.09 -24.17
C LEU G 52 -31.16 26.51 -24.67
N GLU G 53 -30.37 27.48 -24.23
CA GLU G 53 -30.57 28.85 -24.66
C GLU G 53 -30.53 28.97 -26.19
N ALA G 54 -29.55 28.31 -26.81
CA ALA G 54 -29.41 28.35 -28.24
C ALA G 54 -30.62 27.68 -28.88
N GLU G 55 -31.22 26.74 -28.15
CA GLU G 55 -32.36 26.00 -28.66
C GLU G 55 -33.69 26.73 -28.52
N ASP G 56 -33.74 27.75 -27.67
CA ASP G 56 -34.97 28.53 -27.45
C ASP G 56 -34.79 29.49 -26.26
N PRO G 57 -34.20 30.68 -26.51
CA PRO G 57 -34.01 31.65 -25.43
C PRO G 57 -35.28 32.22 -24.82
N GLU G 58 -36.41 31.53 -25.03
CA GLU G 58 -37.69 31.97 -24.50
C GLU G 58 -38.14 31.09 -23.34
N LYS G 59 -38.46 29.84 -23.64
CA LYS G 59 -38.94 28.90 -22.63
C LYS G 59 -38.02 28.87 -21.41
N ASP G 60 -38.57 28.50 -20.26
CA ASP G 60 -37.80 28.42 -19.03
C ASP G 60 -36.99 27.14 -19.11
N ILE G 61 -36.02 27.01 -18.19
CA ILE G 61 -35.18 25.82 -18.10
C ILE G 61 -35.35 25.30 -16.68
N GLY G 62 -35.40 23.99 -16.52
CA GLY G 62 -35.58 23.43 -15.20
C GLY G 62 -34.36 22.71 -14.66
N LEU G 63 -33.60 23.39 -13.80
CA LEU G 63 -32.40 22.83 -13.18
C LEU G 63 -32.73 22.19 -11.83
N TYR G 64 -32.77 20.86 -11.80
CA TYR G 64 -33.05 20.10 -10.57
C TYR G 64 -31.77 19.88 -9.77
N ILE G 65 -31.76 20.29 -8.52
CA ILE G 65 -30.57 20.19 -7.68
C ILE G 65 -30.71 19.25 -6.49
N ASN G 66 -29.80 18.28 -6.45
CA ASN G 66 -29.68 17.30 -5.38
C ASN G 66 -28.17 17.18 -5.29
N SER G 67 -27.59 18.06 -4.49
CA SER G 67 -26.15 18.11 -4.33
C SER G 67 -25.71 18.50 -2.94
N PRO G 68 -24.55 18.01 -2.51
CA PRO G 68 -23.96 18.29 -1.20
C PRO G 68 -23.02 19.49 -1.31
N GLY G 69 -22.79 19.95 -2.54
CA GLY G 69 -21.91 21.09 -2.73
C GLY G 69 -20.69 20.73 -3.52
N GLY G 70 -19.62 21.50 -3.36
CA GLY G 70 -18.41 21.22 -4.08
C GLY G 70 -17.48 22.41 -4.19
N VAL G 71 -16.77 22.51 -5.31
CA VAL G 71 -15.83 23.60 -5.54
C VAL G 71 -16.57 24.93 -5.75
N ILE G 72 -16.14 25.95 -5.03
CA ILE G 72 -16.77 27.27 -5.12
C ILE G 72 -16.84 27.82 -6.53
N THR G 73 -15.69 27.91 -7.20
CA THR G 73 -15.68 28.45 -8.56
C THR G 73 -16.51 27.60 -9.52
N SER G 74 -16.61 26.31 -9.25
CA SER G 74 -17.41 25.43 -10.10
C SER G 74 -18.86 25.92 -10.03
N GLY G 75 -19.31 26.18 -8.80
CA GLY G 75 -20.66 26.67 -8.60
C GLY G 75 -20.82 28.05 -9.20
N LEU G 76 -19.86 28.93 -8.93
CA LEU G 76 -19.90 30.29 -9.46
C LEU G 76 -20.01 30.21 -10.99
N SER G 77 -19.28 29.26 -11.56
CA SER G 77 -19.28 29.03 -12.99
C SER G 77 -20.74 28.85 -13.44
N ILE G 78 -21.46 27.98 -12.75
CA ILE G 78 -22.85 27.69 -13.06
C ILE G 78 -23.74 28.90 -12.80
N TYR G 79 -23.59 29.50 -11.62
CA TYR G 79 -24.37 30.66 -11.20
C TYR G 79 -24.31 31.79 -12.23
N ASP G 80 -23.10 32.14 -12.68
CA ASP G 80 -22.94 33.18 -13.68
C ASP G 80 -23.65 32.80 -14.98
N THR G 81 -23.45 31.57 -15.45
CA THR G 81 -24.08 31.15 -16.69
C THR G 81 -25.60 31.26 -16.59
N MET G 82 -26.15 30.88 -15.44
CA MET G 82 -27.59 30.96 -15.24
C MET G 82 -28.11 32.37 -15.58
N ASN G 83 -27.45 33.40 -15.04
CA ASN G 83 -27.85 34.79 -15.28
C ASN G 83 -27.31 35.36 -16.60
N PHE G 84 -26.30 34.70 -17.15
CA PHE G 84 -25.70 35.13 -18.41
C PHE G 84 -26.61 34.81 -19.60
N ILE G 85 -27.28 33.67 -19.55
CA ILE G 85 -28.18 33.29 -20.65
C ILE G 85 -29.52 34.01 -20.51
N ARG G 86 -30.29 34.00 -21.60
CA ARG G 86 -31.59 34.69 -21.65
C ARG G 86 -32.75 34.02 -20.91
N PRO G 87 -32.92 32.70 -21.07
CA PRO G 87 -34.01 31.97 -20.40
C PRO G 87 -33.96 32.08 -18.87
N ASP G 88 -35.12 31.95 -18.25
CA ASP G 88 -35.21 31.97 -16.80
C ASP G 88 -34.87 30.56 -16.33
N VAL G 89 -33.83 30.45 -15.50
CA VAL G 89 -33.45 29.15 -14.99
C VAL G 89 -34.12 28.93 -13.64
N SER G 90 -35.09 28.01 -13.63
CA SER G 90 -35.82 27.67 -12.43
C SER G 90 -35.09 26.56 -11.69
N THR G 91 -34.99 26.67 -10.37
CA THR G 91 -34.30 25.64 -9.61
C THR G 91 -35.27 24.82 -8.77
N ILE G 92 -35.10 23.50 -8.80
CA ILE G 92 -35.93 22.59 -8.02
C ILE G 92 -35.02 21.76 -7.13
N CYS G 93 -35.29 21.78 -5.83
CA CYS G 93 -34.48 21.03 -4.89
C CYS G 93 -35.13 19.73 -4.49
N ILE G 94 -34.48 18.62 -4.84
CA ILE G 94 -34.96 17.30 -4.47
C ILE G 94 -33.83 16.63 -3.68
N GLY G 95 -34.17 15.95 -2.59
CA GLY G 95 -33.13 15.31 -1.80
C GLY G 95 -32.47 16.28 -0.85
N GLN G 96 -31.55 17.09 -1.38
CA GLN G 96 -30.89 18.07 -0.55
C GLN G 96 -30.07 19.04 -1.35
N ALA G 97 -29.86 20.22 -0.77
CA ALA G 97 -29.08 21.28 -1.40
C ALA G 97 -28.27 21.93 -0.29
N ALA G 98 -27.00 21.54 -0.19
CA ALA G 98 -26.13 22.08 0.84
C ALA G 98 -24.90 22.80 0.27
N ALA G 99 -24.42 23.80 1.00
CA ALA G 99 -23.25 24.54 0.56
C ALA G 99 -23.53 25.09 -0.83
N MET G 100 -22.60 24.90 -1.75
CA MET G 100 -22.78 25.38 -3.13
C MET G 100 -24.15 25.00 -3.69
N GLY G 101 -24.67 23.87 -3.25
CA GLY G 101 -25.97 23.43 -3.71
C GLY G 101 -27.01 24.43 -3.24
N ALA G 102 -26.96 24.75 -1.95
CA ALA G 102 -27.91 25.72 -1.41
C ALA G 102 -27.74 27.00 -2.24
N PHE G 103 -26.52 27.54 -2.23
CA PHE G 103 -26.22 28.75 -2.97
C PHE G 103 -26.85 28.79 -4.36
N LEU G 104 -26.60 27.76 -5.18
CA LEU G 104 -27.15 27.72 -6.53
C LEU G 104 -28.67 27.74 -6.52
N LEU G 105 -29.24 26.94 -5.62
CA LEU G 105 -30.68 26.86 -5.50
C LEU G 105 -31.28 28.26 -5.32
N SER G 106 -30.61 29.08 -4.52
CA SER G 106 -31.09 30.45 -4.24
C SER G 106 -30.91 31.40 -5.43
N CYS G 107 -30.00 31.04 -6.32
CA CYS G 107 -29.71 31.84 -7.50
C CYS G 107 -30.72 31.66 -8.63
N GLY G 108 -31.72 30.82 -8.39
CA GLY G 108 -32.72 30.59 -9.41
C GLY G 108 -33.58 31.81 -9.69
N ALA G 109 -34.24 31.81 -10.84
CA ALA G 109 -35.10 32.92 -11.24
C ALA G 109 -36.09 33.26 -10.15
N LYS G 110 -36.09 34.52 -9.72
CA LYS G 110 -37.00 34.95 -8.67
C LYS G 110 -38.43 34.54 -9.01
N GLY G 111 -39.11 33.96 -8.03
CA GLY G 111 -40.48 33.52 -8.26
C GLY G 111 -40.49 32.08 -8.72
N LYS G 112 -39.35 31.58 -9.16
CA LYS G 112 -39.27 30.19 -9.65
C LYS G 112 -38.25 29.28 -8.94
N ARG G 113 -38.04 29.50 -7.64
CA ARG G 113 -37.12 28.66 -6.88
C ARG G 113 -37.99 27.76 -6.02
N PHE G 114 -38.05 26.50 -6.38
CA PHE G 114 -38.89 25.54 -5.67
C PHE G 114 -38.10 24.48 -4.93
N SER G 115 -38.82 23.61 -4.23
CA SER G 115 -38.21 22.52 -3.48
C SER G 115 -39.27 21.50 -3.10
N LEU G 116 -38.92 20.23 -3.09
CA LEU G 116 -39.88 19.21 -2.71
C LEU G 116 -39.94 19.23 -1.19
N PRO G 117 -41.12 19.00 -0.62
CA PRO G 117 -41.37 19.00 0.82
C PRO G 117 -40.36 18.41 1.82
N HIS G 118 -39.65 17.35 1.45
CA HIS G 118 -38.74 16.74 2.40
C HIS G 118 -37.26 16.92 2.13
N SER G 119 -36.93 17.64 1.07
CA SER G 119 -35.53 17.86 0.77
C SER G 119 -35.02 18.76 1.88
N ARG G 120 -33.71 18.76 2.10
CA ARG G 120 -33.15 19.61 3.16
C ARG G 120 -32.16 20.60 2.58
N ILE G 121 -32.27 21.86 3.01
CA ILE G 121 -31.38 22.92 2.57
C ILE G 121 -30.38 23.20 3.70
N MET G 122 -29.12 23.39 3.33
CA MET G 122 -28.08 23.67 4.33
C MET G 122 -27.05 24.65 3.76
N ILE G 123 -26.84 25.74 4.49
CA ILE G 123 -25.87 26.77 4.09
C ILE G 123 -24.74 26.90 5.12
N HIS G 124 -23.57 27.35 4.65
CA HIS G 124 -22.41 27.52 5.51
C HIS G 124 -21.37 28.46 4.88
N GLN G 125 -20.20 28.54 5.51
CA GLN G 125 -19.12 29.36 4.99
C GLN G 125 -18.16 28.42 4.26
N PRO G 126 -17.43 28.95 3.29
CA PRO G 126 -16.50 28.11 2.56
C PRO G 126 -15.45 27.40 3.39
N LEU G 127 -15.02 26.25 2.89
CA LEU G 127 -13.99 25.40 3.51
C LEU G 127 -12.76 25.46 2.60
N GLY G 128 -11.58 25.24 3.16
CA GLY G 128 -10.38 25.29 2.32
C GLY G 128 -9.12 24.80 3.00
N GLY G 129 -7.98 25.03 2.35
CA GLY G 129 -6.71 24.63 2.90
C GLY G 129 -5.52 25.37 2.30
N ALA G 130 -4.48 25.59 3.10
CA ALA G 130 -3.31 26.28 2.58
C ALA G 130 -2.02 25.73 3.14
N GLN G 131 -0.99 25.65 2.31
CA GLN G 131 0.32 25.17 2.72
C GLN G 131 1.40 26.05 2.14
N GLY G 132 2.58 26.04 2.77
CA GLY G 132 3.68 26.84 2.27
C GLY G 132 4.14 27.85 3.29
N GLN G 133 4.62 28.98 2.78
CA GLN G 133 5.12 30.06 3.63
C GLN G 133 4.00 30.95 4.16
N ALA G 134 4.28 31.65 5.27
CA ALA G 134 3.32 32.57 5.87
C ALA G 134 2.73 33.40 4.75
N SER G 135 3.62 33.99 3.96
CA SER G 135 3.26 34.82 2.82
C SER G 135 2.22 34.16 1.94
N ASP G 136 2.44 32.88 1.61
CA ASP G 136 1.51 32.14 0.76
C ASP G 136 0.23 31.82 1.50
N ILE G 137 0.35 31.39 2.75
CA ILE G 137 -0.82 31.08 3.58
C ILE G 137 -1.75 32.29 3.61
N GLU G 138 -1.18 33.46 3.86
CA GLU G 138 -1.96 34.68 3.92
C GLU G 138 -2.71 35.01 2.62
N ILE G 139 -2.04 34.83 1.49
CA ILE G 139 -2.69 35.10 0.21
C ILE G 139 -3.96 34.25 0.09
N ILE G 140 -3.85 32.96 0.39
CA ILE G 140 -4.98 32.03 0.32
C ILE G 140 -6.07 32.33 1.36
N SER G 141 -5.67 32.72 2.55
CA SER G 141 -6.63 33.03 3.59
C SER G 141 -7.49 34.20 3.14
N ASN G 142 -6.84 35.23 2.60
CA ASN G 142 -7.55 36.43 2.12
C ASN G 142 -8.44 36.07 0.93
N GLU G 143 -7.97 35.15 0.10
CA GLU G 143 -8.74 34.75 -1.06
C GLU G 143 -10.01 34.01 -0.66
N ILE G 144 -9.92 33.17 0.37
CA ILE G 144 -11.09 32.41 0.83
C ILE G 144 -12.05 33.33 1.58
N LEU G 145 -11.51 34.31 2.30
CA LEU G 145 -12.35 35.27 3.00
C LEU G 145 -13.05 36.15 1.96
N ARG G 146 -12.41 36.31 0.81
CA ARG G 146 -12.97 37.13 -0.26
C ARG G 146 -14.16 36.38 -0.84
N LEU G 147 -14.01 35.08 -1.03
CA LEU G 147 -15.10 34.28 -1.57
C LEU G 147 -16.22 34.22 -0.53
N LYS G 148 -15.83 34.09 0.74
CA LYS G 148 -16.79 34.03 1.83
C LYS G 148 -17.69 35.27 1.85
N GLY G 149 -17.10 36.45 1.74
CA GLY G 149 -17.87 37.68 1.73
C GLY G 149 -18.77 37.77 0.51
N LEU G 150 -18.21 37.49 -0.66
CA LEU G 150 -18.96 37.55 -1.92
C LEU G 150 -20.21 36.70 -1.86
N MET G 151 -20.06 35.47 -1.36
CA MET G 151 -21.19 34.57 -1.28
C MET G 151 -22.21 35.01 -0.23
N ASN G 152 -21.76 35.67 0.81
CA ASN G 152 -22.69 36.16 1.84
C ASN G 152 -23.55 37.24 1.22
N SER G 153 -22.93 38.09 0.40
CA SER G 153 -23.64 39.18 -0.26
C SER G 153 -24.71 38.60 -1.15
N ILE G 154 -24.29 37.66 -1.99
CA ILE G 154 -25.21 37.03 -2.92
C ILE G 154 -26.32 36.33 -2.15
N LEU G 155 -26.00 35.61 -1.09
CA LEU G 155 -27.05 34.94 -0.31
C LEU G 155 -27.96 35.98 0.33
N ALA G 156 -27.37 36.98 0.94
CA ALA G 156 -28.14 38.04 1.58
C ALA G 156 -29.06 38.67 0.55
N GLN G 157 -28.56 38.94 -0.64
CA GLN G 157 -29.38 39.56 -1.67
C GLN G 157 -30.41 38.61 -2.24
N ASN G 158 -30.01 37.37 -2.49
CA ASN G 158 -30.92 36.36 -3.03
C ASN G 158 -32.10 36.12 -2.08
N SER G 159 -31.86 36.30 -0.79
CA SER G 159 -32.87 36.04 0.24
C SER G 159 -33.53 37.24 0.91
N GLY G 160 -32.97 38.44 0.69
CA GLY G 160 -33.54 39.64 1.29
C GLY G 160 -33.14 39.82 2.74
N GLN G 161 -32.25 38.96 3.23
CA GLN G 161 -31.76 39.05 4.60
C GLN G 161 -30.56 39.99 4.64
N SER G 162 -30.19 40.45 5.82
CA SER G 162 -29.06 41.35 5.94
C SER G 162 -27.73 40.60 5.85
N LEU G 163 -26.73 41.31 5.33
CA LEU G 163 -25.37 40.79 5.17
C LEU G 163 -24.95 40.14 6.50
N GLU G 164 -25.35 40.79 7.60
CA GLU G 164 -25.02 40.35 8.96
C GLU G 164 -25.74 39.07 9.39
N GLN G 165 -27.01 38.97 9.03
CA GLN G 165 -27.83 37.81 9.38
C GLN G 165 -27.24 36.58 8.70
N ILE G 166 -26.83 36.75 7.44
CA ILE G 166 -26.24 35.68 6.66
C ILE G 166 -24.89 35.33 7.29
N ALA G 167 -24.18 36.35 7.74
CA ALA G 167 -22.89 36.16 8.38
C ALA G 167 -23.04 35.29 9.63
N LYS G 168 -23.97 35.67 10.51
CA LYS G 168 -24.21 34.92 11.73
C LYS G 168 -24.63 33.49 11.43
N ASP G 169 -25.62 33.37 10.53
CA ASP G 169 -26.19 32.08 10.17
C ASP G 169 -25.30 31.08 9.41
N THR G 170 -24.21 31.55 8.81
CA THR G 170 -23.32 30.66 8.06
C THR G 170 -22.03 30.37 8.79
N ASP G 171 -21.90 30.87 10.03
CA ASP G 171 -20.69 30.65 10.80
C ASP G 171 -20.41 29.16 10.88
N ARG G 172 -21.48 28.39 11.14
CA ARG G 172 -21.38 26.94 11.21
C ARG G 172 -22.53 26.38 10.38
N ASP G 173 -22.48 25.09 10.08
CA ASP G 173 -23.53 24.46 9.28
C ASP G 173 -24.94 24.75 9.77
N PHE G 174 -25.75 25.30 8.88
CA PHE G 174 -27.13 25.67 9.19
C PHE G 174 -28.14 24.87 8.35
N TYR G 175 -28.68 23.79 8.94
CA TYR G 175 -29.68 22.95 8.26
C TYR G 175 -31.12 23.49 8.37
N MET G 176 -31.88 23.37 7.29
CA MET G 176 -33.26 23.84 7.28
C MET G 176 -34.15 22.91 6.48
N SER G 177 -35.45 23.06 6.69
CA SER G 177 -36.42 22.29 5.97
C SER G 177 -36.79 23.16 4.75
N ALA G 178 -37.41 22.56 3.74
CA ALA G 178 -37.82 23.32 2.56
C ALA G 178 -38.68 24.50 3.02
N LYS G 179 -39.60 24.23 3.94
CA LYS G 179 -40.47 25.28 4.46
C LYS G 179 -39.67 26.35 5.21
N GLU G 180 -38.66 25.92 5.95
CA GLU G 180 -37.83 26.88 6.68
C GLU G 180 -37.05 27.69 5.64
N ALA G 181 -36.50 27.00 4.63
CA ALA G 181 -35.73 27.63 3.57
C ALA G 181 -36.56 28.70 2.84
N LYS G 182 -37.85 28.42 2.69
CA LYS G 182 -38.78 29.32 2.02
C LYS G 182 -38.97 30.60 2.79
N GLU G 183 -39.30 30.47 4.08
CA GLU G 183 -39.53 31.63 4.94
C GLU G 183 -38.25 32.40 5.17
N TYR G 184 -37.11 31.75 4.95
CA TYR G 184 -35.82 32.38 5.13
C TYR G 184 -35.49 33.23 3.91
N GLY G 185 -36.12 32.91 2.79
CA GLY G 185 -35.90 33.65 1.55
C GLY G 185 -35.11 32.95 0.45
N LEU G 186 -34.58 31.76 0.75
CA LEU G 186 -33.79 31.02 -0.22
C LEU G 186 -34.59 30.42 -1.37
N ILE G 187 -35.86 30.09 -1.13
CA ILE G 187 -36.69 29.54 -2.20
C ILE G 187 -38.00 30.30 -2.20
N ASP G 188 -38.76 30.17 -3.28
CA ASP G 188 -40.04 30.85 -3.38
C ASP G 188 -41.25 30.05 -2.94
N LYS G 189 -41.31 28.78 -3.32
CA LYS G 189 -42.47 27.97 -2.98
C LYS G 189 -42.09 26.50 -2.81
N VAL G 190 -42.88 25.77 -2.03
CA VAL G 190 -42.60 24.35 -1.81
C VAL G 190 -43.69 23.49 -2.45
N LEU G 191 -43.34 22.72 -3.46
CA LEU G 191 -44.31 21.86 -4.14
C LEU G 191 -44.87 20.87 -3.13
N GLN G 192 -46.15 21.02 -2.80
CA GLN G 192 -46.79 20.15 -1.83
C GLN G 192 -47.23 18.77 -2.31
N ASP H 20 32.64 -3.63 23.75
CA ASP H 20 32.18 -3.15 22.42
C ASP H 20 33.34 -2.89 21.46
N ILE H 21 33.41 -3.70 20.40
CA ILE H 21 34.47 -3.64 19.39
C ILE H 21 34.78 -2.24 18.84
N TYR H 22 33.74 -1.43 18.65
CA TYR H 22 33.92 -0.09 18.11
C TYR H 22 34.48 0.89 19.12
N SER H 23 33.85 0.97 20.29
CA SER H 23 34.32 1.88 21.33
C SER H 23 35.72 1.44 21.78
N ARG H 24 36.03 0.17 21.55
CA ARG H 24 37.34 -0.39 21.90
C ARG H 24 38.41 0.22 21.00
N LEU H 25 38.16 0.22 19.69
CA LEU H 25 39.12 0.76 18.72
C LEU H 25 39.29 2.27 18.90
N LEU H 26 38.24 2.94 19.35
CA LEU H 26 38.28 4.37 19.57
C LEU H 26 39.30 4.69 20.67
N LYS H 27 39.63 3.68 21.47
CA LYS H 27 40.61 3.83 22.54
C LYS H 27 42.02 3.91 21.95
N ASP H 28 42.23 3.22 20.83
CA ASP H 28 43.52 3.24 20.14
C ASP H 28 43.45 4.39 19.14
N ARG H 29 42.41 5.21 19.26
CA ARG H 29 42.22 6.36 18.39
C ARG H 29 41.78 6.09 16.96
N ILE H 30 41.05 4.99 16.75
CA ILE H 30 40.56 4.67 15.41
C ILE H 30 39.09 5.04 15.33
N VAL H 31 38.71 5.74 14.26
CA VAL H 31 37.32 6.14 14.05
C VAL H 31 36.84 5.64 12.68
N LEU H 32 35.70 4.97 12.65
CA LEU H 32 35.13 4.43 11.41
C LEU H 32 33.94 5.21 10.85
N LEU H 33 34.00 5.49 9.56
CA LEU H 33 32.93 6.16 8.86
C LEU H 33 32.57 5.34 7.65
N SER H 34 31.56 4.48 7.79
CA SER H 34 31.11 3.64 6.70
C SER H 34 29.60 3.84 6.46
N GLY H 35 29.18 3.71 5.20
CA GLY H 35 27.78 3.89 4.87
C GLY H 35 27.41 5.32 4.52
N GLU H 36 26.14 5.54 4.13
CA GLU H 36 25.65 6.86 3.77
C GLU H 36 26.01 7.87 4.87
N ILE H 37 26.42 9.07 4.47
CA ILE H 37 26.77 10.11 5.42
C ILE H 37 25.61 11.08 5.59
N ASN H 38 25.10 11.23 6.82
CA ASN H 38 24.00 12.15 7.07
C ASN H 38 24.27 12.88 8.37
N ASP H 39 23.41 13.84 8.72
CA ASP H 39 23.59 14.59 9.95
C ASP H 39 23.77 13.63 11.13
N SER H 40 23.04 12.50 11.08
CA SER H 40 23.12 11.52 12.14
C SER H 40 24.55 10.98 12.22
N VAL H 41 24.97 10.24 11.21
CA VAL H 41 26.32 9.68 11.20
C VAL H 41 27.34 10.78 11.50
N ALA H 42 27.18 11.94 10.86
CA ALA H 42 28.09 13.07 11.05
C ALA H 42 28.25 13.41 12.52
N SER H 43 27.14 13.69 13.20
CA SER H 43 27.16 14.02 14.61
C SER H 43 28.06 13.06 15.39
N SER H 44 27.90 11.79 15.07
CA SER H 44 28.69 10.72 15.69
C SER H 44 30.16 10.89 15.37
N ILE H 45 30.49 10.98 14.09
CA ILE H 45 31.88 11.15 13.71
C ILE H 45 32.42 12.41 14.36
N VAL H 46 31.58 13.43 14.47
CA VAL H 46 31.99 14.69 15.07
C VAL H 46 32.31 14.50 16.54
N ALA H 47 31.34 14.00 17.28
CA ALA H 47 31.52 13.77 18.71
C ALA H 47 32.83 13.02 18.93
N GLN H 48 33.02 11.94 18.16
CA GLN H 48 34.23 11.14 18.31
C GLN H 48 35.51 11.91 18.15
N LEU H 49 35.51 12.88 17.25
CA LEU H 49 36.71 13.67 17.04
C LEU H 49 36.88 14.66 18.17
N LEU H 50 35.79 15.28 18.60
CA LEU H 50 35.88 16.24 19.69
C LEU H 50 36.33 15.51 20.96
N PHE H 51 35.89 14.26 21.14
CA PHE H 51 36.26 13.46 22.30
C PHE H 51 37.73 13.09 22.26
N LEU H 52 38.22 12.70 21.08
CA LEU H 52 39.62 12.33 20.93
C LEU H 52 40.49 13.58 21.10
N GLU H 53 39.99 14.71 20.60
CA GLU H 53 40.67 15.99 20.73
C GLU H 53 41.01 16.19 22.21
N ALA H 54 40.02 15.93 23.06
CA ALA H 54 40.20 16.06 24.49
C ALA H 54 41.24 15.08 24.99
N GLU H 55 40.93 13.79 24.88
CA GLU H 55 41.83 12.73 25.34
C GLU H 55 43.30 12.95 25.05
N ASP H 56 43.61 13.67 23.96
CA ASP H 56 45.00 13.93 23.61
C ASP H 56 45.11 14.82 22.37
N PRO H 57 45.43 16.12 22.56
CA PRO H 57 45.55 17.07 21.45
C PRO H 57 46.77 16.85 20.56
N GLU H 58 47.61 15.88 20.91
CA GLU H 58 48.81 15.61 20.14
C GLU H 58 48.73 14.36 19.25
N LYS H 59 48.48 13.20 19.87
CA LYS H 59 48.39 11.91 19.17
C LYS H 59 47.55 11.99 17.90
N ASP H 60 48.04 11.39 16.81
CA ASP H 60 47.29 11.40 15.57
C ASP H 60 46.00 10.60 15.70
N ILE H 61 45.03 10.89 14.84
CA ILE H 61 43.76 10.17 14.85
C ILE H 61 43.64 9.44 13.49
N GLY H 62 43.08 8.24 13.52
CA GLY H 62 42.92 7.49 12.29
C GLY H 62 41.46 7.35 11.87
N LEU H 63 41.10 8.04 10.79
CA LEU H 63 39.73 7.98 10.28
C LEU H 63 39.61 7.06 9.05
N TYR H 64 39.17 5.83 9.29
CA TYR H 64 39.01 4.90 8.18
C TYR H 64 37.70 5.18 7.48
N ILE H 65 37.75 5.24 6.16
CA ILE H 65 36.58 5.55 5.36
C ILE H 65 36.16 4.51 4.35
N ASN H 66 34.89 4.16 4.42
CA ASN H 66 34.27 3.21 3.50
C ASN H 66 32.87 3.76 3.37
N SER H 67 32.70 4.78 2.55
CA SER H 67 31.40 5.41 2.40
C SER H 67 31.04 5.77 0.97
N PRO H 68 29.75 5.65 0.62
CA PRO H 68 29.35 5.98 -0.76
C PRO H 68 29.06 7.47 -0.92
N GLY H 69 29.15 8.21 0.17
CA GLY H 69 28.88 9.64 0.12
C GLY H 69 27.75 9.97 1.06
N GLY H 70 27.01 11.03 0.76
CA GLY H 70 25.90 11.44 1.61
C GLY H 70 25.58 12.91 1.49
N VAL H 71 24.78 13.42 2.42
CA VAL H 71 24.39 14.82 2.43
C VAL H 71 25.63 15.72 2.52
N ILE H 72 25.71 16.70 1.60
CA ILE H 72 26.82 17.64 1.55
C ILE H 72 27.18 18.36 2.86
N THR H 73 26.22 19.08 3.45
CA THR H 73 26.49 19.80 4.68
C THR H 73 26.96 18.87 5.80
N SER H 74 26.30 17.73 5.93
CA SER H 74 26.69 16.76 6.94
C SER H 74 28.14 16.42 6.73
N GLY H 75 28.53 16.26 5.46
CA GLY H 75 29.91 15.96 5.15
C GLY H 75 30.82 17.12 5.52
N LEU H 76 30.46 18.33 5.12
CA LEU H 76 31.28 19.48 5.44
C LEU H 76 31.52 19.66 6.96
N SER H 77 30.55 19.29 7.78
CA SER H 77 30.72 19.45 9.21
C SER H 77 31.87 18.58 9.73
N ILE H 78 32.09 17.42 9.10
CA ILE H 78 33.17 16.53 9.51
C ILE H 78 34.53 17.16 9.15
N TYR H 79 34.66 17.56 7.89
CA TYR H 79 35.85 18.19 7.36
C TYR H 79 36.27 19.41 8.20
N ASP H 80 35.32 20.28 8.49
CA ASP H 80 35.61 21.46 9.28
C ASP H 80 36.14 21.02 10.65
N THR H 81 35.51 20.00 11.22
CA THR H 81 35.93 19.51 12.53
C THR H 81 37.31 18.87 12.46
N MET H 82 37.62 18.21 11.34
CA MET H 82 38.92 17.60 11.17
C MET H 82 39.97 18.68 11.34
N ASN H 83 39.66 19.85 10.78
CA ASN H 83 40.56 20.99 10.85
C ASN H 83 40.43 21.77 12.15
N PHE H 84 39.23 21.84 12.69
CA PHE H 84 38.99 22.55 13.94
C PHE H 84 39.84 22.00 15.09
N ILE H 85 39.85 20.69 15.27
CA ILE H 85 40.61 20.07 16.34
C ILE H 85 42.11 20.12 16.10
N ARG H 86 42.88 19.90 17.16
CA ARG H 86 44.34 19.96 17.10
C ARG H 86 45.05 18.77 16.50
N PRO H 87 44.71 17.56 16.95
CA PRO H 87 45.42 16.42 16.37
C PRO H 87 45.19 16.26 14.86
N ASP H 88 46.17 15.61 14.21
CA ASP H 88 46.09 15.34 12.78
C ASP H 88 45.08 14.22 12.58
N VAL H 89 44.25 14.37 11.55
CA VAL H 89 43.26 13.34 11.27
C VAL H 89 43.77 12.65 10.04
N SER H 90 44.34 11.46 10.20
CA SER H 90 44.84 10.73 9.05
C SER H 90 43.64 10.03 8.44
N THR H 91 43.55 9.99 7.11
CA THR H 91 42.42 9.30 6.48
C THR H 91 42.90 8.04 5.78
N ILE H 92 42.15 6.96 5.94
CA ILE H 92 42.52 5.71 5.30
C ILE H 92 41.28 5.18 4.60
N CYS H 93 41.42 4.83 3.33
CA CYS H 93 40.29 4.32 2.58
C CYS H 93 40.37 2.82 2.40
N ILE H 94 39.32 2.11 2.83
CA ILE H 94 39.24 0.67 2.71
C ILE H 94 37.91 0.41 2.03
N GLY H 95 37.90 -0.45 1.02
CA GLY H 95 36.66 -0.74 0.33
C GLY H 95 36.34 0.32 -0.71
N GLN H 96 35.91 1.49 -0.26
CA GLN H 96 35.60 2.57 -1.18
C GLN H 96 35.34 3.92 -0.51
N ALA H 97 35.86 4.97 -1.14
CA ALA H 97 35.66 6.33 -0.67
C ALA H 97 35.09 7.06 -1.88
N ALA H 98 33.78 7.22 -1.92
CA ALA H 98 33.15 7.89 -3.05
C ALA H 98 32.45 9.18 -2.66
N ALA H 99 32.28 10.05 -3.66
CA ALA H 99 31.61 11.35 -3.51
C ALA H 99 32.13 12.08 -2.25
N MET H 100 31.22 12.59 -1.43
CA MET H 100 31.61 13.29 -0.21
C MET H 100 32.61 12.46 0.61
N GLY H 101 32.55 11.14 0.43
CA GLY H 101 33.47 10.27 1.14
C GLY H 101 34.86 10.48 0.56
N ALA H 102 34.94 10.60 -0.76
CA ALA H 102 36.22 10.81 -1.45
C ALA H 102 36.74 12.19 -1.08
N PHE H 103 35.81 13.09 -0.80
CA PHE H 103 36.15 14.45 -0.40
C PHE H 103 36.86 14.42 0.95
N LEU H 104 36.28 13.66 1.88
CA LEU H 104 36.85 13.57 3.21
C LEU H 104 38.21 12.91 3.16
N LEU H 105 38.35 11.89 2.33
CA LEU H 105 39.61 11.19 2.21
C LEU H 105 40.69 12.18 1.77
N SER H 106 40.31 13.08 0.86
CA SER H 106 41.24 14.06 0.32
C SER H 106 41.56 15.19 1.29
N CYS H 107 40.76 15.36 2.32
CA CYS H 107 41.01 16.43 3.26
C CYS H 107 41.88 16.04 4.45
N GLY H 108 42.23 14.76 4.56
CA GLY H 108 43.05 14.34 5.68
C GLY H 108 44.30 15.18 5.85
N ALA H 109 45.01 14.99 6.96
CA ALA H 109 46.23 15.75 7.20
C ALA H 109 47.23 15.45 6.07
N LYS H 110 47.69 16.51 5.41
CA LYS H 110 48.64 16.35 4.31
C LYS H 110 49.77 15.38 4.67
N GLY H 111 49.98 14.38 3.82
CA GLY H 111 51.00 13.38 4.07
C GLY H 111 50.45 12.18 4.83
N LYS H 112 49.25 12.31 5.38
CA LYS H 112 48.65 11.19 6.12
C LYS H 112 47.34 10.70 5.51
N ARG H 113 47.29 10.70 4.19
CA ARG H 113 46.12 10.23 3.47
C ARG H 113 46.54 8.90 2.79
N PHE H 114 46.07 7.77 3.33
CA PHE H 114 46.43 6.48 2.79
C PHE H 114 45.21 5.70 2.28
N SER H 115 45.48 4.68 1.48
CA SER H 115 44.43 3.83 0.96
C SER H 115 44.95 2.40 0.86
N LEU H 116 44.06 1.42 0.95
CA LEU H 116 44.48 0.04 0.82
C LEU H 116 44.52 -0.18 -0.68
N PRO H 117 45.35 -1.14 -1.15
CA PRO H 117 45.50 -1.43 -2.58
C PRO H 117 44.27 -1.69 -3.47
N HIS H 118 43.23 -2.30 -2.93
CA HIS H 118 42.06 -2.61 -3.75
C HIS H 118 40.82 -1.76 -3.51
N SER H 119 41.02 -0.61 -2.87
CA SER H 119 39.92 0.29 -2.60
C SER H 119 39.77 1.17 -3.81
N ARG H 120 38.59 1.73 -4.01
CA ARG H 120 38.33 2.59 -5.14
C ARG H 120 37.88 3.96 -4.65
N ILE H 121 38.27 4.98 -5.39
CA ILE H 121 37.96 6.37 -5.08
C ILE H 121 37.10 6.89 -6.22
N MET H 122 35.99 7.55 -5.89
CA MET H 122 35.11 8.10 -6.91
C MET H 122 34.72 9.52 -6.49
N ILE H 123 34.98 10.47 -7.37
CA ILE H 123 34.63 11.84 -7.10
C ILE H 123 33.67 12.32 -8.18
N HIS H 124 32.81 13.27 -7.84
CA HIS H 124 31.85 13.77 -8.81
C HIS H 124 31.27 15.08 -8.32
N GLN H 125 30.32 15.62 -9.07
CA GLN H 125 29.70 16.87 -8.67
C GLN H 125 28.47 16.57 -7.80
N PRO H 126 28.01 17.57 -7.02
CA PRO H 126 26.84 17.42 -6.15
C PRO H 126 25.50 17.16 -6.83
N LEU H 127 24.64 16.45 -6.09
CA LEU H 127 23.31 16.10 -6.53
C LEU H 127 22.32 16.82 -5.65
N GLY H 128 21.12 17.04 -6.16
CA GLY H 128 20.12 17.73 -5.37
C GLY H 128 18.76 17.73 -6.01
N GLY H 129 17.86 18.51 -5.44
CA GLY H 129 16.52 18.59 -5.97
C GLY H 129 15.90 19.93 -5.63
N ALA H 130 15.07 20.43 -6.55
CA ALA H 130 14.39 21.71 -6.38
C ALA H 130 12.93 21.57 -6.77
N GLN H 131 12.03 22.02 -5.90
CA GLN H 131 10.60 21.94 -6.18
C GLN H 131 9.95 23.27 -5.76
N GLY H 132 9.04 23.78 -6.60
CA GLY H 132 8.39 25.03 -6.24
C GLY H 132 8.27 26.06 -7.35
N GLN H 133 8.41 27.33 -6.97
CA GLN H 133 8.33 28.44 -7.92
C GLN H 133 9.68 28.68 -8.60
N ALA H 134 9.64 29.44 -9.70
CA ALA H 134 10.84 29.76 -10.42
C ALA H 134 11.86 30.36 -9.45
N SER H 135 11.38 31.29 -8.63
CA SER H 135 12.22 31.97 -7.65
C SER H 135 12.91 31.05 -6.65
N ASP H 136 12.19 30.04 -6.16
CA ASP H 136 12.76 29.12 -5.18
C ASP H 136 13.77 28.16 -5.83
N ILE H 137 13.42 27.69 -7.02
CA ILE H 137 14.28 26.78 -7.76
C ILE H 137 15.60 27.48 -8.09
N GLU H 138 15.49 28.71 -8.58
CA GLU H 138 16.65 29.51 -8.92
C GLU H 138 17.56 29.64 -7.69
N ILE H 139 16.96 29.93 -6.53
CA ILE H 139 17.72 30.07 -5.29
C ILE H 139 18.40 28.75 -4.95
N ILE H 140 17.63 27.66 -4.98
CA ILE H 140 18.21 26.34 -4.69
C ILE H 140 19.34 26.08 -5.68
N SER H 141 19.06 26.31 -6.96
CA SER H 141 20.07 26.09 -7.98
C SER H 141 21.37 26.88 -7.71
N ASN H 142 21.26 28.14 -7.29
CA ASN H 142 22.47 28.91 -7.02
C ASN H 142 23.17 28.34 -5.81
N GLU H 143 22.40 27.89 -4.82
CA GLU H 143 22.98 27.34 -3.61
C GLU H 143 23.72 26.02 -3.86
N ILE H 144 23.22 25.22 -4.79
CA ILE H 144 23.88 23.96 -5.07
C ILE H 144 25.16 24.25 -5.86
N LEU H 145 25.07 25.22 -6.76
CA LEU H 145 26.21 25.62 -7.58
C LEU H 145 27.30 26.26 -6.74
N ARG H 146 26.89 27.08 -5.78
CA ARG H 146 27.87 27.70 -4.89
C ARG H 146 28.59 26.56 -4.20
N LEU H 147 27.85 25.54 -3.79
CA LEU H 147 28.44 24.39 -3.11
C LEU H 147 29.34 23.60 -4.07
N LYS H 148 28.87 23.45 -5.31
CA LYS H 148 29.64 22.75 -6.32
C LYS H 148 31.01 23.41 -6.44
N GLY H 149 31.04 24.74 -6.49
CA GLY H 149 32.31 25.45 -6.61
C GLY H 149 33.19 25.40 -5.39
N LEU H 150 32.56 25.44 -4.22
CA LEU H 150 33.27 25.39 -2.95
C LEU H 150 34.14 24.14 -2.91
N MET H 151 33.49 22.98 -2.89
CA MET H 151 34.16 21.68 -2.84
C MET H 151 35.15 21.50 -3.97
N ASN H 152 34.77 21.90 -5.17
CA ASN H 152 35.67 21.77 -6.30
C ASN H 152 36.97 22.51 -6.00
N SER H 153 36.85 23.65 -5.34
CA SER H 153 38.02 24.43 -4.99
C SER H 153 38.88 23.72 -3.95
N ILE H 154 38.25 23.29 -2.86
CA ILE H 154 38.97 22.60 -1.81
C ILE H 154 39.67 21.35 -2.38
N LEU H 155 38.92 20.59 -3.17
CA LEU H 155 39.40 19.37 -3.79
C LEU H 155 40.63 19.65 -4.65
N ALA H 156 40.58 20.80 -5.35
CA ALA H 156 41.68 21.23 -6.23
C ALA H 156 42.89 21.61 -5.37
N GLN H 157 42.61 22.30 -4.28
CA GLN H 157 43.63 22.73 -3.34
C GLN H 157 44.30 21.53 -2.67
N ASN H 158 43.52 20.53 -2.30
CA ASN H 158 44.04 19.33 -1.64
C ASN H 158 44.75 18.37 -2.57
N SER H 159 44.43 18.45 -3.85
CA SER H 159 44.99 17.55 -4.84
C SER H 159 46.09 18.10 -5.72
N GLY H 160 46.20 19.42 -5.79
CA GLY H 160 47.22 20.00 -6.64
C GLY H 160 46.74 20.10 -8.07
N GLN H 161 45.42 20.03 -8.25
CA GLN H 161 44.84 20.12 -9.57
C GLN H 161 44.35 21.57 -9.71
N SER H 162 44.03 21.98 -10.94
CA SER H 162 43.54 23.35 -11.17
C SER H 162 42.02 23.32 -11.03
N LEU H 163 41.44 24.42 -10.57
CA LEU H 163 40.00 24.51 -10.40
C LEU H 163 39.30 24.06 -11.68
N GLU H 164 39.71 24.62 -12.81
CA GLU H 164 39.12 24.29 -14.09
C GLU H 164 39.21 22.80 -14.40
N GLN H 165 40.26 22.15 -13.88
CA GLN H 165 40.46 20.72 -14.10
C GLN H 165 39.53 19.84 -13.26
N ILE H 166 39.45 20.12 -11.97
CA ILE H 166 38.58 19.33 -11.09
C ILE H 166 37.13 19.46 -11.58
N ALA H 167 36.81 20.61 -12.18
CA ALA H 167 35.47 20.86 -12.70
C ALA H 167 35.19 19.94 -13.88
N LYS H 168 36.13 19.87 -14.82
CA LYS H 168 35.96 19.01 -15.98
C LYS H 168 35.91 17.54 -15.59
N ASP H 169 36.80 17.13 -14.70
CA ASP H 169 36.88 15.75 -14.26
C ASP H 169 35.74 15.26 -13.37
N THR H 170 35.01 16.18 -12.72
CA THR H 170 33.92 15.75 -11.84
C THR H 170 32.53 15.99 -12.43
N ASP H 171 32.51 16.42 -13.69
CA ASP H 171 31.28 16.71 -14.41
C ASP H 171 30.38 15.48 -14.34
N ARG H 172 31.01 14.31 -14.36
CA ARG H 172 30.30 13.03 -14.26
C ARG H 172 31.12 12.13 -13.33
N ASP H 173 30.57 11.00 -12.92
CA ASP H 173 31.31 10.13 -12.01
C ASP H 173 32.70 9.74 -12.53
N PHE H 174 33.71 9.99 -11.71
CA PHE H 174 35.09 9.69 -12.06
C PHE H 174 35.63 8.58 -11.16
N TYR H 175 35.56 7.32 -11.62
CA TYR H 175 36.05 6.21 -10.80
C TYR H 175 37.56 5.99 -10.93
N MET H 176 38.21 5.82 -9.77
CA MET H 176 39.65 5.61 -9.72
C MET H 176 40.06 4.43 -8.85
N SER H 177 41.28 3.95 -9.06
CA SER H 177 41.82 2.87 -8.26
C SER H 177 42.77 3.54 -7.28
N ALA H 178 42.94 2.96 -6.09
CA ALA H 178 43.83 3.52 -5.08
C ALA H 178 45.11 4.08 -5.71
N LYS H 179 45.72 3.31 -6.60
CA LYS H 179 46.93 3.73 -7.26
C LYS H 179 46.70 5.00 -8.07
N GLU H 180 45.61 5.07 -8.81
CA GLU H 180 45.30 6.24 -9.62
C GLU H 180 45.00 7.48 -8.77
N ALA H 181 44.20 7.29 -7.71
CA ALA H 181 43.83 8.38 -6.79
C ALA H 181 45.06 8.97 -6.10
N LYS H 182 46.10 8.16 -5.99
CA LYS H 182 47.33 8.61 -5.36
C LYS H 182 48.09 9.46 -6.37
N GLU H 183 48.04 9.06 -7.63
CA GLU H 183 48.72 9.81 -8.69
C GLU H 183 47.95 11.09 -8.98
N TYR H 184 46.64 11.08 -8.73
CA TYR H 184 45.78 12.26 -8.98
C TYR H 184 45.89 13.34 -7.90
N GLY H 185 46.51 13.01 -6.77
CA GLY H 185 46.68 13.98 -5.70
C GLY H 185 45.72 13.91 -4.53
N LEU H 186 44.72 13.04 -4.66
CA LEU H 186 43.70 12.86 -3.63
C LEU H 186 44.24 12.20 -2.36
N ILE H 187 45.19 11.28 -2.49
CA ILE H 187 45.82 10.63 -1.34
C ILE H 187 47.34 10.70 -1.48
N ASP H 188 48.06 10.52 -0.38
CA ASP H 188 49.52 10.59 -0.40
C ASP H 188 50.23 9.25 -0.63
N LYS H 189 49.79 8.21 0.07
CA LYS H 189 50.40 6.88 -0.05
C LYS H 189 49.41 5.72 -0.04
N VAL H 190 49.73 4.67 -0.79
CA VAL H 190 48.91 3.47 -0.88
C VAL H 190 49.59 2.32 -0.14
N LEU H 191 49.19 2.09 1.10
CA LEU H 191 49.74 1.01 1.92
C LEU H 191 49.45 -0.29 1.21
N GLN H 192 50.48 -0.96 0.69
CA GLN H 192 50.24 -2.21 -0.02
C GLN H 192 50.95 -3.43 0.58
N ASP I 20 28.37 -12.27 25.82
CA ASP I 20 27.95 -12.48 24.40
C ASP I 20 28.71 -13.66 23.80
N ILE I 21 27.98 -14.61 23.22
CA ILE I 21 28.56 -15.80 22.62
C ILE I 21 29.58 -15.51 21.50
N TYR I 22 29.32 -14.47 20.73
CA TYR I 22 30.22 -14.08 19.65
C TYR I 22 31.43 -13.37 20.25
N SER I 23 31.19 -12.68 21.37
CA SER I 23 32.23 -11.97 22.06
C SER I 23 33.15 -13.00 22.71
N ARG I 24 32.54 -14.03 23.26
CA ARG I 24 33.30 -15.09 23.89
C ARG I 24 34.26 -15.67 22.85
N LEU I 25 33.70 -16.17 21.75
CA LEU I 25 34.49 -16.77 20.67
C LEU I 25 35.58 -15.85 20.10
N LEU I 26 35.30 -14.56 20.02
CA LEU I 26 36.28 -13.62 19.49
C LEU I 26 37.53 -13.64 20.38
N LYS I 27 37.33 -13.94 21.66
CA LYS I 27 38.43 -14.02 22.62
C LYS I 27 39.25 -15.29 22.32
N ASP I 28 38.79 -16.06 21.35
CA ASP I 28 39.47 -17.29 20.94
C ASP I 28 39.97 -17.11 19.51
N ARG I 29 39.90 -15.86 19.03
CA ARG I 29 40.35 -15.50 17.68
C ARG I 29 39.46 -16.10 16.58
N ILE I 30 38.17 -16.13 16.86
CA ILE I 30 37.18 -16.64 15.92
C ILE I 30 36.28 -15.51 15.41
N VAL I 31 36.23 -15.35 14.10
CA VAL I 31 35.42 -14.32 13.46
C VAL I 31 34.43 -15.01 12.51
N LEU I 32 33.14 -14.71 12.66
CA LEU I 32 32.12 -15.32 11.82
C LEU I 32 31.51 -14.36 10.82
N LEU I 33 31.65 -14.71 9.54
CA LEU I 33 31.07 -13.90 8.48
C LEU I 33 29.89 -14.71 7.92
N SER I 34 28.70 -14.45 8.46
CA SER I 34 27.50 -15.15 8.04
C SER I 34 26.49 -14.21 7.37
N GLY I 35 25.82 -14.70 6.33
CA GLY I 35 24.83 -13.90 5.63
C GLY I 35 25.41 -12.93 4.60
N GLU I 36 24.54 -12.07 4.05
CA GLU I 36 24.97 -11.11 3.05
C GLU I 36 26.04 -10.17 3.57
N ILE I 37 26.87 -9.70 2.63
CA ILE I 37 27.96 -8.78 2.95
C ILE I 37 27.55 -7.38 2.53
N ASN I 38 27.92 -6.40 3.35
CA ASN I 38 27.65 -4.98 3.08
C ASN I 38 28.53 -4.16 4.02
N ASP I 39 28.51 -2.84 3.87
CA ASP I 39 29.34 -1.97 4.70
C ASP I 39 29.20 -2.23 6.18
N SER I 40 27.98 -2.35 6.65
CA SER I 40 27.71 -2.63 8.05
C SER I 40 28.42 -3.93 8.47
N VAL I 41 28.11 -5.03 7.79
CA VAL I 41 28.76 -6.30 8.09
C VAL I 41 30.27 -6.16 7.91
N ALA I 42 30.67 -5.48 6.84
CA ALA I 42 32.08 -5.27 6.52
C ALA I 42 32.81 -4.49 7.61
N SER I 43 32.17 -3.47 8.18
CA SER I 43 32.79 -2.70 9.24
C SER I 43 33.00 -3.62 10.44
N SER I 44 31.98 -4.42 10.73
CA SER I 44 32.03 -5.37 11.82
C SER I 44 33.26 -6.27 11.67
N ILE I 45 33.36 -6.95 10.54
CA ILE I 45 34.48 -7.85 10.26
C ILE I 45 35.84 -7.16 10.29
N VAL I 46 35.90 -5.92 9.82
CA VAL I 46 37.16 -5.18 9.80
C VAL I 46 37.61 -4.79 11.21
N ALA I 47 36.70 -4.21 11.98
CA ALA I 47 37.00 -3.80 13.35
C ALA I 47 37.49 -5.01 14.16
N GLN I 48 36.90 -6.17 13.89
CA GLN I 48 37.28 -7.40 14.58
C GLN I 48 38.66 -7.88 14.16
N LEU I 49 38.99 -7.72 12.89
CA LEU I 49 40.31 -8.12 12.41
C LEU I 49 41.36 -7.17 13.00
N LEU I 50 41.04 -5.88 13.04
CA LEU I 50 41.97 -4.92 13.60
C LEU I 50 42.14 -5.28 15.06
N PHE I 51 41.04 -5.23 15.79
CA PHE I 51 41.05 -5.55 17.21
C PHE I 51 41.95 -6.75 17.51
N LEU I 52 41.69 -7.87 16.85
CA LEU I 52 42.47 -9.07 17.07
C LEU I 52 43.97 -8.82 16.92
N GLU I 53 44.36 -8.00 15.96
CA GLU I 53 45.78 -7.73 15.75
C GLU I 53 46.38 -6.98 16.94
N ALA I 54 45.62 -6.01 17.45
CA ALA I 54 46.04 -5.19 18.60
C ALA I 54 46.24 -6.05 19.83
N GLU I 55 45.53 -7.17 19.88
CA GLU I 55 45.64 -8.08 21.00
C GLU I 55 46.82 -9.01 20.79
N ASP I 56 47.12 -9.32 19.53
CA ASP I 56 48.23 -10.22 19.23
C ASP I 56 48.53 -10.29 17.74
N PRO I 57 49.66 -9.71 17.31
CA PRO I 57 50.06 -9.69 15.91
C PRO I 57 50.67 -11.00 15.42
N GLU I 58 51.00 -11.88 16.37
CA GLU I 58 51.64 -13.13 16.01
C GLU I 58 50.71 -14.28 15.66
N LYS I 59 49.70 -14.52 16.49
CA LYS I 59 48.77 -15.63 16.28
C LYS I 59 47.82 -15.57 15.09
N ASP I 60 47.37 -16.74 14.67
CA ASP I 60 46.43 -16.88 13.56
C ASP I 60 45.03 -16.44 13.96
N ILE I 61 44.25 -16.08 12.96
CA ILE I 61 42.88 -15.67 13.16
C ILE I 61 42.00 -16.64 12.37
N GLY I 62 40.88 -17.04 12.96
CA GLY I 62 39.99 -17.97 12.29
C GLY I 62 38.75 -17.29 11.75
N LEU I 63 38.64 -17.23 10.43
CA LEU I 63 37.49 -16.60 9.79
C LEU I 63 36.58 -17.63 9.15
N TYR I 64 35.50 -17.98 9.86
CA TYR I 64 34.51 -18.95 9.37
C TYR I 64 33.52 -18.24 8.47
N ILE I 65 33.33 -18.79 7.27
CA ILE I 65 32.43 -18.18 6.31
C ILE I 65 31.19 -18.99 5.93
N ASN I 66 30.07 -18.29 5.83
CA ASN I 66 28.77 -18.83 5.47
C ASN I 66 28.02 -17.63 4.89
N SER I 67 28.37 -17.29 3.65
CA SER I 67 27.78 -16.14 2.98
C SER I 67 27.46 -16.34 1.48
N PRO I 68 26.40 -15.66 1.02
CA PRO I 68 25.98 -15.74 -0.38
C PRO I 68 26.69 -14.66 -1.18
N GLY I 69 27.57 -13.93 -0.49
CA GLY I 69 28.28 -12.86 -1.14
C GLY I 69 27.62 -11.56 -0.70
N GLY I 70 27.79 -10.51 -1.50
CA GLY I 70 27.19 -9.24 -1.14
C GLY I 70 27.79 -8.11 -1.94
N VAL I 71 27.89 -6.93 -1.32
CA VAL I 71 28.46 -5.76 -1.99
C VAL I 71 29.96 -5.90 -2.26
N ILE I 72 30.38 -5.63 -3.49
CA ILE I 72 31.78 -5.75 -3.87
C ILE I 72 32.80 -4.86 -3.15
N THR I 73 32.61 -3.53 -3.16
CA THR I 73 33.56 -2.67 -2.47
C THR I 73 33.68 -3.11 -0.99
N SER I 74 32.58 -3.61 -0.42
CA SER I 74 32.55 -4.05 0.97
C SER I 74 33.36 -5.33 1.16
N GLY I 75 33.26 -6.24 0.21
CA GLY I 75 34.02 -7.47 0.31
C GLY I 75 35.49 -7.10 0.33
N LEU I 76 35.90 -6.29 -0.66
CA LEU I 76 37.28 -5.83 -0.82
C LEU I 76 37.87 -5.15 0.41
N SER I 77 37.05 -4.43 1.16
CA SER I 77 37.55 -3.76 2.35
C SER I 77 38.03 -4.86 3.31
N ILE I 78 37.23 -5.92 3.40
CA ILE I 78 37.57 -7.05 4.24
C ILE I 78 38.85 -7.69 3.73
N TYR I 79 38.86 -8.00 2.44
CA TYR I 79 40.01 -8.61 1.80
C TYR I 79 41.28 -7.83 2.09
N ASP I 80 41.31 -6.57 1.69
CA ASP I 80 42.48 -5.73 1.95
C ASP I 80 42.89 -5.73 3.43
N THR I 81 41.93 -5.83 4.34
CA THR I 81 42.26 -5.85 5.75
C THR I 81 43.02 -7.12 6.14
N MET I 82 42.61 -8.25 5.56
CA MET I 82 43.26 -9.53 5.84
C MET I 82 44.76 -9.46 5.58
N ASN I 83 45.14 -8.85 4.44
CA ASN I 83 46.54 -8.70 4.07
C ASN I 83 47.21 -7.54 4.79
N PHE I 84 46.39 -6.59 5.25
CA PHE I 84 46.89 -5.40 5.93
C PHE I 84 47.32 -5.63 7.38
N ILE I 85 46.87 -6.73 7.97
CA ILE I 85 47.23 -7.02 9.34
C ILE I 85 48.36 -8.06 9.35
N ARG I 86 49.09 -8.09 10.44
CA ARG I 86 50.21 -9.01 10.59
C ARG I 86 49.74 -10.47 10.62
N PRO I 87 48.82 -10.81 11.52
CA PRO I 87 48.33 -12.19 11.61
C PRO I 87 47.88 -12.80 10.29
N ASP I 88 48.06 -14.11 10.17
CA ASP I 88 47.61 -14.84 8.99
C ASP I 88 46.15 -15.14 9.22
N VAL I 89 45.30 -14.88 8.24
CA VAL I 89 43.88 -15.15 8.43
C VAL I 89 43.47 -16.45 7.75
N SER I 90 43.09 -17.42 8.57
CA SER I 90 42.65 -18.71 8.07
C SER I 90 41.18 -18.60 7.72
N THR I 91 40.80 -19.10 6.55
CA THR I 91 39.40 -19.05 6.16
C THR I 91 38.84 -20.47 6.13
N ILE I 92 37.72 -20.65 6.82
CA ILE I 92 37.04 -21.95 6.88
C ILE I 92 35.66 -21.75 6.30
N CYS I 93 35.27 -22.59 5.34
CA CYS I 93 33.94 -22.45 4.77
C CYS I 93 33.01 -23.40 5.50
N ILE I 94 31.79 -22.93 5.78
CA ILE I 94 30.79 -23.75 6.46
C ILE I 94 29.44 -23.36 5.88
N GLY I 95 28.69 -24.33 5.39
CA GLY I 95 27.42 -24.03 4.80
C GLY I 95 27.68 -23.66 3.35
N GLN I 96 28.00 -22.39 3.13
CA GLN I 96 28.28 -21.96 1.77
C GLN I 96 29.16 -20.71 1.67
N ALA I 97 29.85 -20.62 0.56
CA ALA I 97 30.71 -19.49 0.27
C ALA I 97 30.49 -19.19 -1.20
N ALA I 98 29.50 -18.35 -1.50
CA ALA I 98 29.20 -17.99 -2.89
C ALA I 98 29.56 -16.54 -3.21
N ALA I 99 29.88 -16.31 -4.47
CA ALA I 99 30.26 -14.99 -4.98
C ALA I 99 31.36 -14.37 -4.14
N MET I 100 31.15 -13.14 -3.67
CA MET I 100 32.14 -12.44 -2.87
C MET I 100 32.51 -13.28 -1.64
N GLY I 101 31.61 -14.19 -1.26
CA GLY I 101 31.88 -15.06 -0.14
C GLY I 101 32.99 -16.04 -0.51
N ALA I 102 32.89 -16.64 -1.69
CA ALA I 102 33.90 -17.57 -2.16
C ALA I 102 35.20 -16.80 -2.40
N PHE I 103 35.09 -15.58 -2.91
CA PHE I 103 36.25 -14.73 -3.16
C PHE I 103 37.09 -14.61 -1.87
N LEU I 104 36.44 -14.18 -0.79
CA LEU I 104 37.11 -14.03 0.50
C LEU I 104 37.73 -15.36 0.95
N LEU I 105 36.98 -16.44 0.81
CA LEU I 105 37.47 -17.76 1.19
C LEU I 105 38.85 -18.01 0.56
N SER I 106 38.93 -17.84 -0.75
CA SER I 106 40.15 -18.05 -1.51
C SER I 106 41.27 -17.08 -1.15
N CYS I 107 40.95 -16.06 -0.37
CA CYS I 107 41.95 -15.08 0.04
C CYS I 107 42.63 -15.44 1.37
N GLY I 108 42.09 -16.44 2.07
CA GLY I 108 42.70 -16.85 3.33
C GLY I 108 44.18 -17.12 3.12
N ALA I 109 44.93 -17.20 4.21
CA ALA I 109 46.37 -17.43 4.12
C ALA I 109 46.71 -18.74 3.41
N LYS I 110 47.56 -18.65 2.39
CA LYS I 110 47.97 -19.82 1.61
C LYS I 110 48.29 -20.98 2.53
N GLY I 111 47.71 -22.13 2.25
CA GLY I 111 47.95 -23.31 3.06
C GLY I 111 47.03 -23.40 4.25
N LYS I 112 46.22 -22.37 4.44
CA LYS I 112 45.31 -22.33 5.57
C LYS I 112 43.86 -22.02 5.18
N ARG I 113 43.45 -22.47 4.01
CA ARG I 113 42.09 -22.27 3.53
C ARG I 113 41.39 -23.62 3.56
N PHE I 114 40.46 -23.78 4.48
CA PHE I 114 39.76 -25.04 4.64
C PHE I 114 38.28 -24.89 4.37
N SER I 115 37.60 -26.03 4.46
CA SER I 115 36.17 -26.10 4.27
C SER I 115 35.64 -27.41 4.85
N LEU I 116 34.49 -27.37 5.51
CA LEU I 116 33.93 -28.59 6.05
C LEU I 116 33.35 -29.35 4.84
N PRO I 117 33.37 -30.68 4.88
CA PRO I 117 32.89 -31.58 3.83
C PRO I 117 31.61 -31.31 3.03
N HIS I 118 30.60 -30.72 3.64
CA HIS I 118 29.38 -30.51 2.88
C HIS I 118 29.08 -29.08 2.47
N SER I 119 30.10 -28.24 2.58
CA SER I 119 29.91 -26.85 2.18
C SER I 119 29.81 -26.86 0.66
N ARG I 120 29.29 -25.78 0.11
CA ARG I 120 29.17 -25.62 -1.32
C ARG I 120 29.88 -24.30 -1.58
N ILE I 121 30.72 -24.25 -2.61
CA ILE I 121 31.42 -23.03 -2.94
C ILE I 121 30.94 -22.65 -4.33
N MET I 122 30.81 -21.36 -4.60
CA MET I 122 30.36 -20.92 -5.91
C MET I 122 31.04 -19.62 -6.28
N ILE I 123 31.46 -19.52 -7.55
CA ILE I 123 32.09 -18.30 -8.02
C ILE I 123 31.33 -17.79 -9.24
N HIS I 124 31.44 -16.50 -9.52
CA HIS I 124 30.75 -15.93 -10.67
C HIS I 124 31.24 -14.52 -10.98
N GLN I 125 30.68 -13.90 -12.00
CA GLN I 125 31.08 -12.54 -12.34
C GLN I 125 30.15 -11.60 -11.57
N PRO I 126 30.58 -10.35 -11.33
CA PRO I 126 29.74 -9.40 -10.60
C PRO I 126 28.42 -9.00 -11.26
N LEU I 127 27.46 -8.64 -10.40
CA LEU I 127 26.13 -8.19 -10.79
C LEU I 127 26.06 -6.68 -10.56
N GLY I 128 25.11 -6.01 -11.20
CA GLY I 128 24.99 -4.58 -11.03
C GLY I 128 23.81 -3.90 -11.70
N GLY I 129 23.79 -2.58 -11.63
CA GLY I 129 22.73 -1.82 -12.22
C GLY I 129 23.13 -0.41 -12.57
N ALA I 130 22.72 0.05 -13.75
CA ALA I 130 23.03 1.39 -14.21
C ALA I 130 21.72 2.08 -14.53
N GLN I 131 21.67 3.39 -14.31
CA GLN I 131 20.47 4.16 -14.52
C GLN I 131 20.82 5.59 -14.96
N GLY I 132 20.14 6.11 -15.97
CA GLY I 132 20.42 7.47 -16.39
C GLY I 132 20.84 7.66 -17.83
N GLN I 133 21.54 8.77 -18.08
CA GLN I 133 22.01 9.10 -19.41
C GLN I 133 22.96 8.06 -19.96
N ALA I 134 23.06 8.01 -21.28
CA ALA I 134 23.94 7.07 -21.96
C ALA I 134 25.35 7.20 -21.41
N SER I 135 25.75 8.45 -21.19
CA SER I 135 27.07 8.77 -20.68
C SER I 135 27.39 8.15 -19.33
N ASP I 136 26.43 8.25 -18.41
CA ASP I 136 26.58 7.72 -17.05
C ASP I 136 26.49 6.19 -17.02
N ILE I 137 25.59 5.61 -17.82
CA ILE I 137 25.44 4.15 -17.83
C ILE I 137 26.76 3.49 -18.22
N GLU I 138 27.44 4.12 -19.17
CA GLU I 138 28.70 3.59 -19.64
C GLU I 138 29.78 3.67 -18.57
N ILE I 139 29.79 4.79 -17.84
CA ILE I 139 30.79 4.95 -16.78
C ILE I 139 30.59 3.87 -15.73
N ILE I 140 29.32 3.58 -15.44
CA ILE I 140 28.94 2.56 -14.46
C ILE I 140 29.42 1.23 -15.02
N SER I 141 29.04 0.98 -16.27
CA SER I 141 29.40 -0.24 -16.97
C SER I 141 30.92 -0.52 -16.94
N ASN I 142 31.71 0.50 -17.28
CA ASN I 142 33.14 0.34 -17.29
C ASN I 142 33.65 0.02 -15.89
N GLU I 143 33.00 0.60 -14.89
CA GLU I 143 33.41 0.36 -13.52
C GLU I 143 33.14 -1.09 -13.13
N ILE I 144 31.98 -1.60 -13.51
CA ILE I 144 31.65 -2.97 -13.19
C ILE I 144 32.67 -3.90 -13.85
N LEU I 145 32.95 -3.69 -15.13
CA LEU I 145 33.92 -4.51 -15.85
C LEU I 145 35.30 -4.39 -15.20
N ARG I 146 35.65 -3.18 -14.80
CA ARG I 146 36.93 -2.92 -14.14
C ARG I 146 37.05 -3.87 -12.93
N LEU I 147 36.01 -3.92 -12.10
CA LEU I 147 36.02 -4.80 -10.94
C LEU I 147 35.95 -6.27 -11.33
N LYS I 148 35.23 -6.57 -12.40
CA LYS I 148 35.15 -7.95 -12.87
C LYS I 148 36.58 -8.41 -13.20
N GLY I 149 37.32 -7.57 -13.92
CA GLY I 149 38.68 -7.95 -14.27
C GLY I 149 39.60 -8.03 -13.06
N LEU I 150 39.34 -7.18 -12.07
CA LEU I 150 40.15 -7.16 -10.85
C LEU I 150 40.01 -8.47 -10.10
N MET I 151 38.77 -8.87 -9.88
CA MET I 151 38.50 -10.11 -9.16
C MET I 151 38.90 -11.36 -9.93
N ASN I 152 38.74 -11.36 -11.24
CA ASN I 152 39.13 -12.53 -12.00
C ASN I 152 40.65 -12.74 -11.87
N SER I 153 41.41 -11.66 -11.86
CA SER I 153 42.85 -11.79 -11.76
C SER I 153 43.28 -12.23 -10.36
N ILE I 154 42.60 -11.74 -9.33
CA ILE I 154 42.94 -12.16 -7.97
C ILE I 154 42.53 -13.63 -7.80
N LEU I 155 41.38 -13.98 -8.32
CA LEU I 155 40.88 -15.33 -8.23
C LEU I 155 41.86 -16.30 -8.89
N ALA I 156 42.36 -15.92 -10.06
CA ALA I 156 43.31 -16.76 -10.79
C ALA I 156 44.62 -16.93 -10.01
N GLN I 157 45.05 -15.87 -9.36
CA GLN I 157 46.28 -15.89 -8.58
C GLN I 157 46.16 -16.70 -7.29
N ASN I 158 44.96 -16.73 -6.73
CA ASN I 158 44.74 -17.47 -5.50
C ASN I 158 44.55 -18.97 -5.73
N SER I 159 44.02 -19.33 -6.89
CA SER I 159 43.76 -20.73 -7.20
C SER I 159 44.87 -21.43 -7.99
N GLY I 160 45.58 -20.66 -8.81
CA GLY I 160 46.62 -21.21 -9.63
C GLY I 160 46.12 -21.32 -11.07
N GLN I 161 44.86 -20.94 -11.29
CA GLN I 161 44.28 -20.99 -12.63
C GLN I 161 44.69 -19.75 -13.44
N SER I 162 44.50 -19.81 -14.76
CA SER I 162 44.84 -18.68 -15.63
C SER I 162 43.64 -17.77 -15.78
N LEU I 163 43.88 -16.50 -16.12
CA LEU I 163 42.81 -15.55 -16.32
C LEU I 163 41.72 -16.11 -17.24
N GLU I 164 42.12 -16.53 -18.44
CA GLU I 164 41.17 -17.06 -19.42
C GLU I 164 40.27 -18.14 -18.82
N GLN I 165 40.86 -19.00 -18.00
CA GLN I 165 40.13 -20.07 -17.36
C GLN I 165 39.12 -19.52 -16.37
N ILE I 166 39.58 -18.62 -15.50
CA ILE I 166 38.74 -18.00 -14.49
C ILE I 166 37.56 -17.32 -15.16
N ALA I 167 37.86 -16.53 -16.18
CA ALA I 167 36.87 -15.79 -16.94
C ALA I 167 35.81 -16.73 -17.55
N LYS I 168 36.26 -17.88 -18.05
CA LYS I 168 35.34 -18.84 -18.64
C LYS I 168 34.38 -19.43 -17.60
N ASP I 169 34.92 -19.86 -16.47
CA ASP I 169 34.10 -20.47 -15.43
C ASP I 169 33.20 -19.49 -14.67
N THR I 170 33.67 -18.26 -14.46
CA THR I 170 32.86 -17.29 -13.73
C THR I 170 31.88 -16.52 -14.61
N ASP I 171 31.77 -16.90 -15.88
CA ASP I 171 30.84 -16.20 -16.75
C ASP I 171 29.41 -16.35 -16.22
N ARG I 172 29.07 -17.58 -15.83
CA ARG I 172 27.77 -17.88 -15.25
C ARG I 172 28.06 -18.59 -13.94
N ASP I 173 27.05 -18.75 -13.09
CA ASP I 173 27.27 -19.39 -11.78
C ASP I 173 27.99 -20.73 -11.84
N PHE I 174 29.14 -20.78 -11.17
CA PHE I 174 29.97 -21.97 -11.11
C PHE I 174 29.84 -22.56 -9.71
N TYR I 175 29.04 -23.62 -9.59
CA TYR I 175 28.82 -24.31 -8.31
C TYR I 175 29.68 -25.55 -8.20
N MET I 176 30.31 -25.73 -7.04
CA MET I 176 31.12 -26.91 -6.83
C MET I 176 31.13 -27.37 -5.40
N SER I 177 31.65 -28.56 -5.19
CA SER I 177 31.74 -29.15 -3.87
C SER I 177 33.10 -28.81 -3.26
N ALA I 178 33.15 -28.84 -1.94
CA ALA I 178 34.38 -28.55 -1.22
C ALA I 178 35.53 -29.28 -1.90
N LYS I 179 35.33 -30.58 -2.12
CA LYS I 179 36.35 -31.40 -2.76
C LYS I 179 36.75 -30.76 -4.12
N GLU I 180 35.75 -30.44 -4.93
CA GLU I 180 35.98 -29.82 -6.23
C GLU I 180 36.71 -28.49 -6.07
N ALA I 181 36.36 -27.77 -5.00
CA ALA I 181 36.95 -26.48 -4.68
C ALA I 181 38.45 -26.63 -4.42
N LYS I 182 38.85 -27.74 -3.82
CA LYS I 182 40.26 -27.99 -3.54
C LYS I 182 40.96 -28.32 -4.87
N GLU I 183 40.34 -29.19 -5.68
CA GLU I 183 40.90 -29.56 -6.98
C GLU I 183 41.09 -28.28 -7.78
N TYR I 184 40.18 -27.32 -7.59
CA TYR I 184 40.25 -26.08 -8.34
C TYR I 184 41.32 -25.13 -7.85
N GLY I 185 41.61 -25.18 -6.55
CA GLY I 185 42.65 -24.31 -5.99
C GLY I 185 42.14 -23.16 -5.15
N LEU I 186 40.85 -23.18 -4.84
CA LEU I 186 40.24 -22.12 -4.03
C LEU I 186 40.51 -22.38 -2.55
N ILE I 187 40.72 -23.65 -2.20
CA ILE I 187 41.00 -24.01 -0.81
C ILE I 187 42.14 -25.02 -0.77
N ASP I 188 42.77 -25.18 0.39
CA ASP I 188 43.89 -26.09 0.55
C ASP I 188 43.54 -27.47 1.10
N LYS I 189 42.74 -27.51 2.18
CA LYS I 189 42.36 -28.78 2.79
C LYS I 189 40.88 -28.79 3.14
N VAL I 190 40.31 -29.98 3.17
CA VAL I 190 38.92 -30.16 3.52
C VAL I 190 38.88 -30.86 4.89
N LEU I 191 38.68 -30.08 5.95
CA LEU I 191 38.61 -30.64 7.30
C LEU I 191 37.31 -31.42 7.31
N GLN I 192 37.37 -32.71 6.95
CA GLN I 192 36.17 -33.52 6.91
C GLN I 192 36.06 -34.60 7.98
N ASP J 20 19.68 -14.23 31.70
CA ASP J 20 19.04 -14.66 30.42
C ASP J 20 18.69 -16.15 30.46
N ILE J 21 17.40 -16.46 30.51
CA ILE J 21 16.93 -17.84 30.58
C ILE J 21 17.58 -18.82 29.58
N TYR J 22 17.88 -18.34 28.38
CA TYR J 22 18.49 -19.21 27.37
C TYR J 22 19.96 -19.47 27.66
N SER J 23 20.63 -18.47 28.20
CA SER J 23 22.05 -18.59 28.54
C SER J 23 22.20 -19.58 29.68
N ARG J 24 21.34 -19.49 30.68
CA ARG J 24 21.42 -20.41 31.81
C ARG J 24 21.46 -21.86 31.31
N LEU J 25 20.56 -22.20 30.41
CA LEU J 25 20.51 -23.56 29.88
C LEU J 25 21.80 -23.95 29.18
N LEU J 26 22.33 -23.06 28.35
CA LEU J 26 23.56 -23.34 27.61
C LEU J 26 24.71 -23.67 28.56
N LYS J 27 24.67 -23.10 29.76
CA LYS J 27 25.69 -23.34 30.76
C LYS J 27 25.75 -24.83 31.09
N ASP J 28 24.65 -25.54 30.80
CA ASP J 28 24.58 -26.98 31.04
C ASP J 28 24.52 -27.69 29.70
N ARG J 29 25.25 -27.15 28.72
CA ARG J 29 25.36 -27.69 27.36
C ARG J 29 24.03 -27.96 26.64
N ILE J 30 23.08 -27.05 26.77
CA ILE J 30 21.77 -27.19 26.14
C ILE J 30 21.61 -26.09 25.09
N VAL J 31 21.34 -26.48 23.85
CA VAL J 31 21.17 -25.50 22.77
C VAL J 31 19.81 -25.67 22.09
N LEU J 32 19.04 -24.59 22.05
CA LEU J 32 17.71 -24.65 21.43
C LEU J 32 17.62 -24.14 19.99
N LEU J 33 17.22 -25.03 19.07
CA LEU J 33 17.03 -24.67 17.67
C LEU J 33 15.51 -24.59 17.49
N SER J 34 14.96 -23.40 17.73
CA SER J 34 13.53 -23.17 17.64
C SER J 34 13.15 -22.25 16.49
N GLY J 35 12.30 -22.73 15.58
CA GLY J 35 11.90 -21.87 14.48
C GLY J 35 12.50 -22.16 13.12
N GLU J 36 12.36 -21.21 12.21
CA GLU J 36 12.88 -21.36 10.86
C GLU J 36 14.39 -21.23 10.86
N ILE J 37 15.03 -22.06 10.05
CA ILE J 37 16.49 -22.07 9.95
C ILE J 37 16.96 -21.24 8.78
N ASN J 38 17.83 -20.28 9.07
CA ASN J 38 18.45 -19.42 8.07
C ASN J 38 19.86 -19.09 8.55
N ASP J 39 20.65 -18.43 7.70
CA ASP J 39 22.02 -18.05 8.03
C ASP J 39 22.16 -17.39 9.40
N SER J 40 21.13 -16.65 9.81
CA SER J 40 21.17 -15.97 11.09
C SER J 40 21.10 -16.98 12.22
N VAL J 41 20.04 -17.77 12.23
CA VAL J 41 19.88 -18.79 13.25
C VAL J 41 21.05 -19.74 13.17
N ALA J 42 21.38 -20.13 11.95
CA ALA J 42 22.50 -21.03 11.71
C ALA J 42 23.76 -20.55 12.43
N SER J 43 24.13 -19.29 12.21
CA SER J 43 25.34 -18.76 12.84
C SER J 43 25.30 -18.87 14.37
N SER J 44 24.14 -18.61 14.95
CA SER J 44 23.97 -18.68 16.39
C SER J 44 24.27 -20.09 16.92
N ILE J 45 23.60 -21.09 16.35
CA ILE J 45 23.81 -22.48 16.76
C ILE J 45 25.29 -22.86 16.68
N VAL J 46 25.94 -22.49 15.58
CA VAL J 46 27.35 -22.80 15.36
C VAL J 46 28.23 -22.09 16.41
N ALA J 47 27.88 -20.86 16.73
CA ALA J 47 28.64 -20.11 17.71
C ALA J 47 28.52 -20.81 19.06
N GLN J 48 27.34 -21.35 19.34
CA GLN J 48 27.10 -22.07 20.58
C GLN J 48 27.79 -23.42 20.53
N LEU J 49 27.73 -24.07 19.38
CA LEU J 49 28.39 -25.36 19.24
C LEU J 49 29.88 -25.22 19.37
N LEU J 50 30.45 -24.22 18.73
CA LEU J 50 31.90 -23.99 18.81
C LEU J 50 32.31 -23.59 20.24
N PHE J 51 31.48 -22.77 20.87
CA PHE J 51 31.74 -22.31 22.22
C PHE J 51 31.86 -23.49 23.18
N LEU J 52 30.82 -24.32 23.20
CA LEU J 52 30.79 -25.47 24.10
C LEU J 52 31.98 -26.42 23.93
N GLU J 53 32.50 -26.54 22.71
CA GLU J 53 33.65 -27.41 22.52
C GLU J 53 34.87 -26.79 23.19
N ALA J 54 34.88 -25.47 23.30
CA ALA J 54 35.99 -24.78 23.94
C ALA J 54 35.90 -25.00 25.45
N GLU J 55 34.67 -25.04 25.96
CA GLU J 55 34.44 -25.24 27.38
C GLU J 55 34.81 -26.64 27.84
N ASP J 56 34.31 -27.64 27.13
CA ASP J 56 34.56 -29.03 27.45
C ASP J 56 34.37 -29.86 26.18
N PRO J 57 35.48 -30.27 25.53
CA PRO J 57 35.43 -31.07 24.31
C PRO J 57 35.05 -32.52 24.47
N GLU J 58 34.63 -32.91 25.67
CA GLU J 58 34.23 -34.29 25.92
C GLU J 58 32.74 -34.38 26.23
N LYS J 59 32.27 -33.50 27.11
CA LYS J 59 30.86 -33.52 27.49
C LYS J 59 29.93 -33.32 26.30
N ASP J 60 28.92 -34.18 26.23
CA ASP J 60 27.92 -34.15 25.17
C ASP J 60 27.16 -32.84 25.13
N ILE J 61 26.47 -32.62 24.02
CA ILE J 61 25.68 -31.42 23.84
C ILE J 61 24.24 -31.82 23.57
N GLY J 62 23.31 -31.01 24.07
CA GLY J 62 21.89 -31.28 23.87
C GLY J 62 21.31 -30.26 22.91
N LEU J 63 21.06 -30.71 21.68
CA LEU J 63 20.51 -29.86 20.64
C LEU J 63 18.99 -30.09 20.55
N TYR J 64 18.19 -29.32 21.27
CA TYR J 64 16.73 -29.51 21.18
C TYR J 64 16.22 -28.91 19.88
N ILE J 65 15.34 -29.61 19.19
CA ILE J 65 14.84 -29.13 17.90
C ILE J 65 13.33 -29.02 17.71
N ASN J 66 12.87 -27.79 17.47
CA ASN J 66 11.46 -27.53 17.18
C ASN J 66 11.51 -26.53 16.05
N SER J 67 11.55 -27.05 14.82
CA SER J 67 11.66 -26.23 13.63
C SER J 67 11.00 -26.78 12.39
N PRO J 68 10.35 -25.91 11.62
CA PRO J 68 9.67 -26.33 10.39
C PRO J 68 10.68 -26.60 9.29
N GLY J 69 11.93 -26.21 9.54
CA GLY J 69 13.01 -26.38 8.56
C GLY J 69 13.55 -25.03 8.10
N GLY J 70 14.10 -24.97 6.89
CA GLY J 70 14.63 -23.70 6.40
C GLY J 70 15.53 -23.76 5.19
N VAL J 71 16.54 -22.90 5.17
CA VAL J 71 17.52 -22.81 4.07
C VAL J 71 18.55 -23.94 4.14
N ILE J 72 18.64 -24.73 3.07
CA ILE J 72 19.55 -25.88 3.01
C ILE J 72 21.01 -25.65 3.48
N THR J 73 21.73 -24.73 2.83
CA THR J 73 23.12 -24.47 3.21
C THR J 73 23.30 -24.05 4.67
N SER J 74 22.27 -23.42 5.23
CA SER J 74 22.30 -22.98 6.61
C SER J 74 22.27 -24.21 7.50
N GLY J 75 21.34 -25.11 7.18
CA GLY J 75 21.21 -26.35 7.92
C GLY J 75 22.49 -27.13 7.77
N LEU J 76 22.99 -27.21 6.54
CA LEU J 76 24.22 -27.92 6.26
C LEU J 76 25.40 -27.39 7.07
N SER J 77 25.43 -26.08 7.31
CA SER J 77 26.52 -25.50 8.09
C SER J 77 26.39 -25.99 9.52
N ILE J 78 25.16 -26.28 9.93
CA ILE J 78 24.91 -26.77 11.28
C ILE J 78 25.27 -28.26 11.34
N TYR J 79 24.89 -29.01 10.31
CA TYR J 79 25.19 -30.43 10.26
C TYR J 79 26.70 -30.64 10.31
N ASP J 80 27.45 -29.88 9.51
CA ASP J 80 28.89 -30.01 9.47
C ASP J 80 29.59 -29.58 10.75
N THR J 81 29.02 -28.60 11.46
CA THR J 81 29.65 -28.18 12.70
C THR J 81 29.44 -29.29 13.75
N MET J 82 28.27 -29.92 13.70
CA MET J 82 27.95 -31.01 14.62
C MET J 82 28.98 -32.12 14.53
N ASN J 83 29.42 -32.42 13.30
CA ASN J 83 30.43 -33.45 13.12
C ASN J 83 31.83 -32.90 13.25
N PHE J 84 31.97 -31.59 13.12
CA PHE J 84 33.26 -30.92 13.19
C PHE J 84 33.91 -31.02 14.56
N ILE J 85 33.21 -30.54 15.58
CA ILE J 85 33.70 -30.57 16.96
C ILE J 85 33.76 -31.98 17.52
N ARG J 86 34.53 -32.15 18.61
CA ARG J 86 34.74 -33.44 19.26
C ARG J 86 33.60 -34.03 20.10
N PRO J 87 32.88 -33.19 20.87
CA PRO J 87 31.80 -33.75 21.67
C PRO J 87 30.64 -34.26 20.83
N ASP J 88 29.87 -35.17 21.41
CA ASP J 88 28.73 -35.73 20.73
C ASP J 88 27.60 -34.73 20.81
N VAL J 89 26.94 -34.51 19.68
CA VAL J 89 25.82 -33.60 19.67
C VAL J 89 24.55 -34.45 19.62
N SER J 90 23.94 -34.61 20.79
CA SER J 90 22.72 -35.37 20.90
C SER J 90 21.57 -34.48 20.45
N THR J 91 20.65 -35.04 19.68
CA THR J 91 19.51 -34.27 19.20
C THR J 91 18.22 -34.76 19.84
N ILE J 92 17.42 -33.80 20.30
CA ILE J 92 16.14 -34.06 20.95
C ILE J 92 15.05 -33.24 20.25
N CYS J 93 14.13 -33.91 19.58
CA CYS J 93 13.05 -33.23 18.89
C CYS J 93 11.92 -32.97 19.87
N ILE J 94 11.39 -31.74 19.86
CA ILE J 94 10.26 -31.34 20.71
C ILE J 94 9.34 -30.55 19.79
N GLY J 95 8.03 -30.71 19.92
CA GLY J 95 7.14 -30.01 19.02
C GLY J 95 7.15 -30.69 17.64
N GLN J 96 8.11 -30.31 16.81
CA GLN J 96 8.22 -30.91 15.47
C GLN J 96 9.62 -30.67 14.88
N ALA J 97 9.92 -31.42 13.82
CA ALA J 97 11.19 -31.33 13.11
C ALA J 97 10.92 -31.72 11.66
N ALA J 98 10.70 -30.72 10.81
CA ALA J 98 10.43 -30.96 9.40
C ALA J 98 11.54 -30.43 8.48
N ALA J 99 11.52 -30.89 7.23
CA ALA J 99 12.51 -30.51 6.23
C ALA J 99 13.89 -30.54 6.88
N MET J 100 14.66 -29.47 6.69
CA MET J 100 16.01 -29.39 7.23
C MET J 100 16.10 -29.81 8.69
N GLY J 101 15.08 -29.46 9.47
CA GLY J 101 15.06 -29.83 10.87
C GLY J 101 15.08 -31.34 11.06
N ALA J 102 14.20 -32.04 10.36
CA ALA J 102 14.14 -33.49 10.43
C ALA J 102 15.52 -34.02 10.02
N PHE J 103 16.07 -33.40 8.98
CA PHE J 103 17.38 -33.76 8.47
C PHE J 103 18.40 -33.71 9.60
N LEU J 104 18.51 -32.54 10.22
CA LEU J 104 19.43 -32.33 11.34
C LEU J 104 19.14 -33.27 12.49
N LEU J 105 17.86 -33.44 12.83
CA LEU J 105 17.52 -34.36 13.91
C LEU J 105 18.21 -35.72 13.69
N SER J 106 18.06 -36.26 12.49
CA SER J 106 18.64 -37.55 12.10
C SER J 106 20.16 -37.56 12.03
N CYS J 107 20.79 -36.40 12.19
CA CYS J 107 22.24 -36.33 12.13
C CYS J 107 22.85 -36.41 13.51
N GLY J 108 22.01 -36.44 14.53
CA GLY J 108 22.52 -36.53 15.90
C GLY J 108 23.44 -37.73 16.06
N ALA J 109 24.36 -37.67 17.00
CA ALA J 109 25.29 -38.78 17.26
C ALA J 109 24.58 -40.12 17.43
N LYS J 110 25.02 -41.13 16.68
CA LYS J 110 24.46 -42.48 16.72
C LYS J 110 24.08 -42.89 18.14
N GLY J 111 22.83 -43.29 18.32
CA GLY J 111 22.36 -43.70 19.64
C GLY J 111 21.93 -42.57 20.55
N LYS J 112 22.04 -41.33 20.11
CA LYS J 112 21.63 -40.20 20.92
C LYS J 112 20.70 -39.26 20.16
N ARG J 113 19.88 -39.85 19.30
CA ARG J 113 18.92 -39.08 18.53
C ARG J 113 17.55 -39.33 19.17
N PHE J 114 17.06 -38.32 19.89
CA PHE J 114 15.79 -38.45 20.60
C PHE J 114 14.61 -37.63 20.08
N SER J 115 13.51 -37.73 20.82
CA SER J 115 12.26 -37.03 20.54
C SER J 115 11.27 -37.35 21.65
N LEU J 116 10.38 -36.39 21.92
CA LEU J 116 9.37 -36.61 22.94
C LEU J 116 8.17 -37.25 22.25
N PRO J 117 7.34 -37.95 23.03
CA PRO J 117 6.15 -38.63 22.51
C PRO J 117 5.34 -37.98 21.39
N HIS J 118 4.76 -36.80 21.63
CA HIS J 118 3.92 -36.18 20.61
C HIS J 118 4.56 -35.26 19.57
N SER J 119 5.84 -35.49 19.29
CA SER J 119 6.56 -34.69 18.31
C SER J 119 6.43 -35.33 16.95
N ARG J 120 6.02 -34.54 15.96
CA ARG J 120 5.90 -35.10 14.63
C ARG J 120 7.16 -34.75 13.82
N ILE J 121 7.60 -35.70 13.01
CA ILE J 121 8.78 -35.57 12.17
C ILE J 121 8.34 -35.69 10.72
N MET J 122 8.88 -34.82 9.88
CA MET J 122 8.53 -34.85 8.47
C MET J 122 9.73 -34.56 7.59
N ILE J 123 10.04 -35.47 6.68
CA ILE J 123 11.16 -35.29 5.76
C ILE J 123 10.58 -35.13 4.38
N HIS J 124 11.28 -34.39 3.51
CA HIS J 124 10.80 -34.19 2.16
C HIS J 124 11.95 -33.89 1.21
N GLN J 125 11.64 -33.42 0.01
CA GLN J 125 12.68 -33.09 -0.97
C GLN J 125 12.84 -31.56 -0.97
N PRO J 126 14.06 -31.07 -1.25
CA PRO J 126 14.30 -29.62 -1.27
C PRO J 126 13.41 -28.80 -2.21
N LEU J 127 13.00 -27.64 -1.71
CA LEU J 127 12.17 -26.68 -2.44
C LEU J 127 13.11 -25.61 -2.99
N GLY J 128 12.61 -24.73 -3.86
CA GLY J 128 13.49 -23.70 -4.39
C GLY J 128 12.89 -22.85 -5.50
N GLY J 129 13.72 -21.99 -6.09
CA GLY J 129 13.23 -21.13 -7.16
C GLY J 129 14.33 -20.61 -8.06
N ALA J 130 14.03 -20.46 -9.34
CA ALA J 130 14.98 -19.95 -10.32
C ALA J 130 14.29 -19.00 -11.29
N GLN J 131 14.93 -17.86 -11.54
CA GLN J 131 14.38 -16.87 -12.45
C GLN J 131 15.51 -16.32 -13.30
N GLY J 132 15.26 -16.14 -14.61
CA GLY J 132 16.28 -15.62 -15.50
C GLY J 132 16.34 -16.38 -16.81
N GLN J 133 17.52 -16.39 -17.43
CA GLN J 133 17.72 -17.09 -18.70
C GLN J 133 17.73 -18.61 -18.50
N ALA J 134 17.43 -19.34 -19.56
CA ALA J 134 17.42 -20.80 -19.49
C ALA J 134 18.76 -21.32 -18.96
N SER J 135 19.86 -20.74 -19.44
CA SER J 135 21.21 -21.14 -18.98
C SER J 135 21.22 -21.09 -17.47
N ASP J 136 20.82 -19.94 -16.91
CA ASP J 136 20.81 -19.74 -15.46
C ASP J 136 19.82 -20.66 -14.78
N ILE J 137 18.68 -20.90 -15.42
CA ILE J 137 17.68 -21.76 -14.83
C ILE J 137 18.20 -23.18 -14.74
N GLU J 138 18.92 -23.64 -15.75
CA GLU J 138 19.45 -25.00 -15.71
C GLU J 138 20.52 -25.18 -14.60
N ILE J 139 21.37 -24.17 -14.43
CA ILE J 139 22.40 -24.22 -13.42
C ILE J 139 21.79 -24.38 -12.04
N ILE J 140 20.72 -23.62 -11.78
CA ILE J 140 20.07 -23.69 -10.49
C ILE J 140 19.40 -25.05 -10.31
N SER J 141 18.60 -25.46 -11.28
CA SER J 141 17.94 -26.75 -11.24
C SER J 141 18.98 -27.82 -10.89
N ASN J 142 20.13 -27.81 -11.56
CA ASN J 142 21.18 -28.80 -11.30
C ASN J 142 21.67 -28.76 -9.86
N GLU J 143 21.89 -27.55 -9.33
CA GLU J 143 22.37 -27.38 -7.96
C GLU J 143 21.38 -27.93 -6.93
N ILE J 144 20.11 -27.63 -7.11
CA ILE J 144 19.13 -28.14 -6.15
C ILE J 144 19.04 -29.64 -6.30
N LEU J 145 19.28 -30.16 -7.50
CA LEU J 145 19.21 -31.60 -7.67
C LEU J 145 20.40 -32.26 -6.98
N ARG J 146 21.56 -31.60 -6.99
CA ARG J 146 22.73 -32.13 -6.32
C ARG J 146 22.47 -32.14 -4.82
N LEU J 147 21.82 -31.09 -4.34
CA LEU J 147 21.49 -30.99 -2.92
C LEU J 147 20.46 -32.04 -2.54
N LYS J 148 19.55 -32.32 -3.45
CA LYS J 148 18.51 -33.32 -3.22
C LYS J 148 19.20 -34.66 -2.98
N GLY J 149 19.93 -35.12 -4.00
CA GLY J 149 20.65 -36.38 -3.88
C GLY J 149 21.49 -36.46 -2.62
N LEU J 150 22.26 -35.41 -2.37
CA LEU J 150 23.13 -35.34 -1.19
C LEU J 150 22.28 -35.60 0.05
N MET J 151 21.14 -34.92 0.14
CA MET J 151 20.24 -35.06 1.26
C MET J 151 19.76 -36.50 1.37
N ASN J 152 19.28 -37.06 0.26
CA ASN J 152 18.81 -38.43 0.28
C ASN J 152 19.88 -39.41 0.74
N SER J 153 21.08 -39.29 0.18
CA SER J 153 22.15 -40.19 0.59
C SER J 153 22.48 -40.08 2.07
N ILE J 154 22.65 -38.86 2.59
CA ILE J 154 22.97 -38.72 4.01
C ILE J 154 21.80 -39.17 4.88
N LEU J 155 20.58 -39.10 4.35
CA LEU J 155 19.39 -39.52 5.08
C LEU J 155 19.28 -41.04 5.07
N ALA J 156 19.59 -41.65 3.93
CA ALA J 156 19.53 -43.11 3.80
C ALA J 156 20.60 -43.75 4.68
N GLN J 157 21.67 -43.00 4.96
CA GLN J 157 22.76 -43.51 5.76
C GLN J 157 22.55 -43.29 7.26
N ASN J 158 21.60 -42.43 7.61
CA ASN J 158 21.33 -42.15 9.02
C ASN J 158 20.24 -43.08 9.56
N SER J 159 19.39 -43.56 8.66
CA SER J 159 18.27 -44.40 9.03
C SER J 159 18.47 -45.88 8.71
N GLY J 160 19.43 -46.16 7.84
CA GLY J 160 19.65 -47.54 7.46
C GLY J 160 18.77 -47.87 6.28
N GLN J 161 17.88 -46.93 5.93
CA GLN J 161 16.99 -47.12 4.78
C GLN J 161 17.81 -47.04 3.49
N SER J 162 17.30 -47.62 2.41
CA SER J 162 18.05 -47.59 1.15
C SER J 162 17.83 -46.27 0.44
N LEU J 163 18.83 -45.84 -0.31
CA LEU J 163 18.70 -44.61 -1.04
C LEU J 163 17.40 -44.74 -1.83
N GLU J 164 17.20 -45.91 -2.43
CA GLU J 164 16.00 -46.14 -3.21
C GLU J 164 14.74 -45.99 -2.38
N GLN J 165 14.85 -46.23 -1.07
CA GLN J 165 13.70 -46.10 -0.19
C GLN J 165 13.46 -44.61 0.14
N ILE J 166 14.52 -43.93 0.57
CA ILE J 166 14.44 -42.52 0.93
C ILE J 166 13.97 -41.70 -0.26
N ALA J 167 14.44 -42.05 -1.45
CA ALA J 167 14.07 -41.35 -2.66
C ALA J 167 12.55 -41.26 -2.85
N LYS J 168 11.88 -42.40 -2.84
CA LYS J 168 10.44 -42.41 -3.01
C LYS J 168 9.71 -41.85 -1.80
N ASP J 169 10.17 -42.21 -0.60
CA ASP J 169 9.55 -41.72 0.62
C ASP J 169 9.57 -40.19 0.78
N THR J 170 10.58 -39.51 0.21
CA THR J 170 10.63 -38.05 0.34
C THR J 170 10.23 -37.31 -0.91
N ASP J 171 9.64 -38.03 -1.87
CA ASP J 171 9.21 -37.37 -3.10
C ASP J 171 8.16 -36.31 -2.77
N ARG J 172 7.46 -36.54 -1.66
CA ARG J 172 6.42 -35.63 -1.16
C ARG J 172 6.48 -35.65 0.34
N ASP J 173 5.94 -34.62 0.97
CA ASP J 173 5.93 -34.54 2.43
C ASP J 173 5.60 -35.89 3.05
N PHE J 174 6.48 -36.33 3.94
CA PHE J 174 6.35 -37.60 4.63
C PHE J 174 6.35 -37.32 6.13
N TYR J 175 5.15 -37.16 6.70
CA TYR J 175 5.03 -36.91 8.14
C TYR J 175 4.93 -38.24 8.88
N MET J 176 5.43 -38.26 10.11
CA MET J 176 5.37 -39.45 10.92
C MET J 176 5.58 -39.08 12.37
N SER J 177 5.03 -39.88 13.28
CA SER J 177 5.16 -39.62 14.71
C SER J 177 6.52 -40.10 15.22
N ALA J 178 6.84 -39.76 16.45
CA ALA J 178 8.09 -40.15 17.08
C ALA J 178 8.36 -41.67 16.94
N LYS J 179 7.36 -42.50 17.25
CA LYS J 179 7.50 -43.95 17.15
C LYS J 179 7.88 -44.41 15.75
N GLU J 180 7.09 -44.03 14.77
CA GLU J 180 7.38 -44.41 13.38
C GLU J 180 8.79 -43.96 13.03
N ALA J 181 9.15 -42.76 13.45
CA ALA J 181 10.47 -42.21 13.19
C ALA J 181 11.53 -43.06 13.87
N LYS J 182 11.17 -43.68 15.00
CA LYS J 182 12.13 -44.53 15.69
C LYS J 182 12.32 -45.76 14.82
N GLU J 183 11.23 -46.26 14.25
CA GLU J 183 11.30 -47.44 13.40
C GLU J 183 11.83 -47.18 12.01
N TYR J 184 11.72 -45.95 11.54
CA TYR J 184 12.22 -45.62 10.21
C TYR J 184 13.74 -45.52 10.31
N GLY J 185 14.22 -45.03 11.45
CA GLY J 185 15.64 -44.90 11.64
C GLY J 185 16.12 -43.48 11.87
N LEU J 186 15.21 -42.52 11.79
CA LEU J 186 15.59 -41.13 12.00
C LEU J 186 16.05 -40.90 13.43
N ILE J 187 15.31 -41.42 14.40
CA ILE J 187 15.73 -41.28 15.79
C ILE J 187 15.94 -42.65 16.41
N ASP J 188 16.70 -42.69 17.51
CA ASP J 188 17.01 -43.92 18.22
C ASP J 188 15.99 -44.29 19.29
N LYS J 189 15.58 -43.29 20.07
CA LYS J 189 14.64 -43.53 21.17
C LYS J 189 13.65 -42.40 21.34
N VAL J 190 12.57 -42.69 22.06
CA VAL J 190 11.52 -41.72 22.36
C VAL J 190 11.56 -41.58 23.89
N LEU J 191 12.15 -40.49 24.39
CA LEU J 191 12.24 -40.28 25.84
C LEU J 191 10.88 -40.36 26.52
N GLN J 192 10.71 -41.36 27.38
CA GLN J 192 9.46 -41.57 28.13
C GLN J 192 9.48 -42.99 28.71
N ASP K 20 13.33 -7.76 37.70
CA ASP K 20 12.17 -7.96 36.78
C ASP K 20 11.00 -8.70 37.44
N ILE K 21 9.79 -8.30 37.07
CA ILE K 21 8.56 -8.87 37.60
C ILE K 21 8.36 -10.36 37.25
N TYR K 22 8.36 -10.68 35.97
CA TYR K 22 8.17 -12.07 35.55
C TYR K 22 9.32 -12.92 36.05
N SER K 23 10.51 -12.33 36.07
CA SER K 23 11.70 -13.03 36.53
C SER K 23 11.56 -13.38 38.01
N ARG K 24 10.97 -12.46 38.77
CA ARG K 24 10.77 -12.65 40.21
C ARG K 24 9.73 -13.70 40.53
N LEU K 25 8.66 -13.76 39.75
CA LEU K 25 7.61 -14.75 40.00
C LEU K 25 8.13 -16.14 39.60
N LEU K 26 9.15 -16.15 38.75
CA LEU K 26 9.75 -17.39 38.29
C LEU K 26 10.46 -18.03 39.50
N LYS K 27 11.15 -17.19 40.26
CA LYS K 27 11.89 -17.61 41.45
C LYS K 27 10.98 -18.45 42.33
N ASP K 28 9.68 -18.15 42.32
CA ASP K 28 8.71 -18.88 43.13
C ASP K 28 8.06 -20.02 42.35
N ARG K 29 8.66 -20.35 41.21
CA ARG K 29 8.18 -21.43 40.35
C ARG K 29 6.86 -21.13 39.65
N ILE K 30 6.66 -19.87 39.30
CA ILE K 30 5.45 -19.46 38.59
C ILE K 30 5.80 -19.12 37.14
N VAL K 31 5.27 -19.93 36.22
CA VAL K 31 5.51 -19.69 34.80
C VAL K 31 4.20 -19.14 34.25
N LEU K 32 4.29 -18.03 33.52
CA LEU K 32 3.12 -17.37 32.93
C LEU K 32 2.99 -17.57 31.41
N LEU K 33 1.94 -18.25 30.99
CA LEU K 33 1.71 -18.47 29.56
C LEU K 33 0.55 -17.57 29.09
N SER K 34 0.89 -16.51 28.35
CA SER K 34 -0.11 -15.55 27.84
C SER K 34 -0.23 -15.40 26.33
N GLY K 35 -1.46 -15.22 25.87
CA GLY K 35 -1.73 -15.02 24.46
C GLY K 35 -1.43 -16.14 23.49
N GLU K 36 -1.41 -15.77 22.21
CA GLU K 36 -1.14 -16.71 21.13
C GLU K 36 0.08 -17.56 21.41
N ILE K 37 -0.04 -18.85 21.12
CA ILE K 37 1.04 -19.81 21.31
C ILE K 37 1.68 -20.13 19.96
N ASN K 38 2.96 -19.78 19.83
CA ASN K 38 3.71 -20.05 18.62
C ASN K 38 5.08 -20.56 19.05
N ASP K 39 5.93 -20.90 18.07
CA ASP K 39 7.27 -21.43 18.34
C ASP K 39 8.19 -20.62 19.28
N SER K 40 8.06 -19.31 19.30
CA SER K 40 8.90 -18.51 20.17
C SER K 40 8.38 -18.63 21.60
N VAL K 41 7.11 -18.32 21.80
CA VAL K 41 6.51 -18.41 23.12
C VAL K 41 6.75 -19.82 23.69
N ALA K 42 6.38 -20.83 22.90
CA ALA K 42 6.54 -22.21 23.33
C ALA K 42 7.98 -22.38 23.79
N SER K 43 8.92 -21.94 22.95
CA SER K 43 10.33 -22.06 23.28
C SER K 43 10.57 -21.53 24.69
N SER K 44 10.13 -20.31 24.94
CA SER K 44 10.29 -19.66 26.24
C SER K 44 9.71 -20.51 27.39
N ILE K 45 8.44 -20.90 27.29
CA ILE K 45 7.79 -21.70 28.33
C ILE K 45 8.66 -22.93 28.61
N VAL K 46 9.08 -23.56 27.53
CA VAL K 46 9.90 -24.76 27.59
C VAL K 46 11.21 -24.48 28.30
N ALA K 47 11.88 -23.40 27.93
CA ALA K 47 13.13 -23.08 28.58
C ALA K 47 12.88 -23.03 30.10
N GLN K 48 11.87 -22.27 30.51
CA GLN K 48 11.54 -22.13 31.92
C GLN K 48 11.30 -23.44 32.66
N LEU K 49 10.51 -24.34 32.07
CA LEU K 49 10.23 -25.62 32.72
C LEU K 49 11.49 -26.44 32.96
N LEU K 50 12.39 -26.49 31.97
CA LEU K 50 13.64 -27.23 32.13
C LEU K 50 14.52 -26.54 33.16
N PHE K 51 14.47 -25.21 33.18
CA PHE K 51 15.26 -24.45 34.14
C PHE K 51 14.77 -24.67 35.56
N LEU K 52 13.46 -24.74 35.74
CA LEU K 52 12.94 -24.96 37.07
C LEU K 52 13.40 -26.30 37.58
N GLU K 53 13.08 -27.36 36.84
CA GLU K 53 13.46 -28.70 37.24
C GLU K 53 14.94 -28.71 37.64
N ALA K 54 15.74 -27.94 36.93
CA ALA K 54 17.17 -27.84 37.22
C ALA K 54 17.32 -27.51 38.70
N GLU K 55 16.90 -26.31 39.07
CA GLU K 55 16.99 -25.86 40.46
C GLU K 55 16.49 -26.94 41.42
N ASP K 56 15.20 -27.23 41.37
CA ASP K 56 14.65 -28.26 42.23
C ASP K 56 13.78 -29.17 41.38
N PRO K 57 14.15 -30.46 41.30
CA PRO K 57 13.40 -31.43 40.52
C PRO K 57 12.23 -32.04 41.28
N GLU K 58 11.88 -31.45 42.43
CA GLU K 58 10.79 -31.94 43.26
C GLU K 58 9.67 -30.91 43.45
N LYS K 59 10.04 -29.68 43.81
CA LYS K 59 9.06 -28.62 44.03
C LYS K 59 8.13 -28.35 42.84
N ASP K 60 6.84 -28.54 43.08
CA ASP K 60 5.78 -28.32 42.09
C ASP K 60 5.97 -27.04 41.31
N ILE K 61 5.41 -27.01 40.10
CA ILE K 61 5.49 -25.83 39.25
C ILE K 61 4.09 -25.28 38.98
N GLY K 62 3.99 -23.97 38.92
CA GLY K 62 2.71 -23.35 38.64
C GLY K 62 2.73 -22.76 37.25
N LEU K 63 1.84 -23.25 36.40
CA LEU K 63 1.75 -22.75 35.03
C LEU K 63 0.45 -21.99 34.86
N TYR K 64 0.54 -20.66 34.84
CA TYR K 64 -0.65 -19.83 34.69
C TYR K 64 -1.03 -19.64 33.22
N ILE K 65 -2.23 -20.09 32.88
CA ILE K 65 -2.71 -20.01 31.52
C ILE K 65 -3.86 -19.03 31.24
N ASN K 66 -3.57 -18.08 30.37
CA ASN K 66 -4.52 -17.06 29.92
C ASN K 66 -4.20 -16.95 28.44
N SER K 67 -4.57 -17.99 27.69
CA SER K 67 -4.28 -18.05 26.26
C SER K 67 -5.48 -18.44 25.40
N PRO K 68 -5.54 -17.89 24.17
CA PRO K 68 -6.63 -18.18 23.22
C PRO K 68 -6.29 -19.41 22.40
N GLY K 69 -5.06 -19.88 22.53
CA GLY K 69 -4.62 -21.04 21.78
C GLY K 69 -3.43 -20.66 20.89
N GLY K 70 -3.17 -21.46 19.86
CA GLY K 70 -2.07 -21.17 18.96
C GLY K 70 -1.73 -22.35 18.08
N VAL K 71 -0.49 -22.39 17.59
CA VAL K 71 -0.04 -23.47 16.71
C VAL K 71 -0.01 -24.79 17.48
N ILE K 72 -0.43 -25.87 16.82
CA ILE K 72 -0.47 -27.19 17.46
C ILE K 72 0.89 -27.80 17.83
N THR K 73 1.87 -27.75 16.93
CA THR K 73 3.17 -28.34 17.26
C THR K 73 3.81 -27.58 18.42
N SER K 74 3.61 -26.27 18.49
CA SER K 74 4.19 -25.47 19.56
C SER K 74 3.57 -25.84 20.88
N GLY K 75 2.25 -26.02 20.88
CA GLY K 75 1.57 -26.40 22.10
C GLY K 75 2.08 -27.76 22.54
N LEU K 76 2.06 -28.71 21.60
CA LEU K 76 2.52 -30.06 21.87
C LEU K 76 3.86 -30.11 22.60
N SER K 77 4.81 -29.27 22.19
CA SER K 77 6.12 -29.28 22.83
C SER K 77 6.01 -28.90 24.32
N ILE K 78 5.11 -27.99 24.63
CA ILE K 78 4.90 -27.57 26.02
C ILE K 78 4.31 -28.74 26.82
N TYR K 79 3.32 -29.40 26.22
CA TYR K 79 2.66 -30.54 26.83
C TYR K 79 3.62 -31.69 27.08
N ASP K 80 4.47 -31.99 26.10
CA ASP K 80 5.42 -33.09 26.25
C ASP K 80 6.45 -32.70 27.32
N THR K 81 6.89 -31.44 27.31
CA THR K 81 7.86 -30.96 28.29
C THR K 81 7.36 -30.97 29.72
N MET K 82 6.07 -30.67 29.91
CA MET K 82 5.50 -30.68 31.25
C MET K 82 5.74 -32.08 31.82
N ASN K 83 5.24 -33.08 31.10
CA ASN K 83 5.37 -34.48 31.49
C ASN K 83 6.79 -35.03 31.43
N PHE K 84 7.64 -34.41 30.60
CA PHE K 84 9.01 -34.84 30.46
C PHE K 84 9.75 -34.68 31.79
N ILE K 85 9.74 -33.45 32.31
CA ILE K 85 10.40 -33.13 33.58
C ILE K 85 9.74 -33.80 34.78
N ARG K 86 10.55 -34.02 35.83
CA ARG K 86 10.09 -34.66 37.05
C ARG K 86 9.04 -33.87 37.83
N PRO K 87 9.27 -32.56 38.03
CA PRO K 87 8.33 -31.71 38.77
C PRO K 87 6.88 -31.82 38.31
N ASP K 88 5.98 -31.58 39.24
CA ASP K 88 4.55 -31.60 38.97
C ASP K 88 4.22 -30.23 38.42
N VAL K 89 3.56 -30.18 37.27
CA VAL K 89 3.20 -28.90 36.70
C VAL K 89 1.71 -28.65 36.93
N SER K 90 1.42 -27.80 37.90
CA SER K 90 0.05 -27.47 38.22
C SER K 90 -0.38 -26.38 37.24
N THR K 91 -1.51 -26.60 36.58
CA THR K 91 -2.02 -25.62 35.63
C THR K 91 -3.11 -24.78 36.29
N ILE K 92 -3.05 -23.48 36.04
CA ILE K 92 -4.03 -22.55 36.59
C ILE K 92 -4.60 -21.72 35.45
N CYS K 93 -5.90 -21.86 35.20
CA CYS K 93 -6.54 -21.09 34.15
C CYS K 93 -7.08 -19.80 34.75
N ILE K 94 -6.68 -18.67 34.18
CA ILE K 94 -7.14 -17.38 34.63
C ILE K 94 -7.59 -16.64 33.37
N GLY K 95 -8.68 -15.88 33.45
CA GLY K 95 -9.14 -15.20 32.27
C GLY K 95 -9.73 -16.22 31.32
N GLN K 96 -8.90 -16.82 30.48
CA GLN K 96 -9.39 -17.84 29.56
C GLN K 96 -8.32 -18.82 29.15
N ALA K 97 -8.78 -19.96 28.63
CA ALA K 97 -7.92 -21.02 28.13
C ALA K 97 -8.72 -21.65 27.00
N ALA K 98 -8.39 -21.27 25.77
CA ALA K 98 -9.10 -21.75 24.59
C ALA K 98 -8.24 -22.55 23.63
N ALA K 99 -8.88 -23.47 22.91
CA ALA K 99 -8.18 -24.30 21.94
C ALA K 99 -6.96 -24.93 22.57
N MET K 100 -5.85 -24.94 21.83
CA MET K 100 -4.60 -25.50 22.30
C MET K 100 -4.34 -25.08 23.75
N GLY K 101 -4.88 -23.92 24.12
CA GLY K 101 -4.72 -23.40 25.48
C GLY K 101 -5.57 -24.10 26.54
N ALA K 102 -6.67 -24.72 26.13
CA ALA K 102 -7.54 -25.46 27.05
C ALA K 102 -6.91 -26.85 27.16
N PHE K 103 -6.45 -27.33 26.03
CA PHE K 103 -5.79 -28.63 25.94
C PHE K 103 -4.67 -28.69 27.01
N LEU K 104 -3.81 -27.68 27.02
CA LEU K 104 -2.70 -27.63 27.97
C LEU K 104 -3.10 -27.47 29.44
N LEU K 105 -4.34 -27.09 29.67
CA LEU K 105 -4.82 -26.94 31.05
C LEU K 105 -5.11 -28.35 31.54
N SER K 106 -5.88 -29.08 30.76
CA SER K 106 -6.26 -30.45 31.06
C SER K 106 -5.06 -31.39 31.17
N CYS K 107 -3.89 -30.93 30.74
CA CYS K 107 -2.69 -31.76 30.81
C CYS K 107 -1.83 -31.51 32.05
N GLY K 108 -2.30 -30.65 32.95
CA GLY K 108 -1.52 -30.39 34.14
C GLY K 108 -1.49 -31.63 35.04
N ALA K 109 -0.69 -31.59 36.09
CA ALA K 109 -0.61 -32.72 37.02
C ALA K 109 -1.97 -32.99 37.64
N LYS K 110 -2.53 -34.17 37.37
CA LYS K 110 -3.84 -34.53 37.90
C LYS K 110 -3.99 -34.19 39.37
N GLY K 111 -5.13 -33.61 39.72
CA GLY K 111 -5.42 -33.21 41.08
C GLY K 111 -4.98 -31.77 41.29
N LYS K 112 -4.12 -31.28 40.39
CA LYS K 112 -3.60 -29.92 40.46
C LYS K 112 -3.93 -29.05 39.25
N ARG K 113 -5.03 -29.35 38.57
CA ARG K 113 -5.48 -28.55 37.43
C ARG K 113 -6.59 -27.66 37.97
N PHE K 114 -6.26 -26.40 38.20
CA PHE K 114 -7.21 -25.44 38.75
C PHE K 114 -7.84 -24.51 37.72
N SER K 115 -8.59 -23.53 38.23
CA SER K 115 -9.28 -22.52 37.41
C SER K 115 -9.90 -21.44 38.28
N LEU K 116 -9.69 -20.17 37.92
CA LEU K 116 -10.32 -19.11 38.71
C LEU K 116 -11.79 -19.14 38.33
N PRO K 117 -12.68 -18.78 39.26
CA PRO K 117 -14.12 -18.75 39.10
C PRO K 117 -14.72 -18.24 37.80
N HIS K 118 -14.29 -17.05 37.36
CA HIS K 118 -14.85 -16.43 36.16
C HIS K 118 -14.17 -16.61 34.82
N SER K 119 -13.26 -17.57 34.75
CA SER K 119 -12.53 -17.86 33.52
C SER K 119 -13.40 -18.59 32.52
N ARG K 120 -12.91 -18.66 31.29
CA ARG K 120 -13.62 -19.34 30.21
C ARG K 120 -12.75 -20.49 29.70
N ILE K 121 -13.39 -21.52 29.20
CA ILE K 121 -12.69 -22.68 28.67
C ILE K 121 -13.35 -23.00 27.33
N MET K 122 -12.55 -23.36 26.34
CA MET K 122 -13.09 -23.66 25.02
C MET K 122 -12.22 -24.68 24.32
N ILE K 123 -12.83 -25.76 23.85
CA ILE K 123 -12.10 -26.82 23.16
C ILE K 123 -12.65 -26.99 21.74
N HIS K 124 -11.84 -27.48 20.81
CA HIS K 124 -12.32 -27.67 19.44
C HIS K 124 -11.35 -28.46 18.56
N GLN K 125 -11.72 -28.71 17.32
CA GLN K 125 -10.85 -29.44 16.41
C GLN K 125 -9.90 -28.45 15.71
N PRO K 126 -8.67 -28.91 15.40
CA PRO K 126 -7.62 -28.12 14.76
C PRO K 126 -8.08 -27.37 13.51
N LEU K 127 -7.41 -26.24 13.24
CA LEU K 127 -7.70 -25.42 12.08
C LEU K 127 -6.52 -25.57 11.15
N GLY K 128 -6.72 -25.37 9.86
CA GLY K 128 -5.59 -25.52 8.97
C GLY K 128 -5.72 -24.92 7.60
N GLY K 129 -4.76 -25.28 6.76
CA GLY K 129 -4.74 -24.79 5.40
C GLY K 129 -3.83 -25.59 4.50
N ALA K 130 -4.20 -25.66 3.23
CA ALA K 130 -3.44 -26.39 2.23
C ALA K 130 -3.64 -25.73 0.88
N GLN K 131 -2.56 -25.66 0.10
CA GLN K 131 -2.57 -25.11 -1.25
C GLN K 131 -1.59 -25.98 -2.03
N GLY K 132 -1.86 -26.19 -3.32
CA GLY K 132 -0.96 -27.01 -4.09
C GLY K 132 -1.68 -28.06 -4.91
N GLN K 133 -0.97 -29.14 -5.21
CA GLN K 133 -1.54 -30.22 -6.01
C GLN K 133 -2.48 -31.05 -5.16
N ALA K 134 -3.41 -31.74 -5.80
CA ALA K 134 -4.35 -32.60 -5.10
C ALA K 134 -3.58 -33.53 -4.16
N SER K 135 -2.50 -34.12 -4.68
CA SER K 135 -1.67 -35.04 -3.91
C SER K 135 -1.14 -34.41 -2.62
N ASP K 136 -0.78 -33.13 -2.69
CA ASP K 136 -0.25 -32.42 -1.54
C ASP K 136 -1.33 -32.10 -0.53
N ILE K 137 -2.48 -31.70 -1.04
CA ILE K 137 -3.61 -31.36 -0.19
C ILE K 137 -4.07 -32.59 0.60
N GLU K 138 -4.11 -33.75 -0.04
CA GLU K 138 -4.53 -34.97 0.63
C GLU K 138 -3.56 -35.27 1.79
N ILE K 139 -2.26 -35.08 1.56
CA ILE K 139 -1.28 -35.33 2.60
C ILE K 139 -1.50 -34.39 3.80
N ILE K 140 -1.90 -33.16 3.51
CA ILE K 140 -2.15 -32.18 4.58
C ILE K 140 -3.47 -32.55 5.29
N SER K 141 -4.38 -33.18 4.56
CA SER K 141 -5.66 -33.58 5.12
C SER K 141 -5.46 -34.69 6.13
N ASN K 142 -4.76 -35.74 5.74
CA ASN K 142 -4.53 -36.86 6.65
C ASN K 142 -3.75 -36.38 7.86
N GLU K 143 -2.79 -35.49 7.61
CA GLU K 143 -1.96 -34.95 8.67
C GLU K 143 -2.74 -34.16 9.69
N ILE K 144 -3.64 -33.30 9.22
CA ILE K 144 -4.43 -32.51 10.13
C ILE K 144 -5.44 -33.43 10.83
N LEU K 145 -5.95 -34.43 10.12
CA LEU K 145 -6.90 -35.39 10.70
C LEU K 145 -6.17 -36.25 11.72
N ARG K 146 -4.87 -36.41 11.54
CA ARG K 146 -4.07 -37.21 12.46
C ARG K 146 -3.96 -36.44 13.77
N LEU K 147 -3.58 -35.16 13.65
CA LEU K 147 -3.43 -34.31 14.83
C LEU K 147 -4.77 -34.17 15.53
N LYS K 148 -5.85 -34.11 14.76
CA LYS K 148 -7.18 -34.00 15.33
C LYS K 148 -7.51 -35.20 16.22
N GLY K 149 -7.25 -36.41 15.73
CA GLY K 149 -7.54 -37.59 16.51
C GLY K 149 -6.63 -37.71 17.72
N LEU K 150 -5.38 -37.32 17.56
CA LEU K 150 -4.43 -37.38 18.66
C LEU K 150 -4.93 -36.46 19.76
N MET K 151 -5.22 -35.20 19.43
CA MET K 151 -5.72 -34.24 20.41
C MET K 151 -6.97 -34.81 21.09
N ASN K 152 -8.00 -35.13 20.30
CA ASN K 152 -9.23 -35.68 20.86
C ASN K 152 -8.91 -36.88 21.73
N SER K 153 -7.91 -37.65 21.31
CA SER K 153 -7.50 -38.81 22.07
C SER K 153 -7.08 -38.38 23.47
N ILE K 154 -6.06 -37.52 23.55
CA ILE K 154 -5.57 -37.05 24.84
C ILE K 154 -6.67 -36.38 25.65
N LEU K 155 -7.48 -35.54 25.01
CA LEU K 155 -8.59 -34.89 25.70
C LEU K 155 -9.41 -35.95 26.44
N ALA K 156 -9.78 -37.02 25.75
CA ALA K 156 -10.54 -38.10 26.36
C ALA K 156 -9.75 -38.63 27.55
N GLN K 157 -8.47 -38.94 27.32
CA GLN K 157 -7.62 -39.44 28.39
C GLN K 157 -7.70 -38.52 29.59
N ASN K 158 -7.38 -37.25 29.37
CA ASN K 158 -7.35 -36.22 30.40
C ASN K 158 -8.65 -35.93 31.17
N SER K 159 -9.79 -35.93 30.49
CA SER K 159 -11.05 -35.64 31.15
C SER K 159 -11.64 -36.85 31.86
N GLY K 160 -12.37 -37.66 31.09
CA GLY K 160 -12.99 -38.85 31.61
C GLY K 160 -13.94 -39.25 30.50
N GLN K 161 -14.24 -38.26 29.67
CA GLN K 161 -15.13 -38.42 28.54
C GLN K 161 -14.58 -39.45 27.55
N SER K 162 -15.47 -40.12 26.83
CA SER K 162 -15.05 -41.12 25.86
C SER K 162 -14.66 -40.44 24.54
N LEU K 163 -13.86 -41.14 23.74
CA LEU K 163 -13.40 -40.64 22.47
C LEU K 163 -14.50 -39.96 21.64
N GLU K 164 -15.67 -40.58 21.55
CA GLU K 164 -16.76 -40.01 20.76
C GLU K 164 -17.36 -38.75 21.38
N GLN K 165 -17.45 -38.71 22.70
CA GLN K 165 -18.01 -37.52 23.33
C GLN K 165 -17.15 -36.34 22.92
N ILE K 166 -15.88 -36.37 23.33
CA ILE K 166 -14.94 -35.32 22.97
C ILE K 166 -15.13 -34.92 21.51
N ALA K 167 -15.00 -35.88 20.60
CA ALA K 167 -15.17 -35.62 19.18
C ALA K 167 -16.49 -34.91 18.88
N LYS K 168 -17.60 -35.50 19.31
CA LYS K 168 -18.90 -34.87 19.05
C LYS K 168 -18.90 -33.43 19.57
N ASP K 169 -18.41 -33.25 20.79
CA ASP K 169 -18.35 -31.93 21.41
C ASP K 169 -17.46 -30.91 20.71
N THR K 170 -16.23 -31.28 20.36
CA THR K 170 -15.32 -30.34 19.72
C THR K 170 -15.54 -30.09 18.24
N ASP K 171 -16.55 -30.71 17.65
CA ASP K 171 -16.83 -30.51 16.23
C ASP K 171 -16.83 -29.02 15.93
N ARG K 172 -17.46 -28.25 16.81
CA ARG K 172 -17.51 -26.81 16.66
C ARG K 172 -17.02 -26.19 17.96
N ASP K 173 -16.87 -24.87 18.00
CA ASP K 173 -16.41 -24.21 19.21
C ASP K 173 -17.25 -24.61 20.40
N PHE K 174 -16.59 -24.95 21.50
CA PHE K 174 -17.27 -25.39 22.70
C PHE K 174 -16.78 -24.60 23.90
N TYR K 175 -17.55 -23.58 24.31
CA TYR K 175 -17.20 -22.75 25.46
C TYR K 175 -17.82 -23.25 26.76
N MET K 176 -17.03 -23.21 27.84
CA MET K 176 -17.47 -23.67 29.16
C MET K 176 -16.98 -22.71 30.22
N SER K 177 -17.64 -22.74 31.37
CA SER K 177 -17.24 -21.90 32.50
C SER K 177 -16.27 -22.72 33.33
N ALA K 178 -15.55 -22.10 34.25
CA ALA K 178 -14.62 -22.83 35.10
C ALA K 178 -15.35 -24.02 35.69
N LYS K 179 -16.46 -23.73 36.36
CA LYS K 179 -17.25 -24.78 36.99
C LYS K 179 -17.63 -25.87 35.99
N GLU K 180 -18.24 -25.49 34.88
CA GLU K 180 -18.64 -26.47 33.85
C GLU K 180 -17.47 -27.35 33.39
N ALA K 181 -16.30 -26.74 33.20
CA ALA K 181 -15.13 -27.47 32.75
C ALA K 181 -14.76 -28.57 33.75
N LYS K 182 -15.10 -28.35 35.02
CA LYS K 182 -14.83 -29.32 36.07
C LYS K 182 -15.80 -30.48 35.94
N GLU K 183 -17.07 -30.14 35.77
CA GLU K 183 -18.10 -31.15 35.63
C GLU K 183 -17.81 -31.96 34.37
N TYR K 184 -17.10 -31.35 33.42
CA TYR K 184 -16.78 -32.03 32.17
C TYR K 184 -15.57 -32.93 32.40
N GLY K 185 -14.77 -32.58 33.40
CA GLY K 185 -13.59 -33.38 33.72
C GLY K 185 -12.30 -32.80 33.21
N LEU K 186 -12.31 -31.53 32.80
CA LEU K 186 -11.10 -30.88 32.30
C LEU K 186 -10.23 -30.31 33.42
N ILE K 187 -10.85 -29.85 34.50
CA ILE K 187 -10.08 -29.33 35.62
C ILE K 187 -10.48 -30.09 36.88
N ASP K 188 -9.71 -29.90 37.94
CA ASP K 188 -10.00 -30.60 39.18
C ASP K 188 -10.74 -29.72 40.15
N LYS K 189 -10.14 -28.60 40.52
CA LYS K 189 -10.77 -27.68 41.48
C LYS K 189 -11.01 -26.32 40.82
N VAL K 190 -11.82 -25.50 41.47
CA VAL K 190 -12.13 -24.16 40.98
C VAL K 190 -11.91 -23.18 42.11
N LEU K 191 -10.65 -22.88 42.40
CA LEU K 191 -10.28 -21.94 43.46
C LEU K 191 -11.22 -20.75 43.54
N GLN K 192 -12.38 -20.90 44.20
CA GLN K 192 -13.31 -19.79 44.31
C GLN K 192 -13.20 -19.12 45.66
N ASP L 20 13.74 2.43 38.41
CA ASP L 20 12.49 2.63 37.61
C ASP L 20 11.36 3.27 38.43
N ILE L 21 10.82 4.37 37.92
CA ILE L 21 9.76 5.13 38.58
C ILE L 21 8.52 4.30 38.99
N TYR L 22 7.89 3.64 38.02
CA TYR L 22 6.70 2.84 38.32
C TYR L 22 6.98 1.78 39.37
N SER L 23 8.22 1.31 39.40
CA SER L 23 8.64 0.31 40.36
C SER L 23 8.76 0.94 41.74
N ARG L 24 9.27 2.17 41.80
CA ARG L 24 9.39 2.83 43.08
C ARG L 24 7.99 2.92 43.66
N LEU L 25 6.98 3.04 42.80
CA LEU L 25 5.59 3.13 43.25
C LEU L 25 5.06 1.74 43.65
N LEU L 26 5.39 0.74 42.84
CA LEU L 26 4.96 -0.63 43.11
C LEU L 26 5.48 -1.00 44.49
N LYS L 27 6.62 -0.41 44.86
CA LYS L 27 7.24 -0.64 46.17
C LYS L 27 6.24 -0.25 47.25
N ASP L 28 5.40 0.74 46.95
CA ASP L 28 4.42 1.23 47.90
C ASP L 28 3.02 0.69 47.64
N ARG L 29 2.92 -0.53 47.15
CA ARG L 29 1.63 -1.18 46.86
C ARG L 29 0.81 -0.50 45.76
N ILE L 30 1.46 0.35 44.98
CA ILE L 30 0.77 1.07 43.91
C ILE L 30 0.94 0.42 42.53
N VAL L 31 -0.18 -0.01 41.96
CA VAL L 31 -0.24 -0.65 40.65
C VAL L 31 -1.00 0.24 39.68
N LEU L 32 -0.41 0.53 38.53
CA LEU L 32 -1.08 1.38 37.53
C LEU L 32 -1.59 0.62 36.33
N LEU L 33 -2.89 0.76 36.07
CA LEU L 33 -3.55 0.14 34.92
C LEU L 33 -4.07 1.28 34.06
N SER L 34 -3.37 1.54 32.96
CA SER L 34 -3.75 2.62 32.05
C SER L 34 -3.73 2.14 30.62
N GLY L 35 -4.74 2.54 29.86
CA GLY L 35 -4.83 2.14 28.47
C GLY L 35 -5.78 0.97 28.28
N GLU L 36 -5.89 0.52 27.04
CA GLU L 36 -6.77 -0.59 26.70
C GLU L 36 -6.26 -1.86 27.38
N ILE L 37 -7.19 -2.74 27.76
CA ILE L 37 -6.84 -3.99 28.44
C ILE L 37 -6.76 -5.17 27.48
N ASN L 38 -5.62 -5.84 27.47
CA ASN L 38 -5.42 -7.02 26.63
C ASN L 38 -4.61 -8.02 27.45
N ASP L 39 -4.27 -9.17 26.86
CA ASP L 39 -3.50 -10.17 27.59
C ASP L 39 -2.23 -9.55 28.15
N SER L 40 -1.41 -8.99 27.27
CA SER L 40 -0.17 -8.34 27.66
C SER L 40 -0.37 -7.46 28.91
N VAL L 41 -1.25 -6.47 28.78
CA VAL L 41 -1.54 -5.56 29.88
C VAL L 41 -2.03 -6.33 31.09
N ALA L 42 -3.04 -7.15 30.88
CA ALA L 42 -3.63 -7.94 31.96
C ALA L 42 -2.57 -8.74 32.72
N SER L 43 -1.67 -9.40 31.99
CA SER L 43 -0.63 -10.19 32.63
C SER L 43 0.22 -9.30 33.55
N SER L 44 0.74 -8.22 32.99
CA SER L 44 1.56 -7.29 33.78
C SER L 44 0.88 -6.98 35.12
N ILE L 45 -0.43 -6.76 35.09
CA ILE L 45 -1.21 -6.44 36.28
C ILE L 45 -1.29 -7.64 37.23
N VAL L 46 -1.72 -8.78 36.70
CA VAL L 46 -1.85 -10.00 37.49
C VAL L 46 -0.50 -10.37 38.11
N ALA L 47 0.57 -10.09 37.39
CA ALA L 47 1.91 -10.41 37.88
C ALA L 47 2.28 -9.48 39.02
N GLN L 48 1.76 -8.25 38.98
CA GLN L 48 2.06 -7.27 40.01
C GLN L 48 1.23 -7.55 41.25
N LEU L 49 -0.02 -7.93 41.06
CA LEU L 49 -0.87 -8.24 42.19
C LEU L 49 -0.24 -9.44 42.90
N LEU L 50 0.00 -10.52 42.16
CA LEU L 50 0.61 -11.72 42.75
C LEU L 50 1.88 -11.34 43.50
N PHE L 51 2.76 -10.60 42.85
CA PHE L 51 3.99 -10.19 43.48
C PHE L 51 3.71 -9.50 44.81
N LEU L 52 2.81 -8.51 44.79
CA LEU L 52 2.46 -7.77 45.99
C LEU L 52 1.80 -8.62 47.07
N GLU L 53 1.28 -9.79 46.70
CA GLU L 53 0.67 -10.64 47.73
C GLU L 53 1.81 -11.46 48.35
N ALA L 54 2.82 -11.74 47.55
CA ALA L 54 3.96 -12.50 48.03
C ALA L 54 4.72 -11.58 48.98
N GLU L 55 4.86 -10.32 48.57
CA GLU L 55 5.56 -9.32 49.35
C GLU L 55 4.99 -9.18 50.76
N ASP L 56 3.67 -9.05 50.89
CA ASP L 56 3.01 -8.92 52.19
C ASP L 56 1.50 -9.18 52.08
N PRO L 57 1.07 -10.40 52.42
CA PRO L 57 -0.32 -10.88 52.39
C PRO L 57 -1.36 -10.04 53.09
N GLU L 58 -0.92 -9.13 53.96
CA GLU L 58 -1.86 -8.30 54.71
C GLU L 58 -2.13 -6.88 54.18
N LYS L 59 -1.09 -6.14 53.83
CA LYS L 59 -1.30 -4.76 53.36
C LYS L 59 -2.07 -4.60 52.04
N ASP L 60 -3.04 -3.67 52.08
CA ASP L 60 -3.87 -3.36 50.94
C ASP L 60 -3.01 -3.01 49.74
N ILE L 61 -3.63 -3.06 48.57
CA ILE L 61 -2.98 -2.70 47.33
C ILE L 61 -3.85 -1.63 46.68
N GLY L 62 -3.20 -0.59 46.17
CA GLY L 62 -3.94 0.48 45.53
C GLY L 62 -3.82 0.39 44.03
N LEU L 63 -4.90 -0.03 43.37
CA LEU L 63 -4.92 -0.16 41.92
C LEU L 63 -5.53 1.09 41.26
N TYR L 64 -4.71 1.90 40.59
CA TYR L 64 -5.22 3.09 39.92
C TYR L 64 -5.62 2.77 38.48
N ILE L 65 -6.84 3.16 38.12
CA ILE L 65 -7.38 2.84 36.79
C ILE L 65 -7.75 4.03 35.90
N ASN L 66 -7.05 4.11 34.77
CA ASN L 66 -7.30 5.13 33.75
C ASN L 66 -7.30 4.30 32.47
N SER L 67 -8.46 3.79 32.10
CA SER L 67 -8.59 2.94 30.92
C SER L 67 -9.92 3.02 30.14
N PRO L 68 -9.84 2.90 28.80
CA PRO L 68 -11.02 2.97 27.93
C PRO L 68 -11.73 1.61 27.87
N GLY L 69 -11.19 0.65 28.60
CA GLY L 69 -11.77 -0.69 28.59
C GLY L 69 -10.81 -1.63 27.89
N GLY L 70 -11.34 -2.71 27.31
CA GLY L 70 -10.49 -3.68 26.62
C GLY L 70 -11.08 -5.07 26.47
N VAL L 71 -10.21 -6.07 26.34
CA VAL L 71 -10.67 -7.45 26.17
C VAL L 71 -11.36 -7.97 27.44
N ILE L 72 -12.57 -8.50 27.26
CA ILE L 72 -13.34 -9.02 28.38
C ILE L 72 -12.64 -10.06 29.22
N THR L 73 -12.15 -11.14 28.60
CA THR L 73 -11.48 -12.20 29.37
C THR L 73 -10.26 -11.61 30.07
N SER L 74 -9.52 -10.76 29.37
CA SER L 74 -8.35 -10.14 29.97
C SER L 74 -8.79 -9.41 31.24
N GLY L 75 -9.90 -8.69 31.15
CA GLY L 75 -10.41 -7.96 32.29
C GLY L 75 -10.76 -8.89 33.43
N LEU L 76 -11.55 -9.92 33.11
CA LEU L 76 -11.97 -10.90 34.10
C LEU L 76 -10.75 -11.56 34.73
N SER L 77 -9.65 -11.57 34.00
CA SER L 77 -8.40 -12.14 34.48
C SER L 77 -7.97 -11.32 35.70
N ILE L 78 -7.90 -10.01 35.50
CA ILE L 78 -7.49 -9.10 36.56
C ILE L 78 -8.46 -9.12 37.72
N TYR L 79 -9.74 -9.31 37.40
CA TYR L 79 -10.80 -9.35 38.40
C TYR L 79 -10.72 -10.59 39.30
N ASP L 80 -10.64 -11.78 38.70
CA ASP L 80 -10.53 -13.01 39.49
C ASP L 80 -9.29 -12.95 40.38
N THR L 81 -8.21 -12.37 39.86
CA THR L 81 -6.95 -12.23 40.59
C THR L 81 -7.15 -11.35 41.82
N MET L 82 -7.81 -10.21 41.62
CA MET L 82 -8.07 -9.28 42.71
C MET L 82 -8.73 -9.99 43.89
N ASN L 83 -9.75 -10.80 43.61
CA ASN L 83 -10.45 -11.53 44.66
C ASN L 83 -9.70 -12.80 45.03
N PHE L 84 -8.87 -13.29 44.12
CA PHE L 84 -8.10 -14.49 44.36
C PHE L 84 -7.13 -14.27 45.50
N ILE L 85 -6.50 -13.10 45.55
CA ILE L 85 -5.55 -12.83 46.62
C ILE L 85 -6.20 -12.39 47.92
N ARG L 86 -5.38 -12.22 48.94
CA ARG L 86 -5.82 -11.83 50.27
C ARG L 86 -5.81 -10.33 50.53
N PRO L 87 -4.74 -9.62 50.12
CA PRO L 87 -4.76 -8.19 50.38
C PRO L 87 -6.02 -7.57 49.78
N ASP L 88 -6.46 -6.45 50.35
CA ASP L 88 -7.64 -5.77 49.81
C ASP L 88 -7.12 -4.91 48.68
N VAL L 89 -7.65 -5.12 47.48
CA VAL L 89 -7.24 -4.34 46.33
C VAL L 89 -8.18 -3.15 46.24
N SER L 90 -7.73 -1.97 46.64
CA SER L 90 -8.59 -0.80 46.53
C SER L 90 -8.37 -0.20 45.15
N THR L 91 -9.45 0.20 44.48
CA THR L 91 -9.33 0.78 43.16
C THR L 91 -9.59 2.26 43.18
N ILE L 92 -8.77 3.00 42.43
CA ILE L 92 -8.91 4.45 42.34
C ILE L 92 -8.91 4.86 40.88
N CYS L 93 -9.99 5.54 40.48
CA CYS L 93 -10.13 6.00 39.11
C CYS L 93 -9.62 7.43 38.91
N ILE L 94 -8.76 7.61 37.92
CA ILE L 94 -8.25 8.94 37.58
C ILE L 94 -8.43 9.01 36.07
N GLY L 95 -8.68 10.20 35.54
CA GLY L 95 -8.89 10.32 34.10
C GLY L 95 -10.21 9.66 33.74
N GLN L 96 -10.18 8.37 33.43
CA GLN L 96 -11.42 7.68 33.11
C GLN L 96 -11.32 6.18 33.38
N ALA L 97 -12.50 5.57 33.47
CA ALA L 97 -12.64 4.14 33.70
C ALA L 97 -13.95 3.81 33.00
N ALA L 98 -13.85 3.45 31.72
CA ALA L 98 -15.02 3.11 30.91
C ALA L 98 -14.97 1.64 30.50
N ALA L 99 -16.12 1.10 30.12
CA ALA L 99 -16.23 -0.30 29.70
C ALA L 99 -15.61 -1.18 30.78
N MET L 100 -14.79 -2.15 30.38
CA MET L 100 -14.14 -3.05 31.34
C MET L 100 -13.39 -2.26 32.41
N GLY L 101 -13.07 -1.00 32.11
CA GLY L 101 -12.37 -0.17 33.07
C GLY L 101 -13.27 0.12 34.26
N ALA L 102 -14.55 0.34 33.99
CA ALA L 102 -15.51 0.61 35.05
C ALA L 102 -15.78 -0.67 35.84
N PHE L 103 -16.02 -1.76 35.12
CA PHE L 103 -16.28 -3.04 35.75
C PHE L 103 -15.22 -3.31 36.82
N LEU L 104 -13.94 -3.14 36.46
CA LEU L 104 -12.85 -3.37 37.40
C LEU L 104 -12.86 -2.35 38.54
N LEU L 105 -13.26 -1.12 38.24
CA LEU L 105 -13.30 -0.09 39.27
C LEU L 105 -14.26 -0.50 40.38
N SER L 106 -15.45 -0.95 39.97
CA SER L 106 -16.47 -1.36 40.92
C SER L 106 -16.13 -2.67 41.63
N CYS L 107 -15.13 -3.38 41.12
CA CYS L 107 -14.72 -4.63 41.72
C CYS L 107 -13.71 -4.43 42.85
N GLY L 108 -13.26 -3.19 43.04
CA GLY L 108 -12.30 -2.93 44.10
C GLY L 108 -12.86 -3.32 45.46
N ALA L 109 -12.02 -3.32 46.47
CA ALA L 109 -12.44 -3.69 47.83
C ALA L 109 -13.66 -2.89 48.26
N LYS L 110 -14.73 -3.60 48.62
CA LYS L 110 -15.97 -2.97 49.08
C LYS L 110 -15.62 -1.90 50.12
N GLY L 111 -16.01 -0.66 49.85
CA GLY L 111 -15.72 0.42 50.78
C GLY L 111 -14.39 1.10 50.49
N LYS L 112 -13.65 0.56 49.52
CA LYS L 112 -12.36 1.13 49.14
C LYS L 112 -12.31 1.44 47.66
N ARG L 113 -13.45 1.81 47.09
CA ARG L 113 -13.58 2.16 45.68
C ARG L 113 -13.71 3.68 45.56
N PHE L 114 -12.63 4.33 45.15
CA PHE L 114 -12.63 5.80 45.03
C PHE L 114 -12.48 6.26 43.60
N SER L 115 -12.50 7.59 43.44
CA SER L 115 -12.34 8.22 42.16
C SER L 115 -12.03 9.67 42.42
N LEU L 116 -11.27 10.28 41.52
CA LEU L 116 -10.95 11.70 41.66
C LEU L 116 -12.14 12.50 41.16
N PRO L 117 -12.25 13.76 41.59
CA PRO L 117 -13.34 14.67 41.21
C PRO L 117 -13.78 14.73 39.75
N HIS L 118 -12.84 14.83 38.83
CA HIS L 118 -13.18 14.96 37.41
C HIS L 118 -13.08 13.75 36.51
N SER L 119 -12.95 12.56 37.10
CA SER L 119 -12.84 11.35 36.31
C SER L 119 -14.17 11.01 35.67
N ARG L 120 -14.12 10.24 34.58
CA ARG L 120 -15.34 9.80 33.91
C ARG L 120 -15.50 8.32 34.20
N ILE L 121 -16.74 7.87 34.25
CA ILE L 121 -17.03 6.47 34.48
C ILE L 121 -18.05 6.15 33.42
N MET L 122 -17.93 5.00 32.77
CA MET L 122 -18.89 4.65 31.75
C MET L 122 -19.04 3.14 31.64
N ILE L 123 -20.29 2.67 31.67
CA ILE L 123 -20.59 1.24 31.56
C ILE L 123 -21.41 0.96 30.30
N HIS L 124 -21.27 -0.25 29.76
CA HIS L 124 -21.99 -0.64 28.55
C HIS L 124 -22.02 -2.16 28.40
N GLN L 125 -22.65 -2.67 27.34
CA GLN L 125 -22.68 -4.10 27.12
C GLN L 125 -21.44 -4.47 26.29
N PRO L 126 -21.16 -5.77 26.14
CA PRO L 126 -19.98 -6.15 25.36
C PRO L 126 -20.05 -5.88 23.84
N LEU L 127 -18.87 -5.77 23.23
CA LEU L 127 -18.71 -5.54 21.80
C LEU L 127 -18.03 -6.76 21.23
N GLY L 128 -18.17 -6.97 19.91
CA GLY L 128 -17.52 -8.11 19.31
C GLY L 128 -17.84 -8.34 17.85
N GLY L 129 -17.42 -9.50 17.36
CA GLY L 129 -17.66 -9.87 15.98
C GLY L 129 -17.63 -11.37 15.75
N ALA L 130 -18.40 -11.82 14.77
CA ALA L 130 -18.46 -13.22 14.44
C ALA L 130 -18.46 -13.32 12.91
N GLN L 131 -17.77 -14.31 12.38
CA GLN L 131 -17.69 -14.50 10.94
C GLN L 131 -17.70 -15.99 10.58
N GLY L 132 -18.34 -16.33 9.47
CA GLY L 132 -18.38 -17.72 9.05
C GLY L 132 -19.77 -18.29 8.81
N GLN L 133 -20.01 -19.47 9.39
CA GLN L 133 -21.29 -20.17 9.24
C GLN L 133 -22.31 -19.79 10.32
N ALA L 134 -23.59 -19.89 9.96
CA ALA L 134 -24.68 -19.58 10.87
C ALA L 134 -24.50 -20.30 12.21
N SER L 135 -24.01 -21.54 12.17
CA SER L 135 -23.79 -22.29 13.41
C SER L 135 -22.68 -21.63 14.23
N ASP L 136 -21.60 -21.24 13.55
CA ASP L 136 -20.46 -20.60 14.22
C ASP L 136 -20.87 -19.28 14.81
N ILE L 137 -21.60 -18.50 14.00
CA ILE L 137 -22.08 -17.19 14.39
C ILE L 137 -22.92 -17.31 15.66
N GLU L 138 -23.79 -18.32 15.66
CA GLU L 138 -24.66 -18.59 16.78
C GLU L 138 -23.89 -18.92 18.05
N ILE L 139 -22.87 -19.79 17.91
CA ILE L 139 -22.06 -20.14 19.07
C ILE L 139 -21.44 -18.86 19.65
N ILE L 140 -20.82 -18.07 18.78
CA ILE L 140 -20.19 -16.82 19.21
C ILE L 140 -21.19 -15.86 19.86
N SER L 141 -22.35 -15.72 19.22
CA SER L 141 -23.40 -14.85 19.74
C SER L 141 -23.76 -15.28 21.16
N ASN L 142 -23.89 -16.58 21.37
CA ASN L 142 -24.24 -17.10 22.68
C ASN L 142 -23.15 -16.87 23.70
N GLU L 143 -21.89 -16.96 23.29
CA GLU L 143 -20.81 -16.73 24.24
C GLU L 143 -20.81 -15.26 24.65
N ILE L 144 -21.06 -14.39 23.68
CA ILE L 144 -21.10 -12.96 23.94
C ILE L 144 -22.23 -12.61 24.92
N LEU L 145 -23.44 -13.08 24.65
CA LEU L 145 -24.57 -12.80 25.53
C LEU L 145 -24.32 -13.36 26.93
N ARG L 146 -23.70 -14.55 27.00
CA ARG L 146 -23.36 -15.18 28.27
C ARG L 146 -22.44 -14.25 29.05
N LEU L 147 -21.52 -13.62 28.33
CA LEU L 147 -20.58 -12.68 28.94
C LEU L 147 -21.31 -11.42 29.33
N LYS L 148 -22.31 -11.05 28.55
CA LYS L 148 -23.10 -9.85 28.83
C LYS L 148 -23.79 -10.02 30.17
N GLY L 149 -24.53 -11.10 30.36
CA GLY L 149 -25.23 -11.32 31.61
C GLY L 149 -24.30 -11.53 32.80
N LEU L 150 -23.19 -12.24 32.57
CA LEU L 150 -22.24 -12.52 33.64
C LEU L 150 -21.75 -11.22 34.27
N MET L 151 -21.48 -10.23 33.42
CA MET L 151 -20.98 -8.95 33.89
C MET L 151 -22.08 -8.05 34.42
N ASN L 152 -23.27 -8.11 33.83
CA ASN L 152 -24.38 -7.30 34.32
C ASN L 152 -24.68 -7.80 35.72
N SER L 153 -24.51 -9.10 35.87
CA SER L 153 -24.74 -9.77 37.13
C SER L 153 -23.76 -9.27 38.17
N ILE L 154 -22.48 -9.25 37.81
CA ILE L 154 -21.46 -8.79 38.72
C ILE L 154 -21.61 -7.30 38.99
N LEU L 155 -22.00 -6.56 37.97
CA LEU L 155 -22.18 -5.13 38.16
C LEU L 155 -23.29 -4.92 39.17
N ALA L 156 -24.41 -5.64 38.98
CA ALA L 156 -25.56 -5.57 39.88
C ALA L 156 -25.14 -5.79 41.34
N GLN L 157 -24.39 -6.84 41.60
CA GLN L 157 -23.92 -7.14 42.95
C GLN L 157 -23.01 -6.03 43.47
N ASN L 158 -22.08 -5.60 42.63
CA ASN L 158 -21.13 -4.57 42.99
C ASN L 158 -21.74 -3.18 43.23
N SER L 159 -22.92 -2.92 42.68
CA SER L 159 -23.54 -1.61 42.82
C SER L 159 -24.75 -1.53 43.74
N GLY L 160 -25.53 -2.60 43.77
CA GLY L 160 -26.73 -2.59 44.60
C GLY L 160 -27.97 -2.40 43.73
N GLN L 161 -27.74 -2.11 42.46
CA GLN L 161 -28.82 -1.90 41.50
C GLN L 161 -29.41 -3.25 41.13
N SER L 162 -30.71 -3.30 40.89
CA SER L 162 -31.33 -4.57 40.52
C SER L 162 -30.77 -4.95 39.17
N LEU L 163 -30.61 -6.26 38.94
CA LEU L 163 -30.08 -6.75 37.68
C LEU L 163 -30.87 -6.16 36.52
N GLU L 164 -32.17 -5.96 36.73
CA GLU L 164 -33.03 -5.37 35.72
C GLU L 164 -32.45 -4.00 35.35
N GLN L 165 -32.35 -3.13 36.36
CA GLN L 165 -31.81 -1.79 36.20
C GLN L 165 -30.50 -1.75 35.42
N ILE L 166 -29.58 -2.66 35.73
CA ILE L 166 -28.29 -2.69 35.03
C ILE L 166 -28.46 -3.04 33.56
N ALA L 167 -29.29 -4.00 33.24
CA ALA L 167 -29.50 -4.38 31.85
C ALA L 167 -30.15 -3.24 31.06
N LYS L 168 -30.81 -2.34 31.79
CA LYS L 168 -31.46 -1.20 31.16
C LYS L 168 -30.43 -0.09 30.88
N ASP L 169 -29.60 0.20 31.87
CA ASP L 169 -28.60 1.24 31.77
C ASP L 169 -27.40 0.98 30.85
N THR L 170 -27.00 -0.28 30.68
CA THR L 170 -25.85 -0.60 29.83
C THR L 170 -26.22 -0.96 28.38
N ASP L 171 -27.49 -0.84 28.02
CA ASP L 171 -27.91 -1.15 26.66
C ASP L 171 -27.14 -0.33 25.65
N ARG L 172 -26.77 0.89 26.06
CA ARG L 172 -26.00 1.79 25.24
C ARG L 172 -24.98 2.46 26.15
N ASP L 173 -23.99 3.15 25.58
CA ASP L 173 -22.98 3.81 26.41
C ASP L 173 -23.62 4.68 27.48
N PHE L 174 -23.21 4.46 28.72
CA PHE L 174 -23.74 5.18 29.87
C PHE L 174 -22.64 5.95 30.59
N TYR L 175 -22.44 7.20 30.21
CA TYR L 175 -21.42 8.04 30.83
C TYR L 175 -21.92 8.81 32.05
N MET L 176 -21.05 8.95 33.05
CA MET L 176 -21.39 9.65 34.27
C MET L 176 -20.16 10.18 34.99
N SER L 177 -20.38 11.19 35.85
CA SER L 177 -19.33 11.82 36.64
C SER L 177 -19.00 10.93 37.83
N ALA L 178 -17.91 11.24 38.53
CA ALA L 178 -17.51 10.45 39.70
C ALA L 178 -18.62 10.43 40.74
N LYS L 179 -19.21 11.59 40.98
CA LYS L 179 -20.29 11.69 41.96
C LYS L 179 -21.46 10.81 41.53
N GLU L 180 -21.90 10.96 40.28
CA GLU L 180 -23.01 10.14 39.78
C GLU L 180 -22.63 8.68 39.94
N ALA L 181 -21.33 8.40 39.86
CA ALA L 181 -20.82 7.05 40.00
C ALA L 181 -21.02 6.53 41.43
N LYS L 182 -20.77 7.39 42.42
CA LYS L 182 -20.95 7.03 43.83
C LYS L 182 -22.42 6.74 44.16
N GLU L 183 -23.31 7.55 43.60
CA GLU L 183 -24.75 7.37 43.84
C GLU L 183 -25.28 6.16 43.12
N TYR L 184 -24.66 5.77 42.01
CA TYR L 184 -25.12 4.62 41.26
C TYR L 184 -24.68 3.37 42.00
N GLY L 185 -23.60 3.51 42.77
CA GLY L 185 -23.07 2.39 43.52
C GLY L 185 -21.77 1.84 42.95
N LEU L 186 -21.32 2.42 41.85
CA LEU L 186 -20.10 1.96 41.22
C LEU L 186 -18.89 2.19 42.11
N ILE L 187 -18.93 3.23 42.92
CA ILE L 187 -17.80 3.51 43.81
C ILE L 187 -18.30 3.90 45.20
N ASP L 188 -17.39 4.09 46.13
CA ASP L 188 -17.78 4.42 47.50
C ASP L 188 -17.60 5.88 47.90
N LYS L 189 -16.46 6.47 47.57
CA LYS L 189 -16.20 7.86 47.95
C LYS L 189 -15.51 8.64 46.82
N VAL L 190 -15.61 9.96 46.88
CA VAL L 190 -14.98 10.80 45.86
C VAL L 190 -13.93 11.74 46.47
N LEU L 191 -12.69 11.27 46.53
CA LEU L 191 -11.58 12.06 47.08
C LEU L 191 -11.41 13.38 46.30
N GLN L 192 -11.65 14.52 46.94
CA GLN L 192 -11.45 15.80 46.24
C GLN L 192 -10.60 16.79 47.05
N ASP M 20 20.79 9.35 33.80
CA ASP M 20 19.68 9.83 32.92
C ASP M 20 19.38 11.31 33.18
N ILE M 21 19.37 12.10 32.10
CA ILE M 21 19.12 13.54 32.18
C ILE M 21 17.80 13.89 32.86
N TYR M 22 16.73 13.19 32.48
CA TYR M 22 15.41 13.44 33.04
C TYR M 22 15.34 12.92 34.47
N SER M 23 16.10 11.88 34.76
CA SER M 23 16.14 11.31 36.10
C SER M 23 16.86 12.28 37.02
N ARG M 24 17.86 12.98 36.47
CA ARG M 24 18.62 13.95 37.26
C ARG M 24 17.77 15.17 37.55
N LEU M 25 17.03 15.63 36.55
CA LEU M 25 16.18 16.80 36.75
C LEU M 25 15.02 16.44 37.66
N LEU M 26 14.60 15.18 37.59
CA LEU M 26 13.50 14.70 38.42
C LEU M 26 13.92 14.68 39.88
N LYS M 27 15.23 14.62 40.11
CA LYS M 27 15.78 14.61 41.47
C LYS M 27 15.65 16.00 42.09
N ASP M 28 15.49 17.01 41.25
CA ASP M 28 15.30 18.38 41.73
C ASP M 28 13.80 18.70 41.73
N ARG M 29 13.00 17.63 41.76
CA ARG M 29 11.55 17.74 41.77
C ARG M 29 11.00 18.50 40.56
N ILE M 30 11.62 18.24 39.42
CA ILE M 30 11.24 18.84 38.14
C ILE M 30 10.63 17.78 37.21
N VAL M 31 9.50 18.12 36.60
CA VAL M 31 8.84 17.20 35.69
C VAL M 31 8.62 17.87 34.33
N LEU M 32 8.82 17.11 33.26
CA LEU M 32 8.67 17.64 31.91
C LEU M 32 7.56 17.04 31.06
N LEU M 33 6.44 17.75 30.96
CA LEU M 33 5.34 17.28 30.11
C LEU M 33 5.63 17.86 28.73
N SER M 34 6.07 17.01 27.83
CA SER M 34 6.43 17.44 26.50
C SER M 34 5.68 16.64 25.44
N GLY M 35 5.51 17.25 24.28
CA GLY M 35 4.81 16.61 23.19
C GLY M 35 3.34 16.37 23.51
N GLU M 36 2.68 15.62 22.64
CA GLU M 36 1.26 15.32 22.83
C GLU M 36 0.97 14.61 24.14
N ILE M 37 -0.30 14.67 24.53
CA ILE M 37 -0.78 14.06 25.76
C ILE M 37 -1.68 12.86 25.46
N ASN M 38 -1.55 11.82 26.27
CA ASN M 38 -2.36 10.60 26.12
C ASN M 38 -2.09 9.71 27.32
N ASP M 39 -2.71 8.53 27.35
CA ASP M 39 -2.51 7.61 28.47
C ASP M 39 -1.08 7.34 28.87
N SER M 40 -0.21 7.08 27.91
CA SER M 40 1.18 6.83 28.25
C SER M 40 1.77 8.03 28.92
N VAL M 41 1.84 9.14 28.19
CA VAL M 41 2.40 10.35 28.76
C VAL M 41 1.79 10.64 30.14
N ALA M 42 0.49 10.43 30.28
CA ALA M 42 -0.22 10.70 31.54
C ALA M 42 0.22 9.80 32.70
N SER M 43 0.37 8.52 32.44
CA SER M 43 0.78 7.60 33.51
C SER M 43 2.19 7.94 33.99
N SER M 44 3.05 8.38 33.09
CA SER M 44 4.41 8.77 33.46
C SER M 44 4.37 10.06 34.26
N ILE M 45 3.57 11.03 33.81
CA ILE M 45 3.46 12.30 34.51
C ILE M 45 2.89 12.06 35.91
N VAL M 46 1.82 11.26 35.99
CA VAL M 46 1.22 10.99 37.28
C VAL M 46 2.21 10.26 38.17
N ALA M 47 2.78 9.18 37.66
CA ALA M 47 3.76 8.41 38.42
C ALA M 47 4.84 9.35 38.99
N GLN M 48 5.38 10.23 38.16
CA GLN M 48 6.39 11.16 38.64
C GLN M 48 5.84 12.06 39.77
N LEU M 49 4.57 12.46 39.65
CA LEU M 49 3.96 13.33 40.67
C LEU M 49 3.74 12.64 42.00
N LEU M 50 3.24 11.40 41.96
CA LEU M 50 2.99 10.66 43.19
C LEU M 50 4.30 10.29 43.85
N PHE M 51 5.31 10.02 43.01
CA PHE M 51 6.63 9.67 43.50
C PHE M 51 7.24 10.87 44.23
N LEU M 52 7.05 12.05 43.67
CA LEU M 52 7.59 13.27 44.26
C LEU M 52 6.94 13.62 45.58
N GLU M 53 5.67 13.26 45.75
CA GLU M 53 4.99 13.52 47.01
C GLU M 53 5.49 12.58 48.10
N ALA M 54 5.86 11.36 47.69
CA ALA M 54 6.38 10.36 48.61
C ALA M 54 7.82 10.75 48.98
N GLU M 55 8.33 11.77 48.31
CA GLU M 55 9.69 12.25 48.52
C GLU M 55 9.71 13.47 49.43
N ASP M 56 8.74 14.36 49.26
CA ASP M 56 8.66 15.56 50.08
C ASP M 56 7.30 16.21 49.87
N PRO M 57 6.33 15.85 50.71
CA PRO M 57 4.95 16.36 50.65
C PRO M 57 4.82 17.88 50.68
N GLU M 58 5.80 18.55 51.31
CA GLU M 58 5.75 19.99 51.45
C GLU M 58 6.41 20.80 50.34
N LYS M 59 7.44 20.24 49.73
CA LYS M 59 8.20 20.94 48.69
C LYS M 59 7.56 21.08 47.30
N ASP M 60 7.79 22.24 46.69
CA ASP M 60 7.27 22.58 45.37
C ASP M 60 7.78 21.64 44.29
N ILE M 61 6.89 21.32 43.36
CA ILE M 61 7.19 20.47 42.21
C ILE M 61 7.12 21.37 40.97
N GLY M 62 8.03 21.20 40.04
CA GLY M 62 8.02 22.04 38.85
C GLY M 62 7.55 21.28 37.64
N LEU M 63 6.46 21.73 37.02
CA LEU M 63 5.94 21.09 35.82
C LEU M 63 6.15 22.00 34.61
N TYR M 64 7.09 21.61 33.75
CA TYR M 64 7.37 22.38 32.54
C TYR M 64 6.54 21.78 31.42
N ILE M 65 5.70 22.63 30.84
CA ILE M 65 4.80 22.20 29.79
C ILE M 65 5.16 22.69 28.39
N ASN M 66 5.25 21.74 27.45
CA ASN M 66 5.54 22.04 26.06
C ASN M 66 4.71 21.05 25.28
N SER M 67 3.41 21.32 25.20
CA SER M 67 2.50 20.41 24.55
C SER M 67 1.44 21.05 23.68
N PRO M 68 1.07 20.37 22.59
CA PRO M 68 0.05 20.82 21.62
C PRO M 68 -1.30 20.30 22.09
N GLY M 69 -1.28 19.64 23.24
CA GLY M 69 -2.51 19.09 23.79
C GLY M 69 -2.50 17.57 23.75
N GLY M 70 -3.70 16.98 23.82
CA GLY M 70 -3.82 15.54 23.78
C GLY M 70 -5.21 15.10 24.18
N VAL M 71 -5.35 13.85 24.61
CA VAL M 71 -6.64 13.32 25.02
C VAL M 71 -7.16 14.02 26.27
N ILE M 72 -8.45 14.38 26.24
CA ILE M 72 -9.09 15.09 27.35
C ILE M 72 -8.98 14.40 28.72
N THR M 73 -9.50 13.19 28.84
CA THR M 73 -9.45 12.49 30.12
C THR M 73 -8.00 12.23 30.55
N SER M 74 -7.11 12.03 29.58
CA SER M 74 -5.71 11.83 29.88
C SER M 74 -5.21 13.08 30.61
N GLY M 75 -5.60 14.24 30.08
CA GLY M 75 -5.21 15.49 30.70
C GLY M 75 -5.85 15.68 32.07
N LEU M 76 -7.15 15.42 32.17
CA LEU M 76 -7.86 15.59 33.44
C LEU M 76 -7.17 14.80 34.55
N SER M 77 -6.73 13.58 34.23
CA SER M 77 -6.05 12.74 35.22
C SER M 77 -4.84 13.48 35.78
N ILE M 78 -4.07 14.11 34.90
CA ILE M 78 -2.90 14.87 35.33
C ILE M 78 -3.39 16.03 36.20
N TYR M 79 -4.57 16.55 35.89
CA TYR M 79 -5.14 17.66 36.66
C TYR M 79 -5.52 17.23 38.07
N ASP M 80 -6.36 16.21 38.19
CA ASP M 80 -6.78 15.74 39.49
C ASP M 80 -5.60 15.35 40.37
N THR M 81 -4.65 14.60 39.79
CA THR M 81 -3.48 14.17 40.55
C THR M 81 -2.74 15.39 41.10
N MET M 82 -2.54 16.40 40.26
CA MET M 82 -1.87 17.61 40.71
C MET M 82 -2.52 18.13 41.99
N ASN M 83 -3.85 18.08 42.06
CA ASN M 83 -4.56 18.57 43.22
C ASN M 83 -4.77 17.50 44.29
N PHE M 84 -4.47 16.26 43.95
CA PHE M 84 -4.65 15.15 44.88
C PHE M 84 -3.43 14.94 45.78
N ILE M 85 -2.31 15.58 45.45
CA ILE M 85 -1.09 15.45 46.24
C ILE M 85 -0.87 16.69 47.07
N ARG M 86 -0.19 16.54 48.20
CA ARG M 86 0.08 17.68 49.08
C ARG M 86 1.04 18.72 48.47
N PRO M 87 2.02 18.27 47.67
CA PRO M 87 2.92 19.27 47.09
C PRO M 87 2.21 20.29 46.19
N ASP M 88 2.76 21.49 46.14
CA ASP M 88 2.22 22.54 45.29
C ASP M 88 2.82 22.30 43.89
N VAL M 89 1.99 22.01 42.90
CA VAL M 89 2.50 21.78 41.55
C VAL M 89 2.54 23.06 40.72
N SER M 90 3.73 23.66 40.63
CA SER M 90 3.88 24.88 39.85
C SER M 90 4.06 24.53 38.38
N THR M 91 3.65 25.43 37.49
CA THR M 91 3.82 25.16 36.08
C THR M 91 4.54 26.29 35.37
N ILE M 92 5.34 25.92 34.38
CA ILE M 92 6.08 26.86 33.57
C ILE M 92 5.76 26.46 32.15
N CYS M 93 5.66 27.44 31.26
CA CYS M 93 5.37 27.14 29.88
C CYS M 93 6.55 27.52 28.99
N ILE M 94 7.08 26.53 28.27
CA ILE M 94 8.20 26.76 27.38
C ILE M 94 7.75 26.25 26.02
N GLY M 95 8.14 26.95 24.97
CA GLY M 95 7.71 26.57 23.64
C GLY M 95 6.23 26.91 23.50
N GLN M 96 5.38 25.99 23.94
CA GLN M 96 3.94 26.22 23.86
C GLN M 96 3.08 25.34 24.77
N ALA M 97 1.95 25.92 25.15
CA ALA M 97 0.94 25.27 25.97
C ALA M 97 -0.34 25.51 25.17
N ALA M 98 -0.75 24.51 24.39
CA ALA M 98 -1.93 24.63 23.54
C ALA M 98 -2.98 23.57 23.88
N ALA M 99 -4.24 23.93 23.70
CA ALA M 99 -5.36 23.04 23.98
C ALA M 99 -5.26 22.54 25.42
N MET M 100 -5.33 21.23 25.61
CA MET M 100 -5.23 20.61 26.93
C MET M 100 -3.94 21.02 27.63
N GLY M 101 -2.95 21.45 26.85
CA GLY M 101 -1.69 21.88 27.42
C GLY M 101 -1.90 23.14 28.23
N ALA M 102 -2.70 24.06 27.65
CA ALA M 102 -3.01 25.32 28.31
C ALA M 102 -3.85 25.06 29.55
N PHE M 103 -4.79 24.12 29.44
CA PHE M 103 -5.66 23.78 30.54
C PHE M 103 -4.76 23.46 31.74
N LEU M 104 -3.77 22.60 31.52
CA LEU M 104 -2.89 22.21 32.60
C LEU M 104 -2.03 23.38 33.14
N LEU M 105 -1.55 24.24 32.24
CA LEU M 105 -0.71 25.38 32.64
C LEU M 105 -1.44 26.32 33.58
N SER M 106 -2.75 26.45 33.37
CA SER M 106 -3.58 27.33 34.19
C SER M 106 -4.08 26.60 35.44
N CYS M 107 -3.91 25.29 35.46
CA CYS M 107 -4.33 24.50 36.61
C CYS M 107 -3.25 24.56 37.69
N GLY M 108 -2.06 25.05 37.32
CA GLY M 108 -0.98 25.15 38.27
C GLY M 108 -1.33 25.87 39.56
N ALA M 109 -0.54 25.65 40.61
CA ALA M 109 -0.78 26.27 41.91
C ALA M 109 -0.97 27.76 41.79
N LYS M 110 -1.96 28.28 42.49
CA LYS M 110 -2.25 29.71 42.48
C LYS M 110 -0.97 30.47 42.79
N GLY M 111 -0.69 31.52 42.01
CA GLY M 111 0.50 32.30 42.22
C GLY M 111 1.77 31.71 41.64
N LYS M 112 1.74 30.42 41.30
CA LYS M 112 2.92 29.75 40.73
C LYS M 112 2.77 29.19 39.30
N ARG M 113 2.10 29.91 38.41
CA ARG M 113 1.94 29.46 37.03
C ARG M 113 2.71 30.47 36.15
N PHE M 114 3.91 30.10 35.75
CA PHE M 114 4.75 31.00 34.95
C PHE M 114 4.85 30.67 33.47
N SER M 115 5.58 31.52 32.74
CA SER M 115 5.80 31.31 31.33
C SER M 115 7.02 32.09 30.86
N LEU M 116 7.85 31.44 30.05
CA LEU M 116 9.02 32.10 29.51
C LEU M 116 8.47 33.14 28.52
N PRO M 117 9.23 34.23 28.29
CA PRO M 117 8.87 35.35 27.39
C PRO M 117 8.30 35.09 25.99
N HIS M 118 8.77 34.05 25.31
CA HIS M 118 8.29 33.81 23.95
C HIS M 118 7.44 32.57 23.75
N SER M 119 6.88 32.05 24.83
CA SER M 119 6.01 30.88 24.77
C SER M 119 4.69 31.36 24.18
N ARG M 120 3.83 30.42 23.79
CA ARG M 120 2.53 30.81 23.28
C ARG M 120 1.45 29.92 23.87
N ILE M 121 0.35 30.54 24.27
CA ILE M 121 -0.74 29.80 24.86
C ILE M 121 -1.91 29.74 23.88
N MET M 122 -2.66 28.65 23.92
CA MET M 122 -3.81 28.50 23.04
C MET M 122 -4.85 27.66 23.75
N ILE M 123 -6.09 28.14 23.75
CA ILE M 123 -7.20 27.43 24.35
C ILE M 123 -8.24 27.27 23.24
N HIS M 124 -9.11 26.28 23.38
CA HIS M 124 -10.14 26.03 22.36
C HIS M 124 -11.14 25.02 22.90
N GLN M 125 -12.15 24.68 22.12
CA GLN M 125 -13.11 23.68 22.56
C GLN M 125 -12.60 22.33 22.08
N PRO M 126 -13.05 21.23 22.71
CA PRO M 126 -12.64 19.87 22.36
C PRO M 126 -12.87 19.47 20.92
N LEU M 127 -12.26 18.36 20.53
CA LEU M 127 -12.40 17.80 19.18
C LEU M 127 -12.77 16.33 19.33
N GLY M 128 -13.31 15.74 18.27
CA GLY M 128 -13.69 14.34 18.35
C GLY M 128 -14.51 13.91 17.16
N GLY M 129 -15.06 12.71 17.26
CA GLY M 129 -15.87 12.18 16.19
C GLY M 129 -16.70 11.04 16.75
N ALA M 130 -17.78 10.72 16.04
CA ALA M 130 -18.65 9.63 16.48
C ALA M 130 -19.26 8.94 15.29
N GLN M 131 -19.54 7.66 15.45
CA GLN M 131 -20.13 6.87 14.39
C GLN M 131 -21.10 5.87 14.98
N GLY M 132 -22.10 5.49 14.20
CA GLY M 132 -23.06 4.54 14.69
C GLY M 132 -24.47 5.03 14.44
N GLN M 133 -25.37 4.60 15.31
CA GLN M 133 -26.77 4.97 15.21
C GLN M 133 -27.03 6.37 15.74
N ALA M 134 -28.17 6.93 15.37
CA ALA M 134 -28.54 8.26 15.84
C ALA M 134 -28.37 8.29 17.36
N SER M 135 -28.91 7.27 18.01
CA SER M 135 -28.81 7.15 19.45
C SER M 135 -27.37 7.19 19.94
N ASP M 136 -26.46 6.51 19.24
CA ASP M 136 -25.03 6.49 19.61
C ASP M 136 -24.35 7.82 19.41
N ILE M 137 -24.58 8.44 18.26
CA ILE M 137 -23.99 9.74 17.99
C ILE M 137 -24.48 10.76 19.01
N GLU M 138 -25.78 10.73 19.30
CA GLU M 138 -26.38 11.66 20.27
C GLU M 138 -25.69 11.50 21.62
N ILE M 139 -25.37 10.27 21.99
CA ILE M 139 -24.71 10.02 23.26
C ILE M 139 -23.30 10.62 23.27
N ILE M 140 -22.48 10.21 22.32
CA ILE M 140 -21.11 10.71 22.25
C ILE M 140 -21.14 12.23 22.18
N SER M 141 -22.09 12.75 21.42
CA SER M 141 -22.25 14.18 21.26
C SER M 141 -22.45 14.85 22.61
N ASN M 142 -23.39 14.35 23.41
CA ASN M 142 -23.64 14.93 24.72
C ASN M 142 -22.40 14.88 25.59
N GLU M 143 -21.70 13.75 25.51
CA GLU M 143 -20.49 13.52 26.29
C GLU M 143 -19.39 14.54 25.98
N ILE M 144 -19.22 14.89 24.71
CA ILE M 144 -18.20 15.89 24.38
C ILE M 144 -18.62 17.26 24.88
N LEU M 145 -19.91 17.58 24.69
CA LEU M 145 -20.48 18.86 25.14
C LEU M 145 -20.29 18.98 26.65
N ARG M 146 -20.50 17.87 27.34
CA ARG M 146 -20.37 17.81 28.78
C ARG M 146 -18.93 18.05 29.20
N LEU M 147 -18.00 17.45 28.47
CA LEU M 147 -16.57 17.62 28.76
C LEU M 147 -16.16 19.03 28.40
N LYS M 148 -16.87 19.61 27.43
CA LYS M 148 -16.61 20.96 26.97
C LYS M 148 -16.96 22.01 28.03
N GLY M 149 -18.11 21.84 28.68
CA GLY M 149 -18.52 22.78 29.70
C GLY M 149 -17.74 22.57 30.99
N LEU M 150 -17.26 21.34 31.18
CA LEU M 150 -16.48 21.01 32.37
C LEU M 150 -15.19 21.81 32.33
N MET M 151 -14.51 21.79 31.18
CA MET M 151 -13.25 22.50 31.06
C MET M 151 -13.38 24.01 30.89
N ASN M 152 -14.52 24.47 30.40
CA ASN M 152 -14.76 25.90 30.25
C ASN M 152 -14.83 26.40 31.68
N SER M 153 -15.72 25.78 32.44
CA SER M 153 -15.93 26.13 33.84
C SER M 153 -14.59 26.24 34.60
N ILE M 154 -13.74 25.22 34.50
CA ILE M 154 -12.47 25.27 35.20
C ILE M 154 -11.57 26.36 34.64
N LEU M 155 -11.60 26.56 33.33
CA LEU M 155 -10.80 27.62 32.71
C LEU M 155 -11.21 28.94 33.34
N ALA M 156 -12.52 29.15 33.42
CA ALA M 156 -13.09 30.35 33.99
C ALA M 156 -12.58 30.51 35.42
N GLN M 157 -12.75 29.47 36.21
CA GLN M 157 -12.35 29.48 37.59
C GLN M 157 -10.85 29.72 37.83
N ASN M 158 -10.01 29.36 36.85
CA ASN M 158 -8.57 29.58 37.00
C ASN M 158 -8.14 30.91 36.41
N SER M 159 -8.93 31.44 35.48
CA SER M 159 -8.58 32.68 34.83
C SER M 159 -9.20 33.93 35.43
N GLY M 160 -10.37 33.80 36.04
CA GLY M 160 -11.00 34.97 36.59
C GLY M 160 -11.92 35.49 35.51
N GLN M 161 -11.94 34.79 34.39
CA GLN M 161 -12.81 35.14 33.28
C GLN M 161 -14.18 34.56 33.60
N SER M 162 -15.23 35.12 33.02
CA SER M 162 -16.57 34.61 33.26
C SER M 162 -16.75 33.38 32.38
N LEU M 163 -17.49 32.39 32.87
CA LEU M 163 -17.73 31.17 32.13
C LEU M 163 -18.14 31.53 30.70
N GLU M 164 -18.91 32.60 30.57
CA GLU M 164 -19.42 33.08 29.29
C GLU M 164 -18.32 33.57 28.36
N GLN M 165 -17.30 34.23 28.92
CA GLN M 165 -16.17 34.73 28.14
C GLN M 165 -15.34 33.56 27.58
N ILE M 166 -15.00 32.61 28.44
CA ILE M 166 -14.24 31.44 28.04
C ILE M 166 -14.94 30.70 26.90
N ALA M 167 -16.26 30.51 27.03
CA ALA M 167 -17.02 29.83 26.00
C ALA M 167 -16.96 30.62 24.70
N LYS M 168 -17.04 31.94 24.82
CA LYS M 168 -17.00 32.80 23.65
C LYS M 168 -15.65 32.74 22.95
N ASP M 169 -14.58 32.80 23.73
CA ASP M 169 -13.22 32.78 23.18
C ASP M 169 -12.72 31.43 22.66
N THR M 170 -13.01 30.34 23.38
CA THR M 170 -12.55 29.04 22.93
C THR M 170 -13.44 28.48 21.82
N ASP M 171 -14.38 29.29 21.33
CA ASP M 171 -15.26 28.80 20.28
C ASP M 171 -14.47 28.33 19.07
N ARG M 172 -13.33 28.99 18.84
CA ARG M 172 -12.40 28.67 17.77
C ARG M 172 -11.01 28.92 18.35
N ASP M 173 -10.03 28.10 17.98
CA ASP M 173 -8.68 28.24 18.50
C ASP M 173 -8.36 29.69 18.75
N PHE M 174 -7.97 29.95 20.00
CA PHE M 174 -7.67 31.29 20.51
C PHE M 174 -6.19 31.38 20.93
N TYR M 175 -5.36 31.94 20.05
CA TYR M 175 -3.93 32.06 20.32
C TYR M 175 -3.50 33.37 20.96
N MET M 176 -2.63 33.28 21.96
CA MET M 176 -2.11 34.47 22.62
C MET M 176 -0.67 34.30 23.10
N SER M 177 0.00 35.42 23.27
CA SER M 177 1.38 35.43 23.72
C SER M 177 1.44 35.22 25.23
N ALA M 178 2.66 35.07 25.75
CA ALA M 178 2.87 34.87 27.18
C ALA M 178 2.28 36.03 27.96
N LYS M 179 2.64 37.24 27.56
CA LYS M 179 2.17 38.46 28.20
C LYS M 179 0.65 38.57 28.19
N GLU M 180 0.03 38.29 27.04
CA GLU M 180 -1.43 38.37 26.94
C GLU M 180 -2.10 37.31 27.81
N ALA M 181 -1.51 36.12 27.83
CA ALA M 181 -2.03 35.02 28.63
C ALA M 181 -1.96 35.37 30.11
N LYS M 182 -1.08 36.30 30.46
CA LYS M 182 -0.97 36.72 31.85
C LYS M 182 -2.12 37.68 32.15
N GLU M 183 -2.34 38.62 31.23
CA GLU M 183 -3.42 39.58 31.39
C GLU M 183 -4.77 38.86 31.33
N TYR M 184 -4.82 37.73 30.64
CA TYR M 184 -6.05 36.98 30.51
C TYR M 184 -6.42 36.22 31.78
N GLY M 185 -5.42 35.88 32.61
CA GLY M 185 -5.69 35.16 33.84
C GLY M 185 -5.18 33.73 33.84
N LEU M 186 -4.76 33.27 32.67
CA LEU M 186 -4.24 31.91 32.49
C LEU M 186 -3.01 31.67 33.34
N ILE M 187 -2.03 32.57 33.29
CA ILE M 187 -0.82 32.42 34.13
C ILE M 187 -0.70 33.59 35.09
N ASP M 188 0.21 33.46 36.05
CA ASP M 188 0.43 34.51 37.05
C ASP M 188 1.54 35.48 36.67
N LYS M 189 2.67 34.97 36.21
CA LYS M 189 3.78 35.85 35.85
C LYS M 189 4.60 35.29 34.70
N VAL M 190 5.27 36.18 33.97
CA VAL M 190 6.11 35.78 32.84
C VAL M 190 7.60 35.93 33.17
N LEU M 191 8.29 34.81 33.39
CA LEU M 191 9.72 34.80 33.70
C LEU M 191 10.46 35.37 32.51
N GLN M 192 10.37 36.68 32.32
CA GLN M 192 11.00 37.33 31.17
C GLN M 192 12.18 38.25 31.54
N ASP N 20 29.24 6.49 27.43
CA ASP N 20 28.56 7.30 26.38
C ASP N 20 29.45 8.47 25.96
N ILE N 21 29.64 8.61 24.65
CA ILE N 21 30.48 9.66 24.10
C ILE N 21 29.84 11.05 24.20
N TYR N 22 28.52 11.12 24.05
CA TYR N 22 27.83 12.41 24.15
C TYR N 22 27.81 12.87 25.60
N SER N 23 27.65 11.91 26.51
CA SER N 23 27.62 12.22 27.94
C SER N 23 28.95 12.79 28.39
N ARG N 24 30.05 12.23 27.88
CA ARG N 24 31.38 12.69 28.24
C ARG N 24 31.50 14.13 27.80
N LEU N 25 31.03 14.44 26.60
CA LEU N 25 31.11 15.80 26.09
C LEU N 25 30.23 16.74 26.90
N LEU N 26 29.18 16.20 27.51
CA LEU N 26 28.29 17.00 28.31
C LEU N 26 29.04 17.45 29.56
N LYS N 27 29.77 16.51 30.17
CA LYS N 27 30.55 16.79 31.38
C LYS N 27 31.55 17.90 31.15
N ASP N 28 31.80 18.25 29.89
CA ASP N 28 32.72 19.33 29.55
C ASP N 28 31.90 20.53 29.09
N ARG N 29 30.60 20.49 29.40
CA ARG N 29 29.63 21.53 29.09
C ARG N 29 29.38 21.74 27.59
N ILE N 30 29.31 20.64 26.85
CA ILE N 30 29.06 20.69 25.41
C ILE N 30 27.72 20.04 25.07
N VAL N 31 26.89 20.77 24.35
CA VAL N 31 25.57 20.27 23.95
C VAL N 31 25.48 20.27 22.44
N LEU N 32 24.91 19.22 21.87
CA LEU N 32 24.79 19.15 20.42
C LEU N 32 23.35 19.13 19.92
N LEU N 33 22.94 20.18 19.20
CA LEU N 33 21.61 20.17 18.61
C LEU N 33 21.86 19.69 17.19
N SER N 34 21.58 18.41 16.92
CA SER N 34 21.83 17.88 15.58
C SER N 34 20.56 17.42 14.87
N GLY N 35 20.41 17.83 13.63
CA GLY N 35 19.24 17.45 12.85
C GLY N 35 17.96 18.22 13.14
N GLU N 36 16.86 17.77 12.54
CA GLU N 36 15.56 18.40 12.71
C GLU N 36 15.24 18.75 14.14
N ILE N 37 14.58 19.90 14.34
CA ILE N 37 14.18 20.34 15.67
C ILE N 37 12.69 20.06 15.86
N ASN N 38 12.37 19.42 16.98
CA ASN N 38 10.99 19.11 17.29
C ASN N 38 10.89 18.98 18.80
N ASP N 39 9.69 18.72 19.31
CA ASP N 39 9.52 18.60 20.74
C ASP N 39 10.44 17.58 21.41
N SER N 40 10.65 16.42 20.78
CA SER N 40 11.53 15.39 21.34
C SER N 40 12.89 16.03 21.54
N VAL N 41 13.49 16.37 20.41
CA VAL N 41 14.81 16.97 20.39
C VAL N 41 14.90 18.20 21.30
N ALA N 42 13.90 19.06 21.23
CA ALA N 42 13.89 20.27 22.03
C ALA N 42 13.94 19.99 23.53
N SER N 43 13.23 18.94 23.96
CA SER N 43 13.21 18.58 25.38
C SER N 43 14.56 18.13 25.89
N SER N 44 15.31 17.45 25.03
CA SER N 44 16.62 16.98 25.39
C SER N 44 17.56 18.16 25.60
N ILE N 45 17.58 19.10 24.65
CA ILE N 45 18.46 20.28 24.77
C ILE N 45 18.08 21.09 26.01
N VAL N 46 16.78 21.28 26.22
CA VAL N 46 16.32 22.02 27.39
C VAL N 46 16.79 21.28 28.63
N ALA N 47 16.64 19.96 28.58
CA ALA N 47 17.04 19.10 29.68
C ALA N 47 18.51 19.32 30.02
N GLN N 48 19.37 19.25 29.01
CA GLN N 48 20.80 19.42 29.22
C GLN N 48 21.18 20.81 29.69
N LEU N 49 20.60 21.84 29.09
CA LEU N 49 20.93 23.21 29.50
C LEU N 49 20.58 23.43 30.96
N LEU N 50 19.39 23.00 31.37
CA LEU N 50 18.99 23.14 32.76
C LEU N 50 19.95 22.31 33.61
N PHE N 51 20.39 21.17 33.07
CA PHE N 51 21.31 20.33 33.81
C PHE N 51 22.55 21.14 34.13
N LEU N 52 23.23 21.62 33.09
CA LEU N 52 24.44 22.41 33.28
C LEU N 52 24.12 23.62 34.17
N GLU N 53 22.95 24.22 33.95
CA GLU N 53 22.50 25.37 34.73
C GLU N 53 22.80 25.14 36.21
N ALA N 54 22.33 23.99 36.71
CA ALA N 54 22.52 23.60 38.08
C ALA N 54 23.97 23.15 38.31
N GLU N 55 24.51 22.45 37.33
CA GLU N 55 25.87 21.95 37.42
C GLU N 55 26.88 23.03 37.79
N ASP N 56 26.89 24.13 37.04
CA ASP N 56 27.81 25.24 37.29
C ASP N 56 27.21 26.51 36.67
N PRO N 57 26.51 27.31 37.48
CA PRO N 57 25.84 28.55 37.10
C PRO N 57 26.71 29.69 36.51
N GLU N 58 28.02 29.53 36.55
CA GLU N 58 28.90 30.58 36.03
C GLU N 58 29.73 30.19 34.80
N LYS N 59 30.07 28.92 34.65
CA LYS N 59 30.86 28.51 33.50
C LYS N 59 30.03 28.53 32.22
N ASP N 60 30.69 28.67 31.07
CA ASP N 60 30.00 28.72 29.78
C ASP N 60 29.51 27.35 29.32
N ILE N 61 28.61 27.41 28.35
CA ILE N 61 28.01 26.22 27.75
C ILE N 61 28.15 26.39 26.24
N GLY N 62 28.72 25.38 25.58
CA GLY N 62 28.88 25.46 24.13
C GLY N 62 27.81 24.67 23.40
N LEU N 63 26.98 25.36 22.64
CA LEU N 63 25.91 24.71 21.88
C LEU N 63 26.28 24.58 20.41
N TYR N 64 26.71 23.38 20.02
CA TYR N 64 27.09 23.10 18.64
C TYR N 64 25.85 22.77 17.80
N ILE N 65 25.62 23.57 16.76
CA ILE N 65 24.45 23.40 15.91
C ILE N 65 24.76 22.94 14.48
N ASN N 66 23.94 22.00 14.02
CA ASN N 66 24.03 21.44 12.66
C ASN N 66 22.63 20.93 12.37
N SER N 67 21.72 21.88 12.14
CA SER N 67 20.32 21.59 11.91
C SER N 67 19.69 22.32 10.74
N PRO N 68 18.69 21.70 10.08
CA PRO N 68 18.00 22.29 8.93
C PRO N 68 16.83 23.19 9.42
N GLY N 69 16.38 22.96 10.65
CA GLY N 69 15.27 23.74 11.21
C GLY N 69 14.24 22.85 11.87
N GLY N 70 12.96 23.24 11.85
CA GLY N 70 11.96 22.39 12.47
C GLY N 70 10.71 23.07 13.03
N VAL N 71 10.17 22.49 14.11
CA VAL N 71 8.99 23.06 14.73
C VAL N 71 9.36 24.38 15.36
N ILE N 72 8.67 25.44 14.95
CA ILE N 72 8.94 26.79 15.46
C ILE N 72 8.88 26.89 16.98
N THR N 73 7.72 26.56 17.58
CA THR N 73 7.59 26.65 19.04
C THR N 73 8.64 25.83 19.75
N SER N 74 9.02 24.70 19.14
CA SER N 74 10.04 23.82 19.70
C SER N 74 11.36 24.58 19.78
N GLY N 75 11.62 25.40 18.77
CA GLY N 75 12.85 26.18 18.76
C GLY N 75 12.79 27.26 19.82
N LEU N 76 11.71 28.03 19.80
CA LEU N 76 11.54 29.10 20.78
C LEU N 76 11.71 28.54 22.18
N SER N 77 11.35 27.27 22.32
CA SER N 77 11.48 26.55 23.59
C SER N 77 12.95 26.62 24.02
N ILE N 78 13.80 25.99 23.22
CA ILE N 78 15.24 25.96 23.45
C ILE N 78 15.75 27.38 23.70
N TYR N 79 15.45 28.29 22.79
CA TYR N 79 15.90 29.67 22.89
C TYR N 79 15.57 30.34 24.23
N ASP N 80 14.31 30.32 24.65
CA ASP N 80 13.95 30.95 25.93
C ASP N 80 14.77 30.35 27.06
N THR N 81 15.00 29.05 26.98
CA THR N 81 15.78 28.36 28.00
C THR N 81 17.21 28.90 27.97
N MET N 82 17.67 29.29 26.79
CA MET N 82 19.02 29.83 26.65
C MET N 82 19.19 31.09 27.48
N ASN N 83 18.23 32.01 27.40
CA ASN N 83 18.30 33.26 28.16
C ASN N 83 17.74 33.12 29.57
N PHE N 84 17.06 32.01 29.84
CA PHE N 84 16.48 31.75 31.16
C PHE N 84 17.61 31.46 32.16
N ILE N 85 18.45 30.49 31.84
CA ILE N 85 19.56 30.10 32.70
C ILE N 85 20.59 31.22 32.87
N ARG N 86 21.47 31.09 33.87
CA ARG N 86 22.50 32.11 34.16
C ARG N 86 23.75 32.10 33.26
N PRO N 87 24.33 30.92 33.00
CA PRO N 87 25.51 30.87 32.15
C PRO N 87 25.28 31.22 30.68
N ASP N 88 26.28 31.82 30.05
CA ASP N 88 26.20 32.17 28.63
C ASP N 88 26.19 30.89 27.83
N VAL N 89 25.38 30.87 26.77
CA VAL N 89 25.31 29.71 25.91
C VAL N 89 25.93 30.12 24.58
N SER N 90 27.16 29.67 24.35
CA SER N 90 27.84 29.99 23.11
C SER N 90 27.27 29.08 22.03
N THR N 91 27.25 29.56 20.80
CA THR N 91 26.74 28.75 19.71
C THR N 91 27.81 28.65 18.62
N ILE N 92 28.05 27.43 18.15
CA ILE N 92 29.05 27.20 17.10
C ILE N 92 28.37 26.45 15.98
N CYS N 93 28.22 27.11 14.84
CA CYS N 93 27.61 26.44 13.70
C CYS N 93 28.63 25.54 13.00
N ILE N 94 28.27 24.29 12.77
CA ILE N 94 29.12 23.38 12.02
C ILE N 94 28.24 22.71 10.97
N GLY N 95 28.70 22.70 9.72
CA GLY N 95 27.89 22.11 8.67
C GLY N 95 26.93 23.19 8.18
N GLN N 96 25.80 23.31 8.88
CA GLN N 96 24.80 24.31 8.52
C GLN N 96 23.88 24.63 9.70
N ALA N 97 23.18 25.75 9.57
CA ALA N 97 22.19 26.22 10.54
C ALA N 97 21.14 26.94 9.68
N ALA N 98 20.09 26.21 9.31
CA ALA N 98 19.03 26.76 8.47
C ALA N 98 17.73 26.91 9.24
N ALA N 99 16.89 27.85 8.79
CA ALA N 99 15.60 28.13 9.40
C ALA N 99 15.80 28.35 10.89
N MET N 100 15.02 27.65 11.72
CA MET N 100 15.13 27.77 13.17
C MET N 100 16.57 27.58 13.65
N GLY N 101 17.32 26.75 12.94
CA GLY N 101 18.71 26.50 13.29
C GLY N 101 19.52 27.77 13.23
N ALA N 102 19.22 28.62 12.24
CA ALA N 102 19.92 29.89 12.09
C ALA N 102 19.46 30.84 13.20
N PHE N 103 18.16 30.81 13.49
CA PHE N 103 17.57 31.63 14.54
C PHE N 103 18.29 31.34 15.85
N LEU N 104 18.33 30.07 16.23
CA LEU N 104 18.99 29.64 17.46
C LEU N 104 20.45 30.06 17.43
N LEU N 105 21.13 29.79 16.32
CA LEU N 105 22.53 30.16 16.19
C LEU N 105 22.73 31.61 16.65
N SER N 106 22.04 32.53 15.99
CA SER N 106 22.15 33.95 16.29
C SER N 106 21.75 34.33 17.73
N CYS N 107 20.87 33.54 18.32
CA CYS N 107 20.41 33.80 19.68
C CYS N 107 21.48 33.55 20.73
N GLY N 108 22.69 33.19 20.29
CA GLY N 108 23.77 32.94 21.22
C GLY N 108 24.23 34.17 21.97
N ALA N 109 24.89 33.96 23.10
CA ALA N 109 25.36 35.07 23.91
C ALA N 109 26.20 36.03 23.07
N LYS N 110 25.85 37.31 23.14
CA LYS N 110 26.55 38.36 22.40
C LYS N 110 28.06 38.25 22.48
N GLY N 111 28.72 38.16 21.32
CA GLY N 111 30.16 38.04 21.29
C GLY N 111 30.67 36.61 21.23
N LYS N 112 29.80 35.64 21.53
CA LYS N 112 30.19 34.24 21.51
C LYS N 112 29.39 33.43 20.51
N ARG N 113 29.32 33.91 19.27
CA ARG N 113 28.59 33.21 18.23
C ARG N 113 29.55 32.89 17.10
N PHE N 114 29.93 31.62 17.01
CA PHE N 114 30.89 31.18 15.99
C PHE N 114 30.30 30.26 14.95
N SER N 115 31.15 29.86 14.03
CA SER N 115 30.79 28.95 12.95
C SER N 115 32.10 28.55 12.32
N LEU N 116 32.21 27.30 11.89
CA LEU N 116 33.43 26.91 11.24
C LEU N 116 33.34 27.51 9.83
N PRO N 117 34.50 27.73 9.18
CA PRO N 117 34.60 28.31 7.84
C PRO N 117 33.68 27.83 6.72
N HIS N 118 33.49 26.52 6.59
CA HIS N 118 32.67 26.01 5.50
C HIS N 118 31.21 25.70 5.80
N SER N 119 30.69 26.29 6.88
CA SER N 119 29.31 26.07 7.25
C SER N 119 28.43 27.01 6.46
N ARG N 120 27.19 26.59 6.20
CA ARG N 120 26.28 27.46 5.49
C ARG N 120 25.11 27.82 6.40
N ILE N 121 24.77 29.11 6.47
CA ILE N 121 23.68 29.59 7.32
C ILE N 121 22.52 30.03 6.44
N MET N 122 21.30 29.71 6.87
CA MET N 122 20.13 30.12 6.10
C MET N 122 18.98 30.59 6.97
N ILE N 123 18.44 31.74 6.60
CA ILE N 123 17.30 32.32 7.29
C ILE N 123 16.12 32.32 6.31
N HIS N 124 14.91 32.42 6.82
CA HIS N 124 13.73 32.45 5.97
C HIS N 124 12.47 32.71 6.80
N GLN N 125 11.33 32.87 6.15
CA GLN N 125 10.09 33.10 6.87
C GLN N 125 9.46 31.73 7.15
N PRO N 126 8.53 31.65 8.12
CA PRO N 126 7.86 30.40 8.49
C PRO N 126 7.05 29.70 7.40
N LEU N 127 6.87 28.39 7.62
CA LEU N 127 6.12 27.51 6.75
C LEU N 127 5.02 26.92 7.62
N GLY N 128 3.98 26.39 6.99
CA GLY N 128 2.90 25.81 7.77
C GLY N 128 1.69 25.54 6.93
N GLY N 129 0.59 25.17 7.57
CA GLY N 129 -0.63 24.88 6.83
C GLY N 129 -1.92 25.08 7.60
N ALA N 130 -3.04 24.98 6.88
CA ALA N 130 -4.35 25.15 7.47
C ALA N 130 -5.43 24.40 6.68
N GLN N 131 -6.26 23.66 7.41
CA GLN N 131 -7.36 22.92 6.82
C GLN N 131 -8.58 23.42 7.58
N GLY N 132 -9.76 23.35 6.97
CA GLY N 132 -10.94 23.81 7.68
C GLY N 132 -11.71 24.96 7.08
N GLN N 133 -12.54 25.58 7.92
CA GLN N 133 -13.37 26.72 7.51
C GLN N 133 -12.61 28.01 7.33
N ALA N 134 -13.20 28.91 6.54
CA ALA N 134 -12.61 30.20 6.28
C ALA N 134 -12.19 30.83 7.61
N SER N 135 -13.05 30.75 8.60
CA SER N 135 -12.77 31.31 9.93
C SER N 135 -11.61 30.65 10.64
N ASP N 136 -11.46 29.34 10.47
CA ASP N 136 -10.37 28.62 11.11
C ASP N 136 -9.06 28.93 10.41
N ILE N 137 -9.11 28.99 9.09
CA ILE N 137 -7.94 29.29 8.26
C ILE N 137 -7.34 30.66 8.57
N GLU N 138 -8.21 31.67 8.71
CA GLU N 138 -7.75 33.01 9.01
C GLU N 138 -7.06 32.99 10.38
N ILE N 139 -7.64 32.28 11.32
CA ILE N 139 -7.05 32.19 12.64
C ILE N 139 -5.65 31.63 12.51
N ILE N 140 -5.52 30.47 11.87
CA ILE N 140 -4.22 29.86 11.64
C ILE N 140 -3.29 30.86 10.95
N SER N 141 -3.82 31.56 9.95
CA SER N 141 -3.02 32.52 9.20
C SER N 141 -2.49 33.67 10.02
N ASN N 142 -3.32 34.28 10.84
CA ASN N 142 -2.83 35.40 11.65
C ASN N 142 -1.72 34.91 12.58
N GLU N 143 -1.91 33.71 13.12
CA GLU N 143 -0.94 33.14 14.04
C GLU N 143 0.41 32.85 13.43
N ILE N 144 0.42 32.43 12.17
CA ILE N 144 1.68 32.13 11.48
C ILE N 144 2.36 33.48 11.22
N LEU N 145 1.54 34.51 10.97
CA LEU N 145 2.06 35.84 10.70
C LEU N 145 2.62 36.46 11.98
N ARG N 146 2.00 36.13 13.11
CA ARG N 146 2.47 36.63 14.39
C ARG N 146 3.87 36.03 14.66
N LEU N 147 4.04 34.74 14.41
CA LEU N 147 5.35 34.11 14.64
C LEU N 147 6.38 34.68 13.68
N LYS N 148 5.98 34.88 12.43
CA LYS N 148 6.89 35.45 11.42
C LYS N 148 7.35 36.81 11.93
N GLY N 149 6.43 37.56 12.54
CA GLY N 149 6.77 38.86 13.07
C GLY N 149 7.68 38.70 14.26
N LEU N 150 7.22 37.92 15.23
CA LEU N 150 8.01 37.71 16.43
C LEU N 150 9.48 37.43 16.08
N MET N 151 9.72 36.39 15.30
CA MET N 151 11.08 36.04 14.92
C MET N 151 11.80 37.06 14.07
N ASN N 152 11.10 37.69 13.12
CA ASN N 152 11.75 38.69 12.30
C ASN N 152 12.31 39.83 13.15
N SER N 153 11.73 40.02 14.33
CA SER N 153 12.21 41.09 15.21
C SER N 153 13.32 40.58 16.10
N ILE N 154 13.21 39.34 16.59
CA ILE N 154 14.27 38.78 17.43
C ILE N 154 15.53 38.68 16.58
N LEU N 155 15.36 38.19 15.36
CA LEU N 155 16.47 38.04 14.42
C LEU N 155 17.06 39.43 14.18
N ALA N 156 16.18 40.40 14.01
CA ALA N 156 16.58 41.78 13.78
C ALA N 156 17.45 42.25 14.95
N GLN N 157 16.91 42.15 16.15
CA GLN N 157 17.64 42.58 17.34
C GLN N 157 19.02 41.95 17.40
N ASN N 158 19.07 40.64 17.26
CA ASN N 158 20.31 39.88 17.32
C ASN N 158 21.36 40.24 16.27
N SER N 159 20.94 40.83 15.16
CA SER N 159 21.90 41.14 14.12
C SER N 159 22.08 42.62 13.77
N GLY N 160 21.27 43.49 14.37
CA GLY N 160 21.39 44.90 14.10
C GLY N 160 20.65 45.34 12.85
N GLN N 161 20.09 44.37 12.13
CA GLN N 161 19.35 44.65 10.90
C GLN N 161 17.99 45.30 11.22
N SER N 162 17.50 46.15 10.32
CA SER N 162 16.18 46.76 10.54
C SER N 162 15.14 45.65 10.37
N LEU N 163 14.04 45.75 11.10
CA LEU N 163 13.00 44.73 11.02
C LEU N 163 12.54 44.57 9.60
N GLU N 164 12.28 45.68 8.91
CA GLU N 164 11.79 45.59 7.55
C GLU N 164 12.82 45.02 6.57
N GLN N 165 14.10 45.20 6.89
CA GLN N 165 15.18 44.67 6.06
C GLN N 165 15.16 43.14 6.18
N ILE N 166 15.09 42.64 7.41
CA ILE N 166 15.04 41.22 7.67
C ILE N 166 13.86 40.60 6.93
N ALA N 167 12.67 41.14 7.18
CA ALA N 167 11.45 40.63 6.55
C ALA N 167 11.58 40.49 5.05
N LYS N 168 12.44 41.30 4.44
CA LYS N 168 12.64 41.22 3.00
C LYS N 168 13.65 40.14 2.67
N ASP N 169 14.79 40.19 3.35
CA ASP N 169 15.85 39.22 3.14
C ASP N 169 15.39 37.77 3.34
N THR N 170 14.47 37.57 4.28
CA THR N 170 13.97 36.21 4.56
C THR N 170 12.65 35.87 3.89
N ASP N 171 12.21 36.68 2.92
CA ASP N 171 10.97 36.43 2.20
C ASP N 171 11.08 35.07 1.50
N ARG N 172 12.29 34.76 1.07
CA ARG N 172 12.60 33.48 0.42
C ARG N 172 13.92 33.02 1.03
N ASP N 173 14.20 31.73 1.00
CA ASP N 173 15.44 31.20 1.57
C ASP N 173 16.67 32.04 1.25
N PHE N 174 17.33 32.52 2.31
CA PHE N 174 18.52 33.36 2.17
C PHE N 174 19.74 32.58 2.68
N TYR N 175 20.51 32.01 1.75
CA TYR N 175 21.71 31.25 2.09
C TYR N 175 22.94 32.13 2.24
N MET N 176 23.76 31.82 3.22
CA MET N 176 24.96 32.61 3.48
C MET N 176 26.14 31.73 3.80
N SER N 177 27.32 32.30 3.66
CA SER N 177 28.56 31.61 3.98
C SER N 177 28.85 32.03 5.42
N ALA N 178 29.80 31.37 6.07
CA ALA N 178 30.14 31.73 7.45
C ALA N 178 30.51 33.22 7.50
N LYS N 179 31.45 33.60 6.65
CA LYS N 179 31.91 34.98 6.56
C LYS N 179 30.76 35.96 6.32
N GLU N 180 29.89 35.67 5.35
CA GLU N 180 28.76 36.57 5.08
C GLU N 180 27.81 36.64 6.27
N ALA N 181 27.69 35.53 7.01
CA ALA N 181 26.82 35.49 8.20
C ALA N 181 27.41 36.36 9.32
N LYS N 182 28.72 36.58 9.26
CA LYS N 182 29.41 37.42 10.24
C LYS N 182 29.12 38.85 9.79
N GLU N 183 29.31 39.10 8.50
CA GLU N 183 29.05 40.41 7.91
C GLU N 183 27.62 40.84 8.26
N TYR N 184 26.68 39.93 8.01
CA TYR N 184 25.25 40.15 8.24
C TYR N 184 24.84 40.37 9.69
N GLY N 185 25.64 39.84 10.61
CA GLY N 185 25.34 39.99 12.02
C GLY N 185 24.72 38.78 12.71
N LEU N 186 24.61 37.66 12.01
CA LEU N 186 24.04 36.46 12.61
C LEU N 186 24.97 35.84 13.63
N ILE N 187 26.27 35.90 13.37
CA ILE N 187 27.27 35.38 14.30
C ILE N 187 28.31 36.47 14.51
N ASP N 188 29.26 36.22 15.41
CA ASP N 188 30.30 37.21 15.70
C ASP N 188 31.66 36.92 15.09
N LYS N 189 32.12 35.69 15.23
CA LYS N 189 33.43 35.32 14.73
C LYS N 189 33.39 34.04 13.89
N VAL N 190 34.50 33.73 13.23
CA VAL N 190 34.62 32.54 12.42
C VAL N 190 35.97 31.91 12.72
N LEU N 191 35.94 30.72 13.33
CA LEU N 191 37.16 30.01 13.69
C LEU N 191 37.62 29.27 12.46
N GLN N 192 38.44 29.91 11.64
CA GLN N 192 38.91 29.27 10.40
C GLN N 192 40.19 28.44 10.58
#